data_7BWR
#
_entry.id   7BWR
#
loop_
_entity.id
_entity.type
_entity.pdbx_description
1 polymer 'Integral membrane indolylacetylinositol arabinosyltransferase EmbB'
2 polymer 'Meromycolate extension acyl carrier protein'
3 non-polymer 'CALCIUM ION'
4 non-polymer '[(2Z,6E,10E,14Z,18E,22Z,26Z)-3,7,11,15,19,23,27,31,35,39-decamethyltetraconta-2,6,10,14,18,22,26,30,34,38-decaenyl] [(2S,3S,4S,5R)-5-(hydroxymethyl)-3,4-bis(oxidanyl)oxolan-2-yl] hydrogen phosphate'
#
loop_
_entity_poly.entity_id
_entity_poly.type
_entity_poly.pdbx_seq_one_letter_code
_entity_poly.pdbx_strand_id
1 'polypeptide(L)'
;MSGNMDEAVSGNMDEAVSAGKDVRIARWVATIAGLLGFVLSVSIPLLPVTQTTATLNWPQQGRLDNVTAPLISQAPLELT
ATVPCSVVRDLPPEGGLVFGTAPAEGRDAALNAMLVNVTETRVDVIVRNVVVASVNRDRVAGPDCQRIEITSNLDGTYAD
FVGLTQISGEDAGKLQRTGYPDPNLRPAIVGVFTDLTGPAPQGLSVSAEIDTRFTTHPTALKLAAMLLAIVSTVIALLAL
WRLDRLDGRRMHRLIPTRWRTVTAVDGVVVGGMAIWYVIGANSSDDGYILQMARTAEHAGYMANYFRWFGSPEDPFGWYY
NVLALMTKVSDASIWIRLPDLICALICWLLLSREVLPRLGPAVAGSRAAMWAAGLVLLGAWMPFNNGLRPEGQIATGALI
TYVLIERAVTSGRLTPAALAITTAAFTLGIQPTGLIAVAALLAGGRPILRIVMRRRRLVGTWPLIAPLLAAGTVILAVVF
ADQTIATVLEATRIRTAIGPSQEWWTENLRYYYLILPTTDGAISRRVAFVFTAMCLFPSLFMMLRRKHIAGVARGPAWRL
MGIIFATMFFLMFTPTKWIHHFGLFAAVGGAMAALATVLVSPTVLRSARNRMAFLSLVLFVLAFCFASTNGWWYVSNFGA
PFNNSVPKVGGVQISAIFFALSAIAALWAFWLHLTRRTESRVVDRLTAAPIPVAAGFMVVVMMASMAIGVVRQYPTYSNG
WANIRAFAGGCGLADDVLVEPDSNAGFLTPLPGAYGPLGPLGGEDPQGFSPDGVPDRIIAEAIRLNNPQPGTDYDWNRPI
KLDEPGINGSTVPLPYGLDPKRVPVAGTYSTEAQQESRLSSAWYELPARDETERAAHPLVVITAAGTITGESVANGLTTG
QTVDLEYATRGPDGTLVPAGRVTPYDVGPTPSWRNLRYPRSEIPDDAVAVRVVAEDLSLSQGDWIAVTPPRVPELQSVQE
YVGSDQPVLMDWAVGLAFPCQQPMLHANGVTEVPKFRISPDYYAKLQSTDTWQDGINGGLLGITDLLLRASVMSTYLSQD
WGQDWGSLRKFDTVVEATPAELDFGSQTHSGLYSPGPLRIRP
;
A,B
2 'polypeptide(L)'
;MAATQEEIIAGLAEIIEEVTGIEPSEVTPEKSFVDDLDIDSLSMVEIAVQTEDKYGVKIPDEDLAGLRTVGDVVAYIQKL
EEENPEAAAALREKFAADQ
;
C,D
#
loop_
_chem_comp.id
_chem_comp.type
_chem_comp.name
_chem_comp.formula
CA non-polymer 'CALCIUM ION' 'Ca 2'
F8L non-polymer '[(2Z,6E,10E,14Z,18E,22Z,26Z)-3,7,11,15,19,23,27,31,35,39-decamethyltetraconta-2,6,10,14,18,22,26,30,34,38-decaenyl] [(2S,3S,4S,5R)-5-(hydroxymethyl)-3,4-bis(oxidanyl)oxolan-2-yl] hydrogen phosphate' 'C55 H91 O8 P'
#
# COMPACT_ATOMS: atom_id res chain seq x y z
N VAL A 23 37.69 -39.82 -26.69
CA VAL A 23 38.19 -40.57 -25.54
C VAL A 23 38.83 -39.60 -24.51
N ARG A 24 40.09 -39.20 -24.68
CA ARG A 24 40.71 -38.18 -23.85
C ARG A 24 40.75 -36.82 -24.53
N ILE A 25 40.41 -36.75 -25.82
CA ILE A 25 40.32 -35.46 -26.50
C ILE A 25 39.11 -34.69 -26.01
N ALA A 26 37.93 -35.34 -25.98
CA ALA A 26 36.72 -34.68 -25.52
C ALA A 26 36.78 -34.35 -24.04
N ARG A 27 37.49 -35.16 -23.24
CA ARG A 27 37.69 -34.83 -21.84
C ARG A 27 38.59 -33.61 -21.71
N TRP A 28 39.56 -33.46 -22.62
CA TRP A 28 40.42 -32.29 -22.57
C TRP A 28 39.65 -31.05 -23.02
N VAL A 29 38.71 -31.20 -23.95
CA VAL A 29 38.00 -30.05 -24.48
C VAL A 29 36.90 -29.62 -23.51
N ALA A 30 36.47 -30.52 -22.62
CA ALA A 30 35.50 -30.09 -21.61
C ALA A 30 36.14 -29.20 -20.55
N THR A 31 37.41 -29.44 -20.20
CA THR A 31 38.03 -28.60 -19.17
C THR A 31 38.61 -27.30 -19.75
N ILE A 32 39.59 -27.37 -20.64
CA ILE A 32 40.12 -26.16 -21.27
C ILE A 32 39.16 -25.75 -22.38
N ALA A 33 38.94 -24.44 -22.50
CA ALA A 33 37.83 -23.76 -23.15
C ALA A 33 36.48 -24.11 -22.52
N GLY A 34 36.48 -24.73 -21.33
CA GLY A 34 35.31 -24.75 -20.49
C GLY A 34 35.42 -23.65 -19.46
N LEU A 35 36.51 -23.66 -18.67
CA LEU A 35 36.67 -22.62 -17.68
C LEU A 35 37.28 -21.36 -18.29
N LEU A 36 37.84 -21.45 -19.50
CA LEU A 36 38.09 -20.25 -20.29
C LEU A 36 36.78 -19.56 -20.61
N GLY A 37 35.75 -20.34 -20.93
CA GLY A 37 34.42 -19.79 -21.07
C GLY A 37 33.91 -19.18 -19.80
N PHE A 38 34.26 -19.76 -18.64
CA PHE A 38 33.86 -19.19 -17.36
C PHE A 38 34.53 -17.85 -17.11
N VAL A 39 35.84 -17.75 -17.36
CA VAL A 39 36.53 -16.50 -17.05
C VAL A 39 36.18 -15.43 -18.07
N LEU A 40 35.90 -15.81 -19.31
CA LEU A 40 35.45 -14.81 -20.28
C LEU A 40 34.03 -14.37 -19.97
N SER A 41 33.18 -15.29 -19.52
CA SER A 41 31.80 -14.94 -19.22
C SER A 41 31.66 -14.20 -17.91
N VAL A 42 32.66 -14.27 -17.03
CA VAL A 42 32.65 -13.42 -15.85
C VAL A 42 33.38 -12.10 -16.09
N SER A 43 34.22 -12.01 -17.13
CA SER A 43 34.95 -10.78 -17.36
C SER A 43 34.22 -9.84 -18.31
N ILE A 44 33.10 -10.29 -18.90
CA ILE A 44 32.32 -9.41 -19.78
C ILE A 44 31.86 -8.09 -19.15
N PRO A 45 31.35 -8.03 -17.91
CA PRO A 45 30.99 -6.69 -17.37
C PRO A 45 32.15 -5.73 -17.19
N LEU A 46 33.34 -6.23 -16.82
CA LEU A 46 34.48 -5.35 -16.68
C LEU A 46 35.27 -5.36 -17.99
N LEU A 47 34.76 -4.64 -18.99
CA LEU A 47 35.35 -4.60 -20.33
C LEU A 47 35.10 -3.21 -20.90
N PRO A 48 35.85 -2.80 -21.93
CA PRO A 48 35.58 -1.48 -22.53
C PRO A 48 34.25 -1.39 -23.28
N VAL A 49 33.62 -0.22 -23.16
CA VAL A 49 32.44 0.15 -23.94
C VAL A 49 32.64 1.54 -24.50
N THR A 50 32.13 1.78 -25.70
CA THR A 50 32.32 3.06 -26.39
C THR A 50 31.08 3.91 -26.16
N GLN A 51 31.13 4.72 -25.12
CA GLN A 51 30.01 5.60 -24.80
C GLN A 51 29.92 6.73 -25.83
N THR A 52 28.71 7.14 -26.16
CA THR A 52 28.50 8.25 -27.07
C THR A 52 28.02 9.44 -26.24
N THR A 53 28.93 10.38 -26.00
CA THR A 53 28.59 11.55 -25.21
C THR A 53 27.96 12.62 -26.08
N ALA A 54 27.09 13.42 -25.48
CA ALA A 54 26.40 14.48 -26.20
C ALA A 54 26.35 15.73 -25.34
N THR A 55 26.74 16.85 -25.94
CA THR A 55 26.67 18.15 -25.30
C THR A 55 25.81 19.05 -26.17
N LEU A 56 24.95 19.85 -25.56
CA LEU A 56 24.16 20.82 -26.30
C LEU A 56 24.76 22.21 -26.11
N ASN A 57 24.91 22.94 -27.21
CA ASN A 57 25.34 24.32 -27.16
C ASN A 57 24.19 25.21 -27.63
N TRP A 58 23.96 26.29 -26.91
CA TRP A 58 22.76 27.07 -27.13
C TRP A 58 22.84 28.04 -28.32
N PRO A 59 23.93 28.83 -28.54
CA PRO A 59 23.98 29.55 -29.82
C PRO A 59 24.21 28.61 -30.98
N GLN A 60 23.15 28.35 -31.74
CA GLN A 60 23.22 27.32 -32.77
C GLN A 60 23.91 27.82 -34.02
N GLN A 61 23.38 28.89 -34.62
CA GLN A 61 23.88 29.45 -35.85
C GLN A 61 23.99 30.96 -35.74
N GLY A 62 24.34 31.45 -34.56
CA GLY A 62 24.39 32.87 -34.35
C GLY A 62 23.03 33.50 -34.09
N ARG A 63 21.99 32.70 -33.92
CA ARG A 63 20.65 33.19 -33.63
C ARG A 63 20.33 32.91 -32.17
N LEU A 64 19.91 33.95 -31.46
CA LEU A 64 19.53 33.81 -30.04
C LEU A 64 18.08 33.35 -29.96
N ASP A 65 17.88 32.08 -30.27
CA ASP A 65 16.54 31.51 -30.33
C ASP A 65 16.40 30.41 -29.31
N ASN A 66 15.15 30.14 -28.95
CA ASN A 66 14.85 29.10 -27.98
C ASN A 66 15.04 27.72 -28.59
N VAL A 67 15.57 26.79 -27.78
CA VAL A 67 15.71 25.40 -28.19
C VAL A 67 15.06 24.52 -27.13
N THR A 68 14.52 23.38 -27.57
CA THR A 68 13.97 22.37 -26.66
C THR A 68 14.73 21.08 -26.87
N ALA A 69 15.52 20.69 -25.86
CA ALA A 69 16.13 19.37 -25.82
C ALA A 69 15.77 18.76 -24.46
N PRO A 70 14.55 18.25 -24.31
CA PRO A 70 14.08 17.82 -22.97
C PRO A 70 14.83 16.57 -22.51
N LEU A 71 15.51 16.71 -21.38
CA LEU A 71 16.38 15.66 -20.89
C LEU A 71 15.58 14.50 -20.33
N ILE A 72 15.98 13.28 -20.69
CA ILE A 72 15.24 12.12 -20.19
C ILE A 72 15.59 11.85 -18.74
N SER A 73 16.83 12.14 -18.34
CA SER A 73 17.26 11.97 -16.97
C SER A 73 17.18 13.27 -16.18
N GLN A 74 16.67 14.35 -16.80
CA GLN A 74 16.41 15.70 -16.29
C GLN A 74 17.53 16.26 -15.41
N ALA A 75 18.77 15.95 -15.74
CA ALA A 75 19.94 16.53 -15.10
C ALA A 75 21.13 16.35 -16.01
N PRO A 76 21.84 17.42 -16.35
CA PRO A 76 23.08 17.27 -17.10
C PRO A 76 24.19 16.78 -16.19
N LEU A 77 25.21 16.21 -16.81
CA LEU A 77 26.37 15.74 -16.05
C LEU A 77 27.18 16.93 -15.55
N GLU A 78 27.32 17.96 -16.38
CA GLU A 78 27.93 19.21 -15.97
C GLU A 78 27.34 20.30 -16.85
N LEU A 79 27.43 21.54 -16.37
CA LEU A 79 26.90 22.69 -17.09
C LEU A 79 27.84 23.88 -16.99
N THR A 80 28.16 24.45 -18.14
CA THR A 80 29.04 25.61 -18.22
C THR A 80 28.31 26.68 -19.02
N ALA A 81 28.30 27.90 -18.50
CA ALA A 81 27.60 29.00 -19.18
C ALA A 81 28.39 30.28 -18.98
N THR A 82 29.01 30.78 -20.04
CA THR A 82 29.71 32.06 -20.03
C THR A 82 28.86 33.11 -20.74
N VAL A 83 28.25 34.00 -19.97
CA VAL A 83 27.38 35.05 -20.48
C VAL A 83 28.11 36.38 -20.34
N PRO A 84 28.39 37.10 -21.42
CA PRO A 84 29.13 38.36 -21.29
C PRO A 84 28.23 39.46 -20.73
N CYS A 85 28.86 40.52 -20.25
CA CYS A 85 28.14 41.61 -19.62
C CYS A 85 27.66 42.68 -20.59
N SER A 86 27.87 42.49 -21.89
CA SER A 86 27.31 43.43 -22.84
C SER A 86 25.84 43.14 -23.13
N VAL A 87 25.38 41.94 -22.78
CA VAL A 87 24.00 41.55 -23.06
C VAL A 87 23.06 41.90 -21.92
N VAL A 88 23.58 42.27 -20.75
CA VAL A 88 22.72 42.66 -19.65
C VAL A 88 22.41 44.15 -19.73
N ARG A 89 23.06 44.86 -20.65
CA ARG A 89 22.83 46.29 -20.82
C ARG A 89 21.62 46.54 -21.71
N ASP A 90 21.43 45.71 -22.72
CA ASP A 90 20.36 45.88 -23.69
C ASP A 90 19.05 45.20 -23.31
N LEU A 91 18.92 44.76 -22.07
CA LEU A 91 17.60 44.42 -21.55
C LEU A 91 16.79 45.69 -21.34
N PRO A 92 15.46 45.58 -21.34
CA PRO A 92 14.64 46.70 -20.87
C PRO A 92 14.84 46.96 -19.38
N PRO A 93 14.37 48.10 -18.86
CA PRO A 93 14.44 48.33 -17.42
C PRO A 93 13.67 47.32 -16.58
N GLU A 94 12.64 46.69 -17.14
CA GLU A 94 12.08 45.51 -16.48
C GLU A 94 13.05 44.34 -16.53
N GLY A 95 13.58 44.04 -17.71
CA GLY A 95 14.55 42.96 -17.83
C GLY A 95 13.90 41.59 -17.90
N GLY A 96 14.51 40.61 -17.25
CA GLY A 96 13.96 39.27 -17.15
C GLY A 96 14.56 38.24 -18.09
N LEU A 97 15.09 37.15 -17.53
CA LEU A 97 15.47 35.92 -18.23
C LEU A 97 16.55 36.14 -19.30
N VAL A 98 17.75 36.47 -18.85
CA VAL A 98 18.86 36.66 -19.79
C VAL A 98 19.19 35.34 -20.50
N PHE A 99 19.13 34.22 -19.79
CA PHE A 99 18.94 32.89 -20.37
C PHE A 99 18.36 32.02 -19.28
N GLY A 100 17.50 31.09 -19.64
CA GLY A 100 16.92 30.19 -18.67
C GLY A 100 16.94 28.76 -19.17
N THR A 101 17.15 27.84 -18.25
CA THR A 101 17.12 26.42 -18.55
C THR A 101 15.75 25.83 -18.24
N ALA A 102 14.73 26.67 -18.29
CA ALA A 102 13.34 26.29 -18.11
C ALA A 102 12.52 27.33 -18.85
N PRO A 103 11.22 27.11 -19.00
CA PRO A 103 10.36 28.18 -19.50
C PRO A 103 10.25 29.36 -18.55
N ALA A 104 9.74 30.46 -19.12
CA ALA A 104 9.43 31.63 -18.32
C ALA A 104 8.34 31.33 -17.30
N GLU A 105 7.35 30.54 -17.68
CA GLU A 105 6.34 30.05 -16.75
C GLU A 105 6.17 28.55 -16.96
N GLY A 106 6.34 27.79 -15.89
CA GLY A 106 6.04 26.38 -15.90
C GLY A 106 5.61 26.00 -14.50
N ARG A 107 5.17 24.76 -14.35
CA ARG A 107 4.85 24.27 -13.02
C ARG A 107 6.14 24.12 -12.24
N ASP A 108 6.36 25.02 -11.29
CA ASP A 108 7.57 25.10 -10.46
C ASP A 108 8.81 25.23 -11.33
N ALA A 109 8.74 26.11 -12.33
CA ALA A 109 9.87 26.35 -13.21
C ALA A 109 11.01 27.06 -12.49
N ALA A 110 10.70 27.89 -11.50
CA ALA A 110 11.72 28.49 -10.66
C ALA A 110 12.17 27.56 -9.54
N LEU A 111 11.61 26.36 -9.49
CA LEU A 111 11.96 25.41 -8.45
C LEU A 111 12.70 24.17 -8.96
N ASN A 112 12.74 23.99 -10.27
CA ASN A 112 13.43 22.83 -10.81
C ASN A 112 14.56 23.12 -11.80
N ALA A 113 14.77 24.35 -12.23
CA ALA A 113 15.83 24.55 -13.20
C ALA A 113 16.48 25.92 -13.08
N MET A 114 17.69 26.02 -13.65
CA MET A 114 18.60 27.13 -13.42
C MET A 114 18.30 28.32 -14.34
N LEU A 115 17.18 28.98 -14.07
CA LEU A 115 16.91 30.24 -14.74
C LEU A 115 17.60 31.39 -14.02
N VAL A 116 18.25 32.26 -14.79
CA VAL A 116 18.84 33.50 -14.29
C VAL A 116 18.07 34.64 -14.94
N ASN A 117 17.83 35.71 -14.19
CA ASN A 117 16.94 36.75 -14.64
C ASN A 117 17.39 38.07 -14.06
N VAL A 118 17.00 39.14 -14.75
CA VAL A 118 17.39 40.50 -14.41
C VAL A 118 16.13 41.30 -14.12
N THR A 119 15.99 41.73 -12.88
CA THR A 119 14.93 42.64 -12.46
C THR A 119 15.53 44.04 -12.55
N GLU A 120 14.89 45.05 -11.96
CA GLU A 120 15.49 46.38 -11.92
C GLU A 120 16.77 46.37 -11.09
N THR A 121 16.70 45.80 -9.90
CA THR A 121 17.87 45.42 -9.13
C THR A 121 17.94 43.91 -8.99
N ARG A 122 19.06 43.44 -8.43
CA ARG A 122 19.28 42.07 -7.99
C ARG A 122 19.16 41.05 -9.14
N VAL A 123 20.12 41.15 -10.06
CA VAL A 123 20.37 40.04 -10.99
C VAL A 123 20.90 38.85 -10.21
N ASP A 124 20.30 37.68 -10.44
CA ASP A 124 20.66 36.50 -9.67
C ASP A 124 20.42 35.25 -10.51
N VAL A 125 21.19 34.22 -10.24
CA VAL A 125 20.89 32.90 -10.77
C VAL A 125 20.13 32.17 -9.69
N ILE A 126 19.21 31.31 -10.10
CA ILE A 126 18.42 30.51 -9.16
C ILE A 126 18.39 29.10 -9.70
N VAL A 127 18.95 28.16 -8.95
CA VAL A 127 18.92 26.75 -9.31
C VAL A 127 18.22 26.00 -8.20
N ARG A 128 17.17 25.25 -8.56
CA ARG A 128 16.41 24.38 -7.66
C ARG A 128 15.87 25.14 -6.45
N ASN A 129 15.36 26.34 -6.70
CA ASN A 129 14.69 27.22 -5.74
C ASN A 129 15.61 27.67 -4.60
N VAL A 130 16.92 27.70 -4.81
CA VAL A 130 17.80 28.41 -3.89
C VAL A 130 18.49 29.50 -4.69
N VAL A 131 18.75 30.61 -4.02
CA VAL A 131 19.36 31.77 -4.65
C VAL A 131 20.85 31.75 -4.36
N VAL A 132 21.65 31.84 -5.41
CA VAL A 132 23.08 32.05 -5.31
C VAL A 132 23.45 33.17 -6.27
N ALA A 133 24.45 33.96 -5.87
CA ALA A 133 25.07 35.03 -6.66
C ALA A 133 24.03 36.07 -7.08
N SER A 134 23.53 36.78 -6.08
CA SER A 134 22.63 37.91 -6.30
C SER A 134 23.41 39.20 -6.08
N VAL A 135 23.66 39.92 -7.17
CA VAL A 135 24.34 41.21 -7.11
C VAL A 135 23.42 42.24 -7.75
N ASN A 136 23.66 43.50 -7.45
CA ASN A 136 22.82 44.56 -7.99
C ASN A 136 23.10 44.75 -9.49
N ARG A 137 22.08 45.24 -10.20
CA ARG A 137 22.17 45.34 -11.65
C ARG A 137 23.13 46.43 -12.10
N ASP A 138 23.23 47.52 -11.33
CA ASP A 138 24.11 48.61 -11.72
C ASP A 138 25.58 48.27 -11.51
N ARG A 139 25.87 47.29 -10.66
CA ARG A 139 27.24 46.78 -10.54
C ARG A 139 27.68 46.10 -11.82
N VAL A 140 26.79 45.32 -12.44
CA VAL A 140 27.10 44.71 -13.73
C VAL A 140 27.00 45.74 -14.86
N ALA A 141 26.21 46.80 -14.66
CA ALA A 141 26.10 47.84 -15.68
C ALA A 141 27.39 48.65 -15.81
N GLY A 142 28.19 48.71 -14.76
CA GLY A 142 29.50 49.32 -14.84
C GLY A 142 30.44 48.47 -15.67
N PRO A 143 31.48 49.09 -16.23
CA PRO A 143 32.41 48.36 -17.10
C PRO A 143 33.50 47.60 -16.36
N ASP A 144 33.37 47.40 -15.05
CA ASP A 144 34.40 46.76 -14.25
C ASP A 144 34.37 45.23 -14.36
N CYS A 145 33.28 44.67 -14.88
CA CYS A 145 33.08 43.22 -14.98
C CYS A 145 33.43 42.73 -16.38
N GLN A 146 34.22 41.66 -16.47
CA GLN A 146 34.57 41.10 -17.77
C GLN A 146 33.47 40.23 -18.36
N ARG A 147 33.15 39.14 -17.66
CA ARG A 147 32.10 38.21 -18.08
C ARG A 147 31.64 37.38 -16.88
N ILE A 148 30.55 36.64 -17.04
CA ILE A 148 30.04 35.82 -15.95
C ILE A 148 30.18 34.34 -16.28
N GLU A 149 30.29 33.51 -15.24
CA GLU A 149 30.63 32.10 -15.38
C GLU A 149 29.73 31.30 -14.45
N ILE A 150 28.97 30.37 -15.02
CA ILE A 150 28.14 29.47 -14.26
C ILE A 150 28.68 28.07 -14.49
N THR A 151 28.91 27.33 -13.42
CA THR A 151 29.69 26.09 -13.50
C THR A 151 29.01 24.95 -12.77
N SER A 152 27.73 24.72 -13.08
CA SER A 152 26.96 23.66 -12.45
C SER A 152 27.48 22.27 -12.79
N ASN A 153 28.13 21.63 -11.83
CA ASN A 153 28.68 20.29 -12.00
C ASN A 153 28.73 19.66 -10.61
N LEU A 154 29.54 18.62 -10.46
CA LEU A 154 29.63 17.91 -9.20
C LEU A 154 30.37 18.68 -8.11
N ASP A 155 30.84 19.90 -8.37
CA ASP A 155 31.38 20.72 -7.29
C ASP A 155 30.28 21.34 -6.44
N GLY A 156 29.12 21.65 -7.04
CA GLY A 156 28.01 22.18 -6.27
C GLY A 156 27.37 23.46 -6.80
N THR A 157 27.62 23.77 -8.09
CA THR A 157 27.20 25.02 -8.76
C THR A 157 27.74 26.26 -8.03
N TYR A 158 28.99 26.19 -7.55
CA TYR A 158 29.59 27.37 -6.95
C TYR A 158 29.92 28.37 -8.04
N ALA A 159 28.96 29.22 -8.39
CA ALA A 159 28.93 29.90 -9.68
C ALA A 159 28.48 31.35 -9.50
N ASP A 160 29.40 32.29 -9.72
CA ASP A 160 29.12 33.73 -9.58
C ASP A 160 29.68 34.56 -10.73
N PHE A 161 29.93 35.85 -10.47
CA PHE A 161 30.44 36.77 -11.48
C PHE A 161 31.84 37.22 -11.12
N VAL A 162 32.79 36.87 -11.97
CA VAL A 162 34.19 37.20 -11.86
C VAL A 162 34.40 38.63 -12.37
N GLY A 163 35.35 39.34 -11.79
CA GLY A 163 35.64 40.70 -12.19
C GLY A 163 35.19 41.73 -11.20
N LEU A 164 34.44 41.33 -10.19
CA LEU A 164 33.92 42.21 -9.15
C LEU A 164 34.31 41.62 -7.79
N THR A 165 33.90 42.31 -6.74
CA THR A 165 34.03 41.81 -5.37
C THR A 165 32.72 42.04 -4.66
N GLN A 166 32.64 41.55 -3.43
CA GLN A 166 31.46 41.76 -2.62
C GLN A 166 31.59 43.08 -1.88
N ILE A 167 30.46 43.75 -1.66
CA ILE A 167 30.47 45.01 -0.93
C ILE A 167 30.00 44.77 0.49
N SER A 168 28.77 44.26 0.62
CA SER A 168 28.21 43.98 1.94
C SER A 168 27.64 42.57 2.00
N GLU A 170 31.56 41.04 3.70
CA GLU A 170 33.01 40.95 3.66
C GLU A 170 33.49 40.72 2.23
N ASP A 171 34.81 40.74 2.03
CA ASP A 171 35.37 40.45 0.72
C ASP A 171 35.35 38.96 0.40
N ALA A 172 35.40 38.10 1.44
CA ALA A 172 35.25 36.65 1.34
C ALA A 172 36.31 36.03 0.43
N GLY A 173 37.56 36.38 0.69
CA GLY A 173 38.69 35.93 -0.09
C GLY A 173 39.22 37.02 -1.00
N LYS A 174 39.03 36.87 -2.31
CA LYS A 174 39.51 37.86 -3.26
C LYS A 174 38.70 37.82 -4.55
N LEU A 175 37.45 37.39 -4.46
CA LEU A 175 36.59 37.29 -5.62
C LEU A 175 35.15 37.24 -5.16
N GLN A 176 34.24 37.48 -6.11
CA GLN A 176 32.80 37.46 -5.86
C GLN A 176 32.23 36.05 -5.94
N ARG A 177 33.11 35.04 -6.17
CA ARG A 177 32.74 33.64 -6.35
C ARG A 177 31.97 33.09 -5.16
N THR A 178 30.69 32.79 -5.38
CA THR A 178 29.80 32.36 -4.31
C THR A 178 28.83 31.33 -4.83
N GLY A 179 28.34 30.52 -3.92
CA GLY A 179 27.46 29.42 -4.25
C GLY A 179 27.59 28.32 -3.23
N TYR A 180 26.66 27.39 -3.30
CA TYR A 180 26.63 26.28 -2.36
C TYR A 180 27.61 25.21 -2.83
N PRO A 181 28.02 24.30 -1.95
CA PRO A 181 28.90 23.20 -2.39
C PRO A 181 28.22 21.86 -2.62
N ASP A 182 26.90 21.76 -2.49
CA ASP A 182 26.23 20.47 -2.43
C ASP A 182 25.92 20.01 -3.85
N PRO A 183 26.47 18.88 -4.31
CA PRO A 183 26.18 18.42 -5.67
C PRO A 183 24.92 17.59 -5.80
N ASN A 184 23.84 18.03 -5.16
CA ASN A 184 22.52 17.47 -5.40
C ASN A 184 21.56 18.50 -5.95
N LEU A 185 21.99 19.75 -6.07
CA LEU A 185 21.21 20.78 -6.75
C LEU A 185 21.88 21.03 -8.09
N ARG A 186 21.17 20.66 -9.15
CA ARG A 186 21.59 20.85 -10.53
C ARG A 186 20.32 21.16 -11.31
N PRO A 187 20.42 21.85 -12.44
CA PRO A 187 19.22 22.16 -13.21
C PRO A 187 18.58 20.93 -13.80
N ALA A 188 17.30 21.05 -14.10
CA ALA A 188 16.60 20.11 -14.95
C ALA A 188 16.53 20.74 -16.31
N ILE A 189 17.50 20.39 -17.17
CA ILE A 189 17.55 20.96 -18.50
C ILE A 189 16.35 20.49 -19.29
N VAL A 190 15.58 21.44 -19.80
CA VAL A 190 14.55 21.19 -20.79
C VAL A 190 14.87 21.89 -22.09
N GLY A 191 15.37 23.10 -22.00
CA GLY A 191 15.99 23.75 -23.13
C GLY A 191 16.92 24.79 -22.61
N VAL A 192 17.29 25.72 -23.49
CA VAL A 192 17.96 26.94 -23.08
C VAL A 192 17.09 28.08 -23.58
N PHE A 193 16.24 28.59 -22.71
CA PHE A 193 15.22 29.56 -23.09
C PHE A 193 15.67 30.97 -22.76
N THR A 194 15.30 31.92 -23.61
CA THR A 194 15.70 33.31 -23.46
C THR A 194 14.56 34.21 -23.92
N ASP A 195 14.78 35.53 -23.82
CA ASP A 195 13.85 36.47 -24.45
C ASP A 195 14.57 37.67 -25.07
N LEU A 196 15.87 37.57 -25.31
CA LEU A 196 16.61 38.58 -26.05
C LEU A 196 16.87 38.06 -27.46
N THR A 197 16.83 38.95 -28.44
CA THR A 197 16.79 38.59 -29.84
C THR A 197 17.85 39.35 -30.61
N GLY A 198 18.22 38.83 -31.77
CA GLY A 198 19.16 39.47 -32.66
C GLY A 198 20.31 38.55 -33.00
N PRO A 199 21.38 39.12 -33.55
CA PRO A 199 22.58 38.31 -33.79
C PRO A 199 23.27 37.99 -32.47
N ALA A 200 23.91 36.83 -32.45
CA ALA A 200 24.53 36.37 -31.22
C ALA A 200 25.77 37.20 -30.89
N PRO A 201 26.01 37.52 -29.63
CA PRO A 201 27.22 38.23 -29.24
C PRO A 201 28.37 37.26 -29.02
N GLN A 202 29.58 37.80 -29.13
CA GLN A 202 30.76 37.01 -28.84
C GLN A 202 30.87 36.78 -27.33
N GLY A 203 31.47 35.65 -26.97
CA GLY A 203 31.62 35.34 -25.57
C GLY A 203 30.38 34.80 -24.90
N LEU A 204 29.33 34.51 -25.65
CA LEU A 204 28.10 33.95 -25.10
C LEU A 204 27.96 32.49 -25.49
N SER A 205 27.90 31.61 -24.49
CA SER A 205 27.74 30.19 -24.73
C SER A 205 27.16 29.56 -23.48
N VAL A 206 26.24 28.62 -23.67
CA VAL A 206 25.72 27.77 -22.61
C VAL A 206 25.91 26.33 -23.06
N SER A 207 26.72 25.57 -22.33
CA SER A 207 27.02 24.21 -22.70
C SER A 207 26.73 23.26 -21.54
N ALA A 208 26.14 22.12 -21.86
CA ALA A 208 25.86 21.10 -20.86
C ALA A 208 26.00 19.75 -21.52
N GLU A 209 26.86 18.89 -20.97
CA GLU A 209 26.95 17.54 -21.50
C GLU A 209 25.86 16.70 -20.87
N ILE A 210 24.93 16.23 -21.68
CA ILE A 210 23.81 15.48 -21.15
C ILE A 210 24.29 14.09 -20.78
N ASP A 211 23.61 13.49 -19.81
CA ASP A 211 24.11 12.28 -19.16
C ASP A 211 23.73 11.06 -19.99
N THR A 212 24.46 10.88 -21.09
CA THR A 212 24.28 9.69 -21.94
C THR A 212 25.14 8.55 -21.43
N ARG A 213 24.94 8.20 -20.17
CA ARG A 213 25.75 7.16 -19.57
C ARG A 213 25.31 5.78 -20.04
N PHE A 214 24.01 5.54 -20.08
CA PHE A 214 23.53 4.22 -20.46
C PHE A 214 23.59 3.97 -21.95
N THR A 215 23.58 5.02 -22.78
CA THR A 215 23.54 4.83 -24.23
C THR A 215 24.96 4.51 -24.70
N THR A 216 25.32 3.24 -24.60
CA THR A 216 26.59 2.75 -25.10
C THR A 216 26.34 1.63 -26.09
N HIS A 217 27.45 1.11 -26.62
CA HIS A 217 27.51 -0.11 -27.41
C HIS A 217 28.91 -0.65 -27.23
N PRO A 218 29.09 -1.97 -27.21
CA PRO A 218 30.40 -2.53 -26.88
C PRO A 218 31.40 -2.38 -28.01
N THR A 219 32.67 -2.29 -27.63
CA THR A 219 33.75 -2.18 -28.60
C THR A 219 34.05 -3.54 -29.21
N ALA A 220 35.13 -3.61 -30.00
CA ALA A 220 35.48 -4.86 -30.67
C ALA A 220 35.98 -5.90 -29.68
N LEU A 221 36.65 -5.46 -28.61
CA LEU A 221 37.17 -6.40 -27.63
C LEU A 221 36.05 -7.06 -26.84
N LYS A 222 35.07 -6.26 -26.38
CA LYS A 222 33.97 -6.82 -25.60
C LYS A 222 33.07 -7.69 -26.47
N LEU A 223 32.87 -7.30 -27.72
CA LEU A 223 32.05 -8.12 -28.62
C LEU A 223 32.76 -9.43 -28.96
N ALA A 224 34.09 -9.38 -29.12
CA ALA A 224 34.85 -10.60 -29.37
C ALA A 224 34.84 -11.51 -28.16
N ALA A 225 34.93 -10.94 -26.96
CA ALA A 225 34.90 -11.76 -25.75
C ALA A 225 33.51 -12.36 -25.52
N MET A 226 32.47 -11.60 -25.87
CA MET A 226 31.11 -12.13 -25.78
C MET A 226 30.89 -13.28 -26.75
N LEU A 227 31.36 -13.14 -27.98
CA LEU A 227 31.21 -14.21 -28.97
C LEU A 227 32.04 -15.42 -28.61
N LEU A 228 33.24 -15.21 -28.06
CA LEU A 228 34.08 -16.32 -27.65
C LEU A 228 33.49 -17.03 -26.45
N ALA A 229 32.86 -16.30 -25.54
CA ALA A 229 32.23 -16.93 -24.38
C ALA A 229 31.03 -17.78 -24.80
N ILE A 230 30.22 -17.26 -25.73
CA ILE A 230 29.05 -18.01 -26.21
C ILE A 230 29.49 -19.26 -26.96
N VAL A 231 30.42 -19.12 -27.91
CA VAL A 231 30.83 -20.27 -28.70
C VAL A 231 31.70 -21.22 -27.88
N SER A 232 32.34 -20.73 -26.82
CA SER A 232 33.15 -21.61 -25.99
C SER A 232 32.27 -22.43 -25.07
N THR A 233 31.18 -21.86 -24.56
CA THR A 233 30.31 -22.70 -23.76
C THR A 233 29.43 -23.59 -24.62
N VAL A 234 29.27 -23.29 -25.90
CA VAL A 234 28.61 -24.25 -26.78
C VAL A 234 29.54 -25.39 -27.11
N ILE A 235 30.82 -25.09 -27.29
CA ILE A 235 31.80 -26.15 -27.52
C ILE A 235 31.94 -27.02 -26.28
N ALA A 236 31.96 -26.40 -25.09
CA ALA A 236 32.17 -27.19 -23.89
C ALA A 236 30.93 -27.97 -23.48
N LEU A 237 29.75 -27.57 -23.95
CA LEU A 237 28.60 -28.45 -23.74
C LEU A 237 28.54 -29.56 -24.78
N LEU A 238 29.10 -29.31 -25.97
CA LEU A 238 29.12 -30.40 -26.96
C LEU A 238 30.18 -31.43 -26.58
N ALA A 239 31.30 -30.97 -26.05
CA ALA A 239 32.32 -31.87 -25.52
C ALA A 239 31.82 -32.60 -24.29
N LEU A 240 30.96 -31.96 -23.48
CA LEU A 240 30.36 -32.67 -22.37
C LEU A 240 29.40 -33.75 -22.87
N TRP A 241 28.63 -33.45 -23.91
CA TRP A 241 27.68 -34.41 -24.46
C TRP A 241 28.40 -35.57 -25.13
N ARG A 242 29.59 -35.33 -25.68
CA ARG A 242 30.41 -36.44 -26.14
C ARG A 242 31.08 -37.17 -24.99
N LEU A 243 31.30 -36.50 -23.86
CA LEU A 243 31.93 -37.14 -22.72
C LEU A 243 30.97 -38.08 -22.00
N ASP A 244 29.76 -37.62 -21.70
CA ASP A 244 28.85 -38.46 -20.93
C ASP A 244 28.09 -39.44 -21.79
N ARG A 245 28.35 -39.48 -23.09
CA ARG A 245 27.80 -40.54 -23.94
C ARG A 245 28.76 -41.72 -23.99
N LEU A 246 29.12 -42.21 -22.81
CA LEU A 246 30.05 -43.32 -22.65
C LEU A 246 29.38 -44.47 -21.92
N ASP A 247 28.06 -44.42 -21.78
CA ASP A 247 27.28 -45.56 -21.31
C ASP A 247 26.46 -46.14 -22.45
N GLY A 248 26.78 -45.73 -23.68
CA GLY A 248 26.26 -46.32 -24.90
C GLY A 248 24.76 -46.20 -25.08
N ARG A 249 24.18 -45.09 -24.64
CA ARG A 249 22.75 -44.87 -24.80
C ARG A 249 22.54 -43.87 -25.92
N ARG A 250 21.92 -44.30 -27.02
CA ARG A 250 21.71 -43.40 -28.14
C ARG A 250 20.28 -42.88 -28.18
N MET A 251 20.14 -41.61 -28.57
CA MET A 251 18.85 -40.92 -28.60
C MET A 251 18.15 -41.22 -29.92
N HIS A 252 17.67 -42.45 -30.05
CA HIS A 252 16.83 -42.82 -31.17
C HIS A 252 15.36 -42.52 -30.88
N ARG A 253 14.53 -42.62 -31.93
CA ARG A 253 13.08 -42.51 -31.88
C ARG A 253 12.62 -41.17 -31.30
N LEU A 254 12.88 -40.11 -32.06
CA LEU A 254 12.50 -38.77 -31.63
C LEU A 254 10.99 -38.63 -31.60
N ILE A 255 10.50 -37.85 -30.64
CA ILE A 255 9.10 -37.76 -30.22
C ILE A 255 8.58 -39.15 -29.85
N PRO A 256 8.88 -39.63 -28.63
CA PRO A 256 8.69 -41.05 -28.28
C PRO A 256 7.24 -41.54 -28.30
N THR A 257 7.06 -42.85 -28.04
CA THR A 257 5.73 -43.44 -28.02
C THR A 257 4.89 -42.97 -26.84
N ARG A 258 5.51 -42.40 -25.81
CA ARG A 258 4.78 -41.74 -24.75
C ARG A 258 4.07 -40.47 -25.22
N TRP A 259 4.54 -39.87 -26.31
CA TRP A 259 4.07 -38.56 -26.75
C TRP A 259 2.96 -38.62 -27.78
N ARG A 260 2.91 -39.65 -28.62
CA ARG A 260 2.09 -39.61 -29.82
C ARG A 260 0.63 -39.89 -29.57
N THR A 261 0.18 -39.92 -28.31
CA THR A 261 -1.24 -39.95 -28.03
C THR A 261 -1.80 -38.54 -28.00
N VAL A 262 -2.98 -38.38 -28.58
CA VAL A 262 -3.72 -37.14 -28.46
C VAL A 262 -4.99 -37.44 -27.65
N THR A 263 -5.14 -36.76 -26.54
CA THR A 263 -6.23 -37.01 -25.60
C THR A 263 -7.31 -35.96 -25.86
N ALA A 264 -8.47 -36.15 -25.23
CA ALA A 264 -9.53 -35.16 -25.33
C ALA A 264 -9.21 -33.89 -24.56
N VAL A 265 -8.22 -33.93 -23.67
CA VAL A 265 -7.87 -32.74 -22.90
C VAL A 265 -7.14 -31.73 -23.76
N ASP A 266 -6.50 -32.16 -24.85
CA ASP A 266 -5.84 -31.21 -25.74
C ASP A 266 -6.84 -30.39 -26.53
N GLY A 267 -8.06 -30.88 -26.69
CA GLY A 267 -9.10 -30.07 -27.27
C GLY A 267 -9.68 -29.06 -26.32
N VAL A 268 -9.30 -29.13 -25.05
CA VAL A 268 -9.75 -28.18 -24.05
C VAL A 268 -8.60 -27.22 -23.76
N VAL A 269 -7.37 -27.68 -23.89
CA VAL A 269 -6.25 -26.82 -23.54
C VAL A 269 -5.68 -26.08 -24.75
N VAL A 270 -5.51 -26.76 -25.89
CA VAL A 270 -5.01 -26.07 -27.07
C VAL A 270 -6.13 -25.24 -27.69
N GLY A 271 -7.32 -25.81 -27.80
CA GLY A 271 -8.46 -25.03 -28.25
C GLY A 271 -9.13 -24.21 -27.17
N GLY A 272 -8.50 -24.05 -26.02
CA GLY A 272 -8.99 -23.15 -25.00
C GLY A 272 -7.97 -22.08 -24.69
N MET A 273 -6.72 -22.32 -25.06
CA MET A 273 -5.70 -21.29 -25.02
C MET A 273 -5.59 -20.52 -26.32
N ALA A 274 -6.40 -20.86 -27.31
CA ALA A 274 -6.50 -20.02 -28.49
C ALA A 274 -7.70 -19.10 -28.48
N ILE A 275 -8.81 -19.54 -27.88
CA ILE A 275 -9.94 -18.65 -27.71
C ILE A 275 -9.64 -17.60 -26.65
N TRP A 276 -8.87 -17.97 -25.64
CA TRP A 276 -8.45 -16.98 -24.66
C TRP A 276 -7.31 -16.12 -25.16
N TYR A 277 -6.53 -16.60 -26.12
CA TYR A 277 -5.49 -15.74 -26.66
C TYR A 277 -6.08 -14.64 -27.52
N VAL A 278 -7.20 -14.92 -28.19
CA VAL A 278 -7.82 -13.91 -29.03
C VAL A 278 -8.71 -12.98 -28.20
N ILE A 279 -9.61 -13.53 -27.38
CA ILE A 279 -10.63 -12.69 -26.77
C ILE A 279 -10.34 -12.37 -25.31
N GLY A 280 -9.29 -12.91 -24.74
CA GLY A 280 -9.10 -12.88 -23.30
C GLY A 280 -8.62 -11.54 -22.78
N ALA A 281 -8.28 -11.55 -21.49
CA ALA A 281 -7.96 -10.37 -20.74
C ALA A 281 -6.45 -10.21 -20.64
N ASN A 282 -5.96 -9.04 -21.08
CA ASN A 282 -4.55 -8.76 -20.96
C ASN A 282 -4.20 -8.45 -19.50
N SER A 283 -2.91 -8.42 -19.20
CA SER A 283 -2.46 -8.16 -17.83
C SER A 283 -2.52 -6.66 -17.54
N SER A 284 -2.06 -6.27 -16.36
CA SER A 284 -2.16 -4.87 -15.96
C SER A 284 -1.15 -4.00 -16.68
N ASP A 285 0.12 -4.42 -16.65
CA ASP A 285 1.21 -3.63 -17.22
C ASP A 285 1.61 -4.13 -18.59
N ASP A 286 0.65 -4.59 -19.40
CA ASP A 286 0.99 -4.99 -20.75
C ASP A 286 1.39 -3.77 -21.58
N GLY A 287 0.72 -2.64 -21.33
CA GLY A 287 1.06 -1.42 -22.01
C GLY A 287 2.41 -0.89 -21.59
N TYR A 288 2.79 -1.13 -20.34
CA TYR A 288 4.08 -0.67 -19.82
C TYR A 288 5.23 -1.36 -20.53
N ILE A 289 5.15 -2.67 -20.67
CA ILE A 289 6.23 -3.43 -21.28
C ILE A 289 6.21 -3.28 -22.80
N LEU A 290 5.04 -3.11 -23.41
CA LEU A 290 5.00 -2.80 -24.83
C LEU A 290 5.58 -1.42 -25.10
N GLN A 291 5.34 -0.48 -24.21
CA GLN A 291 5.81 0.88 -24.46
C GLN A 291 7.30 0.99 -24.21
N MET A 292 7.84 0.27 -23.22
CA MET A 292 9.27 0.30 -23.06
C MET A 292 9.99 -0.68 -23.96
N ALA A 293 9.26 -1.41 -24.80
CA ALA A 293 9.90 -2.20 -25.84
C ALA A 293 9.82 -1.55 -27.21
N ARG A 294 8.81 -0.72 -27.46
CA ARG A 294 8.69 -0.08 -28.76
C ARG A 294 9.70 1.03 -28.99
N THR A 295 10.26 1.60 -27.93
CA THR A 295 11.18 2.72 -28.05
C THR A 295 12.63 2.35 -27.84
N ALA A 296 12.91 1.11 -27.49
CA ALA A 296 14.28 0.74 -27.19
C ALA A 296 15.13 0.45 -28.42
N GLU A 297 14.54 0.37 -29.60
CA GLU A 297 15.40 0.35 -30.79
C GLU A 297 16.06 1.69 -31.04
N HIS A 298 15.32 2.80 -30.86
CA HIS A 298 15.93 4.08 -31.15
C HIS A 298 16.82 4.55 -30.01
N ALA A 299 16.42 4.26 -28.77
CA ALA A 299 17.25 4.60 -27.63
C ALA A 299 18.48 3.72 -27.60
N GLY A 300 18.29 2.42 -27.80
CA GLY A 300 19.40 1.51 -27.92
C GLY A 300 19.88 0.88 -26.64
N TYR A 301 19.12 0.98 -25.55
CA TYR A 301 19.62 0.41 -24.32
C TYR A 301 18.58 -0.22 -23.41
N MET A 302 17.37 -0.51 -23.91
CA MET A 302 16.27 -1.11 -23.15
C MET A 302 15.92 -0.27 -21.92
N ALA A 303 15.44 0.93 -22.21
CA ALA A 303 15.17 1.89 -21.15
C ALA A 303 13.91 1.52 -20.39
N ASN A 304 13.98 1.58 -19.07
CA ASN A 304 12.75 1.63 -18.29
C ASN A 304 12.15 2.98 -18.56
N TYR A 305 11.20 3.00 -19.49
CA TYR A 305 10.80 4.21 -20.19
C TYR A 305 10.18 5.21 -19.26
N PHE A 306 9.27 4.77 -18.40
CA PHE A 306 8.41 5.68 -17.68
C PHE A 306 9.06 6.23 -16.42
N ARG A 307 9.36 5.35 -15.45
CA ARG A 307 9.58 5.85 -14.10
C ARG A 307 11.00 6.36 -13.88
N TRP A 308 12.00 5.47 -13.92
CA TRP A 308 13.25 5.74 -13.20
C TRP A 308 14.28 6.39 -14.12
N PHE A 309 14.06 7.68 -14.41
CA PHE A 309 15.08 8.61 -14.91
C PHE A 309 15.70 8.19 -16.23
N GLY A 310 15.02 7.34 -16.99
CA GLY A 310 15.64 6.77 -18.16
C GLY A 310 16.71 5.74 -17.86
N SER A 311 16.80 5.26 -16.61
CA SER A 311 17.71 4.17 -16.32
C SER A 311 17.16 2.89 -16.92
N PRO A 312 18.02 1.96 -17.34
CA PRO A 312 17.52 0.78 -18.03
C PRO A 312 16.94 -0.24 -17.08
N GLU A 313 16.05 -1.05 -17.63
CA GLU A 313 15.65 -2.32 -17.00
C GLU A 313 16.59 -3.42 -17.50
N ASP A 314 17.80 -3.25 -17.03
CA ASP A 314 18.83 -4.16 -17.38
C ASP A 314 19.72 -4.59 -16.25
N PRO A 315 19.12 -5.06 -15.16
CA PRO A 315 20.03 -5.61 -14.18
C PRO A 315 19.92 -7.04 -14.55
N PHE A 316 18.91 -7.36 -15.33
CA PHE A 316 18.52 -8.68 -15.83
C PHE A 316 17.85 -8.66 -17.19
N GLY A 317 17.21 -7.57 -17.58
CA GLY A 317 16.10 -7.64 -18.52
C GLY A 317 16.48 -7.88 -19.97
N TRP A 318 16.84 -9.12 -20.28
CA TRP A 318 17.17 -9.47 -21.64
C TRP A 318 15.94 -9.76 -22.47
N TYR A 319 14.84 -10.16 -21.82
CA TYR A 319 13.70 -10.70 -22.54
C TYR A 319 12.98 -9.64 -23.33
N TYR A 320 12.97 -8.40 -22.85
CA TYR A 320 12.28 -7.33 -23.55
C TYR A 320 12.96 -6.98 -24.86
N ASN A 321 14.23 -7.36 -25.03
CA ASN A 321 14.88 -7.18 -26.32
C ASN A 321 14.27 -8.09 -27.38
N VAL A 322 13.72 -9.23 -26.98
CA VAL A 322 13.01 -10.09 -27.93
C VAL A 322 11.75 -9.39 -28.42
N LEU A 323 11.02 -8.72 -27.52
CA LEU A 323 9.90 -7.91 -27.96
C LEU A 323 10.35 -6.69 -28.74
N ALA A 324 11.55 -6.17 -28.45
CA ALA A 324 12.06 -5.01 -29.16
C ALA A 324 12.36 -5.33 -30.61
N LEU A 325 12.94 -6.49 -30.86
CA LEU A 325 13.14 -6.95 -32.23
C LEU A 325 11.90 -7.65 -32.78
N MET A 326 10.87 -7.80 -31.97
CA MET A 326 9.60 -8.34 -32.42
C MET A 326 8.61 -7.24 -32.82
N THR A 327 8.89 -5.99 -32.48
CA THR A 327 8.11 -4.86 -32.99
C THR A 327 8.60 -4.36 -34.35
N LYS A 328 9.53 -5.06 -34.99
CA LYS A 328 9.83 -4.74 -36.37
C LYS A 328 8.67 -5.08 -37.29
N VAL A 329 7.96 -6.17 -36.99
CA VAL A 329 6.71 -6.48 -37.64
C VAL A 329 5.66 -5.65 -36.90
N SER A 330 4.43 -5.59 -37.42
CA SER A 330 3.36 -4.79 -36.83
C SER A 330 3.10 -5.21 -35.39
N ASP A 331 2.78 -4.23 -34.56
CA ASP A 331 2.83 -4.44 -33.11
C ASP A 331 1.44 -4.37 -32.51
N ALA A 332 0.48 -5.03 -33.14
CA ALA A 332 -0.86 -5.13 -32.61
C ALA A 332 -0.89 -6.01 -31.36
N SER A 333 -2.06 -6.10 -30.75
CA SER A 333 -2.15 -6.86 -29.50
C SER A 333 -2.17 -8.36 -29.73
N ILE A 334 -2.30 -8.82 -30.98
CA ILE A 334 -2.38 -10.24 -31.25
C ILE A 334 -1.04 -10.81 -31.71
N TRP A 335 -0.06 -9.97 -32.04
CA TRP A 335 1.18 -10.49 -32.58
C TRP A 335 2.38 -10.28 -31.68
N ILE A 336 2.38 -9.25 -30.85
CA ILE A 336 3.47 -9.10 -29.90
C ILE A 336 3.21 -9.98 -28.69
N ARG A 337 1.97 -10.43 -28.52
CA ARG A 337 1.58 -11.24 -27.39
C ARG A 337 1.74 -12.72 -27.67
N LEU A 338 2.35 -13.07 -28.80
CA LEU A 338 2.60 -14.43 -29.24
C LEU A 338 3.60 -15.23 -28.40
N PRO A 339 4.62 -14.65 -27.77
CA PRO A 339 5.40 -15.44 -26.80
C PRO A 339 4.65 -15.86 -25.54
N ASP A 340 3.38 -15.53 -25.37
CA ASP A 340 2.55 -16.08 -24.32
C ASP A 340 1.48 -16.99 -24.87
N LEU A 341 1.68 -17.48 -26.08
CA LEU A 341 0.97 -18.62 -26.65
C LEU A 341 1.91 -19.76 -26.98
N ILE A 342 3.05 -19.46 -27.59
CA ILE A 342 4.09 -20.46 -27.81
C ILE A 342 4.64 -20.97 -26.48
N CYS A 343 4.75 -20.09 -25.49
CA CYS A 343 5.08 -20.55 -24.15
C CYS A 343 3.86 -21.02 -23.37
N ALA A 344 2.70 -21.08 -24.01
CA ALA A 344 1.54 -21.76 -23.46
C ALA A 344 1.25 -23.07 -24.16
N LEU A 345 2.01 -23.40 -25.20
CA LEU A 345 1.91 -24.70 -25.85
C LEU A 345 3.18 -25.50 -25.75
N ILE A 346 4.23 -24.98 -25.15
CA ILE A 346 5.36 -25.80 -24.71
C ILE A 346 5.40 -25.90 -23.20
N CYS A 347 4.46 -25.26 -22.51
CA CYS A 347 4.15 -25.66 -21.14
C CYS A 347 3.31 -26.91 -21.15
N TRP A 348 2.16 -26.86 -21.83
CA TRP A 348 1.21 -27.95 -21.80
C TRP A 348 1.75 -29.20 -22.49
N LEU A 349 2.49 -29.03 -23.58
CA LEU A 349 3.10 -30.17 -24.25
C LEU A 349 4.23 -30.77 -23.43
N LEU A 350 4.76 -30.03 -22.46
CA LEU A 350 5.64 -30.60 -21.44
C LEU A 350 4.90 -30.98 -20.17
N LEU A 351 3.66 -30.54 -20.01
CA LEU A 351 2.93 -30.86 -18.80
C LEU A 351 2.14 -32.16 -18.94
N SER A 352 1.78 -32.56 -20.14
CA SER A 352 1.03 -33.78 -20.33
C SER A 352 1.83 -34.91 -20.93
N ARG A 353 3.04 -34.63 -21.43
CA ARG A 353 3.82 -35.65 -22.10
C ARG A 353 5.12 -36.00 -21.39
N GLU A 354 5.65 -35.13 -20.54
CA GLU A 354 6.98 -35.32 -20.01
C GLU A 354 7.10 -35.15 -18.52
N VAL A 355 6.10 -34.59 -17.84
CA VAL A 355 6.17 -34.45 -16.39
C VAL A 355 5.04 -35.17 -15.68
N LEU A 356 3.94 -35.48 -16.35
CA LEU A 356 2.98 -36.33 -15.68
C LEU A 356 3.35 -37.81 -15.74
N PRO A 357 3.79 -38.41 -16.86
CA PRO A 357 4.25 -39.80 -16.75
C PRO A 357 5.54 -39.95 -15.99
N ARG A 358 6.34 -38.89 -15.89
CA ARG A 358 7.49 -38.88 -14.99
C ARG A 358 7.05 -38.90 -13.53
N LEU A 359 5.84 -38.46 -13.24
CA LEU A 359 5.36 -38.36 -11.87
C LEU A 359 4.71 -39.65 -11.39
N GLY A 360 4.81 -40.72 -12.16
CA GLY A 360 4.28 -42.00 -11.72
C GLY A 360 3.28 -42.59 -12.70
N PRO A 361 2.92 -43.85 -12.50
CA PRO A 361 1.92 -44.49 -13.37
C PRO A 361 0.49 -44.13 -13.03
N ALA A 362 0.21 -43.65 -11.82
CA ALA A 362 -1.17 -43.32 -11.48
C ALA A 362 -1.59 -42.00 -12.11
N VAL A 363 -0.72 -40.99 -12.06
CA VAL A 363 -1.01 -39.70 -12.69
C VAL A 363 -1.10 -39.80 -14.20
N ALA A 364 -0.45 -40.78 -14.82
CA ALA A 364 -0.59 -40.95 -16.25
C ALA A 364 -1.65 -41.96 -16.65
N GLY A 365 -1.89 -42.98 -15.84
CA GLY A 365 -2.93 -43.94 -16.15
C GLY A 365 -4.32 -43.37 -15.97
N SER A 366 -4.48 -42.46 -15.02
CA SER A 366 -5.77 -41.81 -14.85
C SER A 366 -5.99 -40.80 -15.95
N ARG A 367 -7.27 -40.48 -16.17
CA ARG A 367 -7.63 -39.40 -17.06
C ARG A 367 -8.06 -38.15 -16.31
N ALA A 368 -8.58 -38.32 -15.09
CA ALA A 368 -8.95 -37.17 -14.29
C ALA A 368 -7.74 -36.40 -13.80
N ALA A 369 -6.60 -37.08 -13.63
CA ALA A 369 -5.39 -36.39 -13.22
C ALA A 369 -4.86 -35.49 -14.32
N MET A 370 -4.83 -35.98 -15.56
CA MET A 370 -4.40 -35.14 -16.67
C MET A 370 -5.45 -34.11 -17.04
N TRP A 371 -6.69 -34.32 -16.61
CA TRP A 371 -7.72 -33.34 -16.90
C TRP A 371 -7.61 -32.20 -15.91
N ALA A 372 -7.40 -32.51 -14.64
CA ALA A 372 -7.25 -31.44 -13.67
C ALA A 372 -5.94 -30.71 -13.86
N ALA A 373 -4.93 -31.40 -14.39
CA ALA A 373 -3.67 -30.72 -14.72
C ALA A 373 -3.89 -29.70 -15.82
N GLY A 374 -4.63 -30.08 -16.86
CA GLY A 374 -4.91 -29.13 -17.93
C GLY A 374 -5.82 -28.00 -17.51
N LEU A 375 -6.83 -28.31 -16.70
CA LEU A 375 -7.77 -27.27 -16.29
C LEU A 375 -7.14 -26.32 -15.28
N VAL A 376 -6.24 -26.80 -14.43
CA VAL A 376 -5.56 -25.88 -13.51
C VAL A 376 -4.52 -25.06 -14.24
N LEU A 377 -3.83 -25.64 -15.24
CA LEU A 377 -2.96 -24.85 -16.11
C LEU A 377 -3.74 -23.75 -16.82
N LEU A 378 -4.95 -24.07 -17.29
CA LEU A 378 -5.77 -23.07 -17.95
C LEU A 378 -6.24 -22.01 -16.96
N GLY A 379 -6.69 -22.44 -15.76
CA GLY A 379 -7.26 -21.50 -14.81
C GLY A 379 -6.23 -20.66 -14.09
N ALA A 380 -4.97 -21.09 -14.08
CA ALA A 380 -3.89 -20.31 -13.53
C ALA A 380 -3.15 -19.53 -14.60
N TRP A 381 -3.39 -19.84 -15.87
CA TRP A 381 -2.76 -19.15 -16.98
C TRP A 381 -3.59 -17.97 -17.44
N MET A 382 -4.90 -18.17 -17.52
CA MET A 382 -5.79 -17.22 -18.16
C MET A 382 -5.91 -15.83 -17.53
N PRO A 383 -5.76 -15.61 -16.20
CA PRO A 383 -5.78 -14.22 -15.73
C PRO A 383 -4.46 -13.46 -15.87
N PHE A 384 -3.33 -14.14 -15.69
CA PHE A 384 -2.06 -13.46 -15.48
C PHE A 384 -1.14 -13.52 -16.68
N ASN A 385 -0.88 -14.70 -17.23
CA ASN A 385 0.17 -14.81 -18.21
C ASN A 385 -0.25 -14.38 -19.60
N ASN A 386 -1.51 -14.03 -19.81
CA ASN A 386 -1.96 -13.73 -21.16
C ASN A 386 -1.53 -12.36 -21.64
N GLY A 387 -1.08 -11.47 -20.76
CA GLY A 387 -0.73 -10.14 -21.19
C GLY A 387 0.64 -10.05 -21.83
N LEU A 388 1.40 -9.01 -21.51
CA LEU A 388 2.78 -8.92 -21.95
C LEU A 388 3.76 -8.96 -20.79
N ARG A 389 3.27 -9.06 -19.56
CA ARG A 389 4.14 -9.22 -18.43
C ARG A 389 4.78 -10.59 -18.49
N PRO A 390 6.08 -10.69 -18.50
CA PRO A 390 6.72 -12.01 -18.68
C PRO A 390 6.68 -12.80 -17.38
N GLU A 391 5.50 -13.34 -17.08
CA GLU A 391 5.38 -14.38 -16.08
C GLU A 391 4.99 -15.71 -16.69
N GLY A 392 4.46 -15.72 -17.90
CA GLY A 392 4.30 -16.97 -18.61
C GLY A 392 5.63 -17.58 -18.99
N GLN A 393 6.61 -16.73 -19.29
CA GLN A 393 7.91 -17.24 -19.67
C GLN A 393 8.68 -17.74 -18.46
N ILE A 394 8.38 -17.21 -17.27
CA ILE A 394 8.96 -17.78 -16.07
C ILE A 394 8.33 -19.13 -15.77
N ALA A 395 7.06 -19.31 -16.13
CA ALA A 395 6.40 -20.60 -15.98
C ALA A 395 7.03 -21.63 -16.89
N THR A 396 7.21 -21.27 -18.16
CA THR A 396 7.89 -22.16 -19.09
C THR A 396 9.36 -22.35 -18.77
N GLY A 397 9.98 -21.39 -18.08
CA GLY A 397 11.35 -21.58 -17.64
C GLY A 397 11.48 -22.57 -16.51
N ALA A 398 10.61 -22.44 -15.51
CA ALA A 398 10.61 -23.37 -14.39
C ALA A 398 10.23 -24.77 -14.84
N LEU A 399 9.28 -24.88 -15.78
CA LEU A 399 8.89 -26.21 -16.25
C LEU A 399 9.97 -26.84 -17.12
N ILE A 400 10.65 -26.04 -17.95
CA ILE A 400 11.71 -26.60 -18.78
C ILE A 400 12.90 -27.02 -17.91
N THR A 401 13.25 -26.22 -16.91
CA THR A 401 14.36 -26.64 -16.06
C THR A 401 13.97 -27.79 -15.15
N TYR A 402 12.68 -27.95 -14.82
CA TYR A 402 12.30 -29.10 -14.01
C TYR A 402 12.31 -30.37 -14.83
N VAL A 403 11.78 -30.35 -16.05
CA VAL A 403 11.81 -31.58 -16.82
C VAL A 403 13.22 -31.86 -17.34
N LEU A 404 14.05 -30.82 -17.47
CA LEU A 404 15.41 -31.00 -17.93
C LEU A 404 16.34 -31.40 -16.81
N ILE A 405 15.93 -31.21 -15.56
CA ILE A 405 16.67 -31.83 -14.48
C ILE A 405 16.15 -33.25 -14.21
N GLU A 406 14.87 -33.53 -14.49
CA GLU A 406 14.39 -34.86 -14.20
C GLU A 406 14.78 -35.89 -15.25
N ARG A 407 14.93 -35.45 -16.48
CA ARG A 407 15.38 -36.33 -17.55
C ARG A 407 16.80 -36.76 -17.22
N ALA A 408 17.60 -35.81 -16.73
CA ALA A 408 18.98 -36.07 -16.34
C ALA A 408 19.04 -36.93 -15.10
N VAL A 409 18.04 -36.85 -14.21
CA VAL A 409 18.01 -37.74 -13.06
C VAL A 409 17.72 -39.18 -13.50
N THR A 410 16.79 -39.36 -14.44
CA THR A 410 16.47 -40.72 -14.90
C THR A 410 17.62 -41.34 -15.67
N SER A 411 18.00 -40.73 -16.78
CA SER A 411 18.96 -41.38 -17.68
C SER A 411 20.40 -41.30 -17.19
N GLY A 412 20.66 -40.60 -16.09
CA GLY A 412 21.99 -40.55 -15.54
C GLY A 412 22.99 -39.67 -16.25
N ARG A 413 22.57 -38.92 -17.27
CA ARG A 413 23.50 -38.11 -18.03
C ARG A 413 23.80 -36.82 -17.28
N LEU A 414 24.52 -35.90 -17.91
CA LEU A 414 24.77 -34.61 -17.30
C LEU A 414 24.52 -33.43 -18.23
N THR A 415 24.54 -33.61 -19.54
CA THR A 415 24.21 -32.49 -20.42
C THR A 415 22.76 -32.01 -20.34
N PRO A 416 21.73 -32.82 -20.01
CA PRO A 416 20.47 -32.18 -19.65
C PRO A 416 20.52 -31.45 -18.34
N ALA A 417 21.39 -31.87 -17.41
CA ALA A 417 21.54 -31.11 -16.17
C ALA A 417 22.24 -29.79 -16.43
N ALA A 418 23.21 -29.77 -17.34
CA ALA A 418 23.88 -28.51 -17.67
C ALA A 418 22.98 -27.59 -18.48
N LEU A 419 22.13 -28.18 -19.33
CA LEU A 419 21.15 -27.35 -20.03
C LEU A 419 20.09 -26.83 -19.06
N ALA A 420 19.79 -27.58 -18.00
CA ALA A 420 18.88 -27.07 -16.99
C ALA A 420 19.53 -25.96 -16.18
N ILE A 421 20.84 -26.06 -15.95
CA ILE A 421 21.59 -24.98 -15.30
C ILE A 421 21.50 -23.71 -16.14
N THR A 422 21.74 -23.82 -17.44
CA THR A 422 21.73 -22.61 -18.28
C THR A 422 20.31 -22.11 -18.52
N THR A 423 19.30 -22.96 -18.46
CA THR A 423 17.95 -22.48 -18.63
C THR A 423 17.42 -21.82 -17.36
N ALA A 424 17.75 -22.37 -16.19
CA ALA A 424 17.42 -21.68 -14.95
C ALA A 424 18.21 -20.40 -14.79
N ALA A 425 19.41 -20.35 -15.37
CA ALA A 425 20.17 -19.10 -15.39
C ALA A 425 19.50 -18.09 -16.31
N PHE A 426 19.06 -18.54 -17.50
CA PHE A 426 18.43 -17.65 -18.48
C PHE A 426 17.11 -17.10 -17.97
N THR A 427 16.25 -17.97 -17.46
CA THR A 427 14.96 -17.53 -16.94
C THR A 427 15.02 -17.10 -15.49
N LEU A 428 16.22 -16.93 -14.95
CA LEU A 428 16.42 -15.97 -13.87
C LEU A 428 16.52 -14.57 -14.43
N GLY A 429 16.99 -14.43 -15.66
CA GLY A 429 17.25 -13.13 -16.21
C GLY A 429 16.03 -12.42 -16.75
N ILE A 430 14.93 -13.14 -16.97
CA ILE A 430 13.79 -12.50 -17.62
C ILE A 430 13.13 -11.50 -16.69
N GLN A 431 12.95 -11.87 -15.43
CA GLN A 431 12.34 -11.03 -14.43
C GLN A 431 12.99 -11.29 -13.08
N PRO A 432 12.99 -10.32 -12.16
CA PRO A 432 13.55 -10.58 -10.83
C PRO A 432 12.68 -11.50 -10.02
N THR A 433 11.45 -11.73 -10.46
CA THR A 433 10.59 -12.78 -9.92
C THR A 433 10.82 -14.11 -10.58
N GLY A 434 11.95 -14.28 -11.27
CA GLY A 434 12.30 -15.56 -11.84
C GLY A 434 13.15 -16.41 -10.93
N LEU A 435 12.95 -16.29 -9.61
CA LEU A 435 13.71 -17.15 -8.72
C LEU A 435 13.07 -18.53 -8.54
N ILE A 436 11.95 -18.79 -9.21
CA ILE A 436 11.42 -20.14 -9.23
C ILE A 436 12.32 -21.04 -10.07
N ALA A 437 13.06 -20.48 -11.01
CA ALA A 437 14.00 -21.26 -11.80
C ALA A 437 15.17 -21.73 -10.94
N VAL A 438 15.75 -20.84 -10.14
CA VAL A 438 16.86 -21.27 -9.32
C VAL A 438 16.38 -22.09 -8.13
N ALA A 439 15.11 -21.95 -7.76
CA ALA A 439 14.57 -22.87 -6.75
C ALA A 439 14.41 -24.27 -7.33
N ALA A 440 13.97 -24.36 -8.59
CA ALA A 440 13.87 -25.66 -9.24
C ALA A 440 15.23 -26.27 -9.50
N LEU A 441 16.23 -25.41 -9.72
CA LEU A 441 17.60 -25.88 -9.85
C LEU A 441 18.14 -26.40 -8.52
N LEU A 442 17.82 -25.71 -7.43
CA LEU A 442 18.36 -26.07 -6.13
C LEU A 442 17.68 -27.31 -5.58
N ALA A 443 16.41 -27.54 -5.93
CA ALA A 443 15.67 -28.68 -5.39
C ALA A 443 16.23 -30.01 -5.89
N GLY A 444 16.79 -30.04 -7.09
CA GLY A 444 17.48 -31.23 -7.54
C GLY A 444 18.98 -31.21 -7.26
N GLY A 445 19.37 -30.68 -6.10
CA GLY A 445 20.80 -30.54 -5.82
C GLY A 445 21.46 -31.86 -5.48
N ARG A 446 20.81 -32.65 -4.62
CA ARG A 446 21.34 -33.98 -4.30
C ARG A 446 21.36 -34.95 -5.49
N PRO A 447 20.32 -35.05 -6.36
CA PRO A 447 20.47 -35.99 -7.47
C PRO A 447 21.51 -35.56 -8.49
N ILE A 448 21.65 -34.26 -8.76
CA ILE A 448 22.73 -33.78 -9.62
C ILE A 448 24.09 -34.11 -9.02
N LEU A 449 24.23 -33.89 -7.71
CA LEU A 449 25.50 -34.20 -7.05
C LEU A 449 25.80 -35.69 -7.04
N ARG A 450 24.78 -36.53 -6.93
CA ARG A 450 25.02 -37.96 -6.98
C ARG A 450 25.29 -38.44 -8.41
N ILE A 451 24.76 -37.71 -9.41
CA ILE A 451 25.13 -38.00 -10.79
C ILE A 451 26.60 -37.67 -11.03
N VAL A 452 27.05 -36.53 -10.47
CA VAL A 452 28.45 -36.14 -10.58
C VAL A 452 29.34 -37.15 -9.87
N MET A 453 28.90 -37.63 -8.71
CA MET A 453 29.66 -38.63 -7.97
C MET A 453 29.66 -40.00 -8.66
N ARG A 454 28.62 -40.30 -9.43
CA ARG A 454 28.61 -41.56 -10.18
C ARG A 454 29.60 -41.51 -11.34
N ARG A 455 29.64 -40.40 -12.06
CA ARG A 455 30.55 -40.23 -13.17
C ARG A 455 31.90 -39.69 -12.74
N ARG A 456 32.11 -39.60 -11.43
CA ARG A 456 33.37 -39.10 -10.89
C ARG A 456 34.49 -40.14 -10.96
N ARG A 457 34.13 -41.40 -11.23
CA ARG A 457 35.15 -42.45 -11.31
C ARG A 457 35.73 -42.55 -12.70
N LEU A 458 34.86 -42.65 -13.72
CA LEU A 458 35.34 -42.91 -15.07
C LEU A 458 36.03 -41.68 -15.66
N VAL A 459 35.49 -40.50 -15.41
CA VAL A 459 36.09 -39.23 -15.81
C VAL A 459 36.31 -38.40 -14.56
N GLY A 460 37.45 -37.71 -14.49
CA GLY A 460 37.82 -36.94 -13.33
C GLY A 460 36.91 -35.74 -13.10
N THR A 461 37.04 -35.16 -11.90
CA THR A 461 36.14 -34.10 -11.46
C THR A 461 36.27 -32.85 -12.29
N TRP A 462 37.47 -32.56 -12.74
CA TRP A 462 37.75 -31.28 -13.37
C TRP A 462 37.19 -31.14 -14.79
N PRO A 463 37.17 -32.18 -15.64
CA PRO A 463 36.38 -32.04 -16.88
C PRO A 463 34.90 -32.27 -16.71
N LEU A 464 34.41 -32.51 -15.49
CA LEU A 464 33.01 -32.76 -15.28
C LEU A 464 32.24 -31.53 -14.83
N ILE A 465 32.80 -30.74 -13.91
CA ILE A 465 32.09 -29.59 -13.38
C ILE A 465 32.53 -28.29 -14.03
N ALA A 466 33.52 -28.33 -14.90
CA ALA A 466 33.91 -27.14 -15.65
C ALA A 466 32.88 -26.73 -16.70
N PRO A 467 32.21 -27.62 -17.45
CA PRO A 467 31.10 -27.14 -18.29
C PRO A 467 29.88 -26.71 -17.50
N LEU A 468 29.73 -27.16 -16.25
CA LEU A 468 28.64 -26.66 -15.42
C LEU A 468 28.87 -25.20 -15.06
N LEU A 469 30.09 -24.86 -14.64
CA LEU A 469 30.39 -23.46 -14.37
C LEU A 469 30.53 -22.67 -15.65
N ALA A 470 30.79 -23.33 -16.77
CA ALA A 470 30.77 -22.63 -18.05
C ALA A 470 29.35 -22.27 -18.46
N ALA A 471 28.43 -23.23 -18.36
CA ALA A 471 27.04 -22.99 -18.71
C ALA A 471 26.23 -22.48 -17.55
N GLY A 472 26.87 -21.89 -16.55
CA GLY A 472 26.12 -21.29 -15.47
C GLY A 472 26.20 -19.78 -15.54
N THR A 473 27.28 -19.28 -16.13
CA THR A 473 27.59 -17.86 -16.13
C THR A 473 27.49 -17.25 -17.51
N VAL A 474 26.84 -17.93 -18.46
CA VAL A 474 26.66 -17.37 -19.81
C VAL A 474 25.39 -16.52 -19.87
N ILE A 475 24.58 -16.56 -18.81
CA ILE A 475 23.55 -15.55 -18.61
C ILE A 475 24.15 -14.14 -18.50
N LEU A 476 25.37 -14.04 -17.97
CA LEU A 476 26.06 -12.74 -17.94
C LEU A 476 26.49 -12.26 -19.33
N ALA A 477 26.52 -13.14 -20.32
CA ALA A 477 26.89 -12.75 -21.67
C ALA A 477 25.71 -12.18 -22.45
N VAL A 478 24.51 -12.22 -21.90
CA VAL A 478 23.34 -11.72 -22.59
C VAL A 478 22.80 -10.59 -21.73
N VAL A 479 23.00 -10.70 -20.41
CA VAL A 479 22.61 -9.63 -19.51
C VAL A 479 23.53 -8.42 -19.67
N PHE A 480 24.85 -8.63 -19.63
CA PHE A 480 25.78 -7.52 -19.68
C PHE A 480 26.29 -7.27 -21.08
N ALA A 481 25.43 -7.45 -22.08
CA ALA A 481 25.85 -7.28 -23.47
C ALA A 481 26.15 -5.83 -23.78
N ASP A 482 25.40 -4.90 -23.20
CA ASP A 482 25.67 -3.49 -23.45
C ASP A 482 25.50 -2.65 -22.20
N GLN A 483 25.74 -3.23 -21.02
CA GLN A 483 25.72 -2.46 -19.78
C GLN A 483 26.94 -2.83 -18.95
N THR A 484 27.75 -1.84 -18.62
CA THR A 484 28.86 -1.99 -17.70
C THR A 484 28.32 -2.26 -16.29
N ILE A 485 29.16 -2.89 -15.46
CA ILE A 485 28.79 -3.19 -14.09
C ILE A 485 28.60 -1.91 -13.26
N ALA A 486 29.39 -0.87 -13.54
CA ALA A 486 29.17 0.39 -12.84
C ALA A 486 27.88 1.05 -13.29
N THR A 487 27.58 0.92 -14.58
CA THR A 487 26.33 1.42 -15.13
C THR A 487 25.15 0.65 -14.58
N VAL A 488 25.30 -0.66 -14.40
CA VAL A 488 24.20 -1.43 -13.83
C VAL A 488 24.01 -1.11 -12.34
N LEU A 489 25.11 -0.85 -11.61
CA LEU A 489 24.96 -0.47 -10.20
C LEU A 489 24.28 0.87 -10.05
N GLU A 490 24.62 1.82 -10.94
CA GLU A 490 23.93 3.09 -10.94
C GLU A 490 22.49 2.96 -11.45
N ALA A 491 22.20 1.92 -12.21
CA ALA A 491 20.84 1.68 -12.62
C ALA A 491 20.02 0.97 -11.57
N THR A 492 20.65 0.23 -10.66
CA THR A 492 19.86 -0.48 -9.66
C THR A 492 19.75 0.26 -8.34
N ARG A 493 20.65 1.20 -8.05
CA ARG A 493 20.45 1.98 -6.83
C ARG A 493 19.29 2.95 -6.99
N ILE A 494 19.15 3.46 -8.22
CA ILE A 494 18.15 4.44 -8.62
C ILE A 494 16.73 4.00 -8.29
N ARG A 495 16.47 2.72 -8.49
CA ARG A 495 15.15 2.15 -8.17
C ARG A 495 15.10 2.00 -6.65
N THR A 496 16.25 1.70 -6.06
CA THR A 496 16.39 1.55 -4.63
C THR A 496 16.21 2.87 -3.88
N ALA A 497 16.48 4.02 -4.50
CA ALA A 497 16.29 5.22 -3.71
C ALA A 497 14.89 5.77 -3.91
N ILE A 498 14.55 6.10 -5.15
CA ILE A 498 13.29 6.78 -5.40
C ILE A 498 12.21 5.77 -5.69
N GLY A 499 12.59 4.51 -5.76
CA GLY A 499 11.66 3.49 -6.19
C GLY A 499 10.69 3.12 -5.11
N PRO A 500 9.79 2.22 -5.41
CA PRO A 500 8.92 1.66 -4.37
C PRO A 500 9.71 0.66 -3.54
N SER A 501 9.88 0.96 -2.26
CA SER A 501 10.56 0.03 -1.36
C SER A 501 9.60 -1.07 -0.93
N GLN A 502 10.10 -2.05 -0.17
CA GLN A 502 9.28 -3.18 0.24
C GLN A 502 8.15 -2.82 1.18
N GLU A 503 8.21 -1.64 1.82
CA GLU A 503 7.15 -1.14 2.67
C GLU A 503 6.16 -0.28 1.89
N TRP A 504 6.32 -0.17 0.58
CA TRP A 504 5.39 0.61 -0.25
C TRP A 504 4.39 -0.25 -1.00
N TRP A 505 4.75 -1.46 -1.38
CA TRP A 505 3.85 -2.37 -2.07
C TRP A 505 2.86 -3.03 -1.12
N THR A 506 3.11 -2.99 0.18
CA THR A 506 2.25 -3.67 1.12
C THR A 506 0.94 -2.91 1.32
N GLU A 507 0.99 -1.58 1.45
CA GLU A 507 -0.24 -0.82 1.54
C GLU A 507 -0.61 -0.25 0.18
N ASN A 508 -0.64 -1.12 -0.82
CA ASN A 508 -1.00 -0.76 -2.18
C ASN A 508 -1.57 -1.98 -2.89
N LEU A 509 -2.09 -2.93 -2.12
CA LEU A 509 -2.64 -4.14 -2.70
C LEU A 509 -4.04 -4.41 -2.16
N ARG A 510 -4.59 -3.45 -1.42
CA ARG A 510 -5.91 -3.65 -0.85
C ARG A 510 -6.78 -2.40 -1.02
N TYR A 511 -6.15 -1.23 -1.06
CA TYR A 511 -6.80 0.05 -0.78
C TYR A 511 -7.94 0.44 -1.71
N TYR A 512 -7.65 0.64 -2.99
CA TYR A 512 -8.69 1.10 -3.90
C TYR A 512 -8.75 0.19 -5.12
N TYR A 513 -7.96 -0.89 -5.09
CA TYR A 513 -7.68 -1.79 -6.20
C TYR A 513 -7.20 -0.99 -7.40
N LEU A 514 -6.16 -0.20 -7.15
CA LEU A 514 -5.50 0.64 -8.14
C LEU A 514 -4.61 -0.24 -9.01
N ILE A 515 -4.51 0.09 -10.29
CA ILE A 515 -3.64 -0.62 -11.20
C ILE A 515 -2.21 -0.37 -10.77
N LEU A 516 -1.45 -1.44 -10.52
CA LEU A 516 -0.04 -1.32 -10.18
C LEU A 516 0.81 -1.94 -11.29
N PRO A 517 2.07 -1.49 -11.49
CA PRO A 517 2.83 -1.89 -12.68
C PRO A 517 3.17 -3.36 -12.84
N THR A 518 3.75 -4.01 -11.84
CA THR A 518 4.01 -5.44 -11.99
C THR A 518 3.41 -6.22 -10.83
N THR A 519 2.10 -6.47 -10.88
CA THR A 519 1.32 -7.13 -9.82
C THR A 519 -0.08 -7.41 -10.35
N ASP A 520 -0.70 -8.51 -9.93
CA ASP A 520 -2.16 -8.57 -9.84
C ASP A 520 -2.53 -8.94 -8.41
N GLY A 521 -3.34 -8.10 -7.77
CA GLY A 521 -3.77 -8.34 -6.41
C GLY A 521 -5.22 -8.75 -6.31
N ALA A 522 -6.06 -8.38 -7.21
CA ALA A 522 -7.36 -8.90 -6.98
C ALA A 522 -7.17 -10.36 -7.30
N ILE A 523 -7.13 -10.62 -8.57
CA ILE A 523 -7.03 -11.96 -9.00
C ILE A 523 -5.89 -12.79 -8.49
N SER A 524 -4.71 -12.24 -8.23
CA SER A 524 -3.55 -13.02 -7.72
C SER A 524 -3.74 -13.74 -6.43
N ARG A 525 -4.28 -13.03 -5.45
CA ARG A 525 -4.52 -13.61 -4.13
C ARG A 525 -5.75 -14.49 -4.25
N ARG A 526 -6.64 -14.15 -5.17
CA ARG A 526 -7.87 -14.91 -5.37
C ARG A 526 -7.64 -16.10 -6.30
N VAL A 527 -6.51 -16.11 -6.97
CA VAL A 527 -6.16 -17.19 -7.89
C VAL A 527 -5.28 -18.14 -7.08
N ALA A 528 -4.44 -17.56 -6.22
CA ALA A 528 -3.55 -18.33 -5.41
C ALA A 528 -3.97 -18.70 -4.00
N PHE A 529 -5.26 -18.64 -3.69
CA PHE A 529 -5.68 -19.16 -2.45
C PHE A 529 -6.22 -20.47 -2.98
N VAL A 530 -6.94 -20.45 -4.09
CA VAL A 530 -7.53 -21.72 -4.43
C VAL A 530 -6.46 -22.64 -4.99
N PHE A 531 -5.97 -22.30 -6.17
CA PHE A 531 -5.31 -23.28 -7.03
C PHE A 531 -3.88 -23.62 -6.59
N THR A 532 -3.40 -23.09 -5.47
CA THR A 532 -2.27 -23.69 -4.78
C THR A 532 -2.49 -23.57 -3.26
N ALA A 533 -3.74 -23.75 -2.82
CA ALA A 533 -3.99 -24.01 -1.41
C ALA A 533 -5.07 -25.04 -1.13
N MET A 534 -5.91 -25.38 -2.11
CA MET A 534 -6.79 -26.52 -2.02
C MET A 534 -6.25 -27.72 -2.78
N CYS A 535 -5.17 -27.54 -3.51
CA CYS A 535 -4.49 -28.63 -4.15
C CYS A 535 -3.00 -28.67 -3.82
N LEU A 536 -2.51 -27.78 -2.96
CA LEU A 536 -1.15 -27.87 -2.47
C LEU A 536 -1.10 -28.54 -1.10
N PHE A 537 -1.83 -27.98 -0.14
CA PHE A 537 -1.87 -28.55 1.20
C PHE A 537 -2.45 -29.95 1.32
N PRO A 538 -3.57 -30.33 0.66
CA PRO A 538 -4.01 -31.73 0.82
C PRO A 538 -3.06 -32.71 0.20
N SER A 539 -2.51 -32.38 -0.97
CA SER A 539 -1.50 -33.26 -1.55
C SER A 539 -0.23 -33.30 -0.73
N LEU A 540 0.14 -32.18 -0.08
CA LEU A 540 1.29 -32.19 0.81
C LEU A 540 1.07 -33.09 2.01
N PHE A 541 -0.11 -32.96 2.64
CA PHE A 541 -0.42 -33.74 3.83
C PHE A 541 -0.53 -35.22 3.50
N MET A 542 -1.19 -35.56 2.39
CA MET A 542 -1.28 -36.96 2.00
C MET A 542 0.05 -37.48 1.46
N MET A 543 0.95 -36.59 1.05
CA MET A 543 2.28 -37.03 0.64
C MET A 543 3.11 -37.42 1.85
N LEU A 544 3.27 -36.50 2.80
CA LEU A 544 4.20 -36.80 3.88
C LEU A 544 3.57 -37.63 4.99
N ARG A 545 2.24 -37.76 5.02
CA ARG A 545 1.60 -38.61 6.02
C ARG A 545 1.77 -40.08 5.66
N ARG A 546 1.20 -40.48 4.52
CA ARG A 546 1.32 -41.85 4.05
C ARG A 546 2.70 -41.99 3.41
N LYS A 547 3.59 -42.73 4.08
CA LYS A 547 4.96 -42.86 3.61
C LYS A 547 5.11 -43.72 2.35
N HIS A 548 4.17 -44.62 2.05
CA HIS A 548 4.32 -45.47 0.85
C HIS A 548 3.01 -45.54 0.07
N ILE A 549 2.69 -44.48 -0.67
CA ILE A 549 1.45 -44.41 -1.43
C ILE A 549 1.62 -45.24 -2.69
N ALA A 550 0.51 -45.75 -3.23
CA ALA A 550 0.58 -46.85 -4.18
C ALA A 550 1.11 -46.40 -5.52
N GLY A 551 0.41 -45.50 -6.21
CA GLY A 551 0.78 -45.13 -7.56
C GLY A 551 1.85 -44.07 -7.74
N VAL A 552 1.83 -43.06 -6.89
CA VAL A 552 2.72 -41.89 -7.02
C VAL A 552 4.15 -42.25 -6.67
N ALA A 553 5.07 -41.87 -7.57
CA ALA A 553 6.50 -42.16 -7.40
C ALA A 553 7.15 -41.03 -6.62
N ARG A 554 7.70 -41.35 -5.46
CA ARG A 554 8.35 -40.36 -4.61
C ARG A 554 9.71 -39.97 -5.16
N GLY A 555 9.99 -38.67 -5.14
CA GLY A 555 11.23 -38.12 -5.60
C GLY A 555 11.06 -37.18 -6.77
N PRO A 556 10.32 -37.59 -7.80
CA PRO A 556 9.84 -36.60 -8.76
C PRO A 556 8.68 -35.79 -8.25
N ALA A 557 7.97 -36.28 -7.25
CA ALA A 557 6.87 -35.52 -6.66
C ALA A 557 7.36 -34.58 -5.56
N TRP A 558 8.31 -35.04 -4.75
CA TRP A 558 8.84 -34.21 -3.69
C TRP A 558 9.69 -33.07 -4.23
N ARG A 559 10.31 -33.26 -5.39
CA ARG A 559 11.06 -32.17 -6.00
C ARG A 559 10.14 -31.07 -6.50
N LEU A 560 8.99 -31.45 -7.04
CA LEU A 560 8.01 -30.45 -7.48
C LEU A 560 7.38 -29.75 -6.29
N MET A 561 7.11 -30.50 -5.21
CA MET A 561 6.67 -29.91 -3.95
C MET A 561 7.71 -28.96 -3.39
N GLY A 562 8.99 -29.29 -3.56
CA GLY A 562 10.04 -28.41 -3.13
C GLY A 562 10.16 -27.17 -3.97
N ILE A 563 9.83 -27.25 -5.25
CA ILE A 563 9.79 -26.05 -6.10
C ILE A 563 8.72 -25.10 -5.61
N ILE A 564 7.54 -25.65 -5.27
CA ILE A 564 6.44 -24.80 -4.85
C ILE A 564 6.72 -24.22 -3.46
N PHE A 565 7.29 -25.01 -2.56
CA PHE A 565 7.50 -24.49 -1.22
C PHE A 565 8.76 -23.64 -1.12
N ALA A 566 9.71 -23.83 -2.04
CA ALA A 566 10.91 -23.01 -2.04
C ALA A 566 10.59 -21.62 -2.56
N THR A 567 9.78 -21.54 -3.63
CA THR A 567 9.51 -20.24 -4.21
C THR A 567 8.59 -19.39 -3.37
N MET A 568 8.00 -19.99 -2.33
CA MET A 568 7.09 -19.26 -1.44
C MET A 568 7.85 -18.58 -0.31
N PHE A 569 9.11 -18.96 -0.14
CA PHE A 569 9.95 -18.39 0.90
C PHE A 569 11.31 -17.96 0.37
N PHE A 570 11.46 -18.00 -0.96
CA PHE A 570 12.70 -17.62 -1.60
C PHE A 570 12.50 -16.26 -2.27
N LEU A 571 11.43 -16.14 -3.03
CA LEU A 571 11.12 -14.89 -3.73
C LEU A 571 10.06 -14.05 -2.99
N MET A 572 8.93 -14.66 -2.67
CA MET A 572 7.84 -13.92 -2.02
C MET A 572 8.01 -13.49 -0.57
N PHE A 573 8.25 -12.21 -0.41
CA PHE A 573 8.46 -11.68 0.87
C PHE A 573 9.74 -12.04 1.58
N THR A 574 10.78 -11.90 0.81
CA THR A 574 12.17 -11.98 1.25
C THR A 574 12.91 -10.87 0.50
N PRO A 575 13.63 -11.28 -0.50
CA PRO A 575 14.33 -10.43 -1.42
C PRO A 575 13.82 -9.30 -2.38
N THR A 576 12.55 -9.40 -2.75
CA THR A 576 11.82 -8.47 -3.61
C THR A 576 10.44 -8.36 -2.95
N LYS A 577 9.78 -7.23 -3.06
CA LYS A 577 8.51 -7.14 -2.34
C LYS A 577 7.28 -7.14 -3.23
N TRP A 578 7.25 -8.05 -4.18
CA TRP A 578 6.07 -8.20 -4.99
C TRP A 578 5.03 -8.95 -4.18
N ILE A 579 3.76 -8.63 -4.41
CA ILE A 579 2.68 -9.34 -3.73
C ILE A 579 2.44 -10.56 -4.62
N HIS A 580 1.41 -11.41 -4.20
CA HIS A 580 1.15 -12.63 -4.95
C HIS A 580 0.67 -12.36 -6.37
N HIS A 581 1.53 -12.70 -7.32
CA HIS A 581 1.18 -12.76 -8.73
C HIS A 581 1.31 -14.25 -9.04
N PHE A 582 0.16 -14.89 -9.19
CA PHE A 582 0.00 -16.33 -9.28
C PHE A 582 0.49 -16.90 -10.61
N GLY A 583 0.88 -16.05 -11.56
CA GLY A 583 1.22 -16.55 -12.89
C GLY A 583 2.54 -17.26 -12.99
N LEU A 584 3.35 -17.24 -11.93
CA LEU A 584 4.60 -17.99 -11.92
C LEU A 584 4.36 -19.49 -12.04
N PHE A 585 3.70 -20.08 -11.07
CA PHE A 585 3.47 -21.52 -11.13
C PHE A 585 2.10 -21.83 -11.72
N ALA A 586 1.89 -21.34 -12.93
CA ALA A 586 0.74 -21.79 -13.69
C ALA A 586 1.04 -23.10 -14.40
N ALA A 587 2.30 -23.33 -14.78
CA ALA A 587 2.63 -24.59 -15.42
C ALA A 587 2.85 -25.69 -14.38
N VAL A 588 3.81 -25.50 -13.48
CA VAL A 588 4.13 -26.51 -12.49
C VAL A 588 3.08 -26.64 -11.40
N GLY A 589 2.18 -25.66 -11.28
CA GLY A 589 1.06 -25.94 -10.42
C GLY A 589 -0.03 -26.74 -11.06
N GLY A 590 0.12 -27.06 -12.34
CA GLY A 590 -0.84 -27.88 -13.03
C GLY A 590 -0.51 -29.31 -12.63
N ALA A 591 0.77 -29.68 -12.78
CA ALA A 591 1.22 -30.99 -12.35
C ALA A 591 1.03 -31.17 -10.85
N MET A 592 1.20 -30.09 -10.08
CA MET A 592 0.89 -30.13 -8.65
C MET A 592 -0.58 -30.48 -8.40
N ALA A 593 -1.49 -29.85 -9.13
CA ALA A 593 -2.90 -30.19 -9.00
C ALA A 593 -3.22 -31.59 -9.46
N ALA A 594 -2.50 -32.11 -10.46
CA ALA A 594 -2.68 -33.49 -10.87
C ALA A 594 -2.29 -34.46 -9.75
N LEU A 595 -1.19 -34.14 -9.06
CA LEU A 595 -0.82 -34.90 -7.85
C LEU A 595 -1.93 -34.84 -6.81
N ALA A 596 -2.55 -33.68 -6.65
CA ALA A 596 -3.62 -33.56 -5.66
C ALA A 596 -4.85 -34.36 -6.06
N THR A 597 -5.19 -34.39 -7.34
CA THR A 597 -6.40 -35.11 -7.71
C THR A 597 -6.13 -36.58 -7.97
N VAL A 598 -4.90 -37.03 -7.75
CA VAL A 598 -4.65 -38.45 -7.61
C VAL A 598 -4.34 -38.81 -6.17
N LEU A 599 -4.32 -37.81 -5.28
CA LEU A 599 -4.11 -38.07 -3.86
C LEU A 599 -5.39 -37.89 -3.04
N VAL A 600 -6.48 -37.44 -3.64
CA VAL A 600 -7.81 -37.54 -3.03
C VAL A 600 -8.73 -38.44 -3.87
N SER A 601 -8.16 -39.17 -4.82
CA SER A 601 -8.93 -40.14 -5.58
C SER A 601 -9.37 -41.27 -4.67
N PRO A 602 -10.48 -41.96 -4.99
CA PRO A 602 -10.96 -43.06 -4.14
C PRO A 602 -10.01 -44.24 -4.00
N THR A 603 -9.02 -44.38 -4.87
CA THR A 603 -8.11 -45.52 -4.79
C THR A 603 -7.03 -45.31 -3.74
N VAL A 604 -6.86 -44.09 -3.24
CA VAL A 604 -5.84 -43.79 -2.25
C VAL A 604 -6.41 -43.29 -0.93
N LEU A 605 -7.68 -42.89 -0.90
CA LEU A 605 -8.25 -42.35 0.31
C LEU A 605 -9.49 -43.20 0.62
N ARG A 606 -9.33 -44.22 1.47
CA ARG A 606 -10.44 -45.17 1.67
C ARG A 606 -11.58 -44.53 2.44
N SER A 607 -11.29 -43.52 3.25
CA SER A 607 -12.27 -42.89 4.10
C SER A 607 -13.19 -41.96 3.30
N ALA A 608 -14.50 -42.19 3.41
CA ALA A 608 -15.45 -41.24 2.84
C ALA A 608 -15.50 -39.96 3.66
N ARG A 609 -15.18 -40.04 4.94
CA ARG A 609 -15.07 -38.87 5.79
C ARG A 609 -13.98 -37.93 5.28
N ASN A 610 -12.80 -38.48 5.00
CA ASN A 610 -11.67 -37.64 4.66
C ASN A 610 -11.77 -37.10 3.24
N ARG A 611 -12.63 -37.68 2.42
CA ARG A 611 -12.94 -37.13 1.11
C ARG A 611 -14.03 -36.07 1.19
N MET A 612 -15.06 -36.31 2.01
CA MET A 612 -16.15 -35.33 2.11
C MET A 612 -15.71 -34.08 2.84
N ALA A 613 -14.73 -34.19 3.74
CA ALA A 613 -14.19 -32.99 4.37
C ALA A 613 -13.40 -32.17 3.37
N PHE A 614 -12.69 -32.84 2.47
CA PHE A 614 -11.95 -32.11 1.45
C PHE A 614 -12.90 -31.48 0.44
N LEU A 615 -14.02 -32.12 0.15
CA LEU A 615 -15.02 -31.50 -0.72
C LEU A 615 -15.64 -30.28 -0.05
N SER A 616 -15.79 -30.31 1.27
CA SER A 616 -16.25 -29.12 1.98
C SER A 616 -15.22 -28.01 1.92
N LEU A 617 -13.93 -28.37 2.00
CA LEU A 617 -12.87 -27.37 1.85
C LEU A 617 -12.85 -26.78 0.44
N VAL A 618 -13.09 -27.62 -0.57
CA VAL A 618 -13.14 -27.16 -1.96
C VAL A 618 -14.29 -26.17 -2.15
N LEU A 619 -15.47 -26.51 -1.61
CA LEU A 619 -16.61 -25.60 -1.75
C LEU A 619 -16.40 -24.31 -0.95
N PHE A 620 -15.72 -24.38 0.18
CA PHE A 620 -15.44 -23.17 0.97
C PHE A 620 -14.45 -22.27 0.25
N VAL A 621 -13.40 -22.84 -0.32
CA VAL A 621 -12.40 -22.02 -0.99
C VAL A 621 -12.92 -21.50 -2.33
N LEU A 622 -13.87 -22.22 -2.94
CA LEU A 622 -14.51 -21.70 -4.14
C LEU A 622 -15.49 -20.59 -3.79
N ALA A 623 -16.10 -20.66 -2.60
CA ALA A 623 -16.93 -19.55 -2.14
C ALA A 623 -16.10 -18.31 -1.85
N PHE A 624 -14.94 -18.49 -1.21
CA PHE A 624 -14.05 -17.37 -0.96
C PHE A 624 -13.50 -16.78 -2.26
N CYS A 625 -13.33 -17.61 -3.29
CA CYS A 625 -12.85 -17.10 -4.56
C CYS A 625 -13.90 -16.23 -5.26
N PHE A 626 -15.17 -16.56 -5.09
CA PHE A 626 -16.26 -15.78 -5.67
C PHE A 626 -16.68 -14.62 -4.78
N ALA A 627 -15.94 -14.34 -3.70
CA ALA A 627 -16.42 -13.39 -2.70
C ALA A 627 -16.31 -11.95 -3.21
N SER A 628 -15.20 -11.60 -3.83
CA SER A 628 -15.00 -10.24 -4.31
C SER A 628 -15.71 -10.06 -5.65
N THR A 629 -15.44 -8.93 -6.30
CA THR A 629 -16.13 -8.56 -7.53
C THR A 629 -15.64 -9.39 -8.70
N ASN A 630 -16.26 -9.19 -9.86
CA ASN A 630 -15.79 -9.78 -11.11
C ASN A 630 -15.17 -8.65 -11.91
N GLY A 631 -13.92 -8.31 -11.59
CA GLY A 631 -13.32 -7.11 -12.13
C GLY A 631 -11.98 -7.31 -12.82
N TRP A 632 -11.95 -7.01 -14.12
CA TRP A 632 -10.72 -7.06 -14.88
C TRP A 632 -10.09 -5.66 -14.89
N TRP A 633 -8.95 -5.49 -15.55
CA TRP A 633 -8.10 -4.35 -15.20
C TRP A 633 -8.48 -3.04 -15.86
N TYR A 634 -8.21 -2.89 -17.17
CA TYR A 634 -8.35 -1.57 -17.78
C TYR A 634 -9.35 -1.54 -18.92
N VAL A 635 -9.13 -2.30 -19.99
CA VAL A 635 -10.09 -2.40 -21.07
C VAL A 635 -10.58 -3.81 -21.26
N SER A 636 -10.14 -4.73 -20.42
CA SER A 636 -10.71 -6.06 -20.43
C SER A 636 -12.11 -6.05 -19.83
N ASN A 637 -12.36 -5.21 -18.84
CA ASN A 637 -13.71 -5.04 -18.30
C ASN A 637 -14.42 -3.86 -18.95
N PHE A 638 -14.39 -3.78 -20.27
CA PHE A 638 -15.37 -3.00 -21.01
C PHE A 638 -16.52 -3.94 -21.32
N GLY A 639 -17.46 -4.04 -20.39
CA GLY A 639 -18.48 -5.04 -20.49
C GLY A 639 -18.09 -6.29 -19.74
N ALA A 640 -18.89 -6.62 -18.74
CA ALA A 640 -18.71 -7.80 -17.92
C ALA A 640 -20.08 -8.16 -17.38
N PRO A 641 -20.29 -9.41 -16.97
CA PRO A 641 -21.57 -9.74 -16.32
C PRO A 641 -21.79 -8.99 -15.02
N PHE A 642 -20.76 -8.90 -14.19
CA PHE A 642 -20.84 -8.20 -12.89
C PHE A 642 -19.61 -7.31 -12.80
N ASN A 643 -19.75 -6.07 -13.29
CA ASN A 643 -18.59 -5.19 -13.41
C ASN A 643 -18.25 -4.54 -12.07
N ASN A 644 -19.26 -4.04 -11.36
CA ASN A 644 -19.02 -3.26 -10.16
C ASN A 644 -19.28 -4.03 -8.87
N SER A 645 -20.31 -4.86 -8.84
CA SER A 645 -20.74 -5.52 -7.61
C SER A 645 -20.20 -6.95 -7.53
N VAL A 646 -20.55 -7.62 -6.45
CA VAL A 646 -20.29 -9.06 -6.29
C VAL A 646 -21.16 -9.83 -7.26
N PRO A 647 -20.66 -10.89 -7.89
CA PRO A 647 -21.51 -11.72 -8.76
C PRO A 647 -22.60 -12.42 -7.97
N LYS A 648 -23.85 -12.11 -8.31
CA LYS A 648 -25.01 -12.67 -7.63
C LYS A 648 -25.97 -13.24 -8.66
N VAL A 649 -26.61 -14.36 -8.31
CA VAL A 649 -27.56 -15.02 -9.18
C VAL A 649 -28.80 -15.34 -8.36
N GLY A 650 -29.95 -14.87 -8.83
CA GLY A 650 -31.19 -15.11 -8.11
C GLY A 650 -31.32 -14.27 -6.86
N GLY A 651 -30.84 -13.04 -6.90
CA GLY A 651 -30.92 -12.16 -5.74
C GLY A 651 -29.76 -12.32 -4.78
N VAL A 652 -29.56 -13.54 -4.27
CA VAL A 652 -28.51 -13.79 -3.31
C VAL A 652 -27.21 -14.07 -4.07
N GLN A 653 -26.08 -13.84 -3.39
CA GLN A 653 -24.78 -13.96 -4.02
C GLN A 653 -24.42 -15.42 -4.25
N ILE A 654 -23.58 -15.66 -5.26
CA ILE A 654 -23.07 -17.00 -5.50
C ILE A 654 -22.08 -17.41 -4.41
N SER A 655 -21.49 -16.43 -3.74
CA SER A 655 -20.59 -16.70 -2.63
C SER A 655 -21.34 -17.32 -1.46
N ALA A 656 -22.53 -16.82 -1.17
CA ALA A 656 -23.31 -17.35 -0.06
C ALA A 656 -23.82 -18.75 -0.36
N ILE A 657 -24.19 -19.03 -1.61
CA ILE A 657 -24.70 -20.36 -1.90
C ILE A 657 -23.57 -21.37 -1.97
N PHE A 658 -22.36 -20.95 -2.33
CA PHE A 658 -21.25 -21.89 -2.22
C PHE A 658 -20.78 -22.06 -0.77
N PHE A 659 -20.95 -21.01 0.06
CA PHE A 659 -20.76 -21.18 1.51
C PHE A 659 -21.75 -22.18 2.08
N ALA A 660 -22.99 -22.13 1.58
CA ALA A 660 -24.02 -23.06 2.06
C ALA A 660 -23.75 -24.48 1.61
N LEU A 661 -23.27 -24.65 0.38
CA LEU A 661 -22.84 -25.98 -0.07
C LEU A 661 -21.64 -26.48 0.72
N SER A 662 -20.74 -25.59 1.12
CA SER A 662 -19.65 -25.97 1.99
C SER A 662 -20.16 -26.42 3.36
N ALA A 663 -21.17 -25.73 3.87
CA ALA A 663 -21.76 -26.12 5.16
C ALA A 663 -22.45 -27.47 5.07
N ILE A 664 -23.16 -27.71 3.96
CA ILE A 664 -23.83 -29.00 3.74
C ILE A 664 -22.82 -30.14 3.66
N ALA A 665 -21.71 -29.91 2.94
CA ALA A 665 -20.69 -30.94 2.81
C ALA A 665 -19.94 -31.17 4.12
N ALA A 666 -19.71 -30.10 4.90
CA ALA A 666 -19.06 -30.25 6.19
C ALA A 666 -19.95 -30.99 7.17
N LEU A 667 -21.25 -30.74 7.13
CA LEU A 667 -22.16 -31.47 8.00
C LEU A 667 -22.31 -32.92 7.55
N TRP A 668 -22.23 -33.18 6.25
CA TRP A 668 -22.31 -34.56 5.77
C TRP A 668 -21.05 -35.33 6.12
N ALA A 669 -19.92 -34.62 6.24
CA ALA A 669 -18.69 -35.26 6.68
C ALA A 669 -18.69 -35.51 8.17
N PHE A 670 -19.20 -34.54 8.95
CA PHE A 670 -19.27 -34.73 10.40
C PHE A 670 -20.29 -35.80 10.77
N TRP A 671 -21.34 -35.94 9.96
CA TRP A 671 -22.31 -37.00 10.16
C TRP A 671 -21.74 -38.36 9.77
N LEU A 672 -20.90 -38.40 8.75
CA LEU A 672 -20.28 -39.67 8.38
C LEU A 672 -19.08 -40.01 9.25
N HIS A 673 -18.58 -39.07 10.05
CA HIS A 673 -17.52 -39.36 11.01
C HIS A 673 -17.98 -40.36 12.06
N LEU A 674 -19.21 -40.22 12.52
CA LEU A 674 -19.71 -41.02 13.64
C LEU A 674 -20.23 -42.37 13.19
N THR A 675 -20.87 -42.42 12.02
CA THR A 675 -21.40 -43.69 11.50
C THR A 675 -20.27 -44.68 11.20
N ARG A 676 -19.24 -44.21 10.51
CA ARG A 676 -18.10 -45.06 10.16
C ARG A 676 -18.17 -46.39 10.89
N THR A 678 -18.74 -45.76 6.26
CA THR A 678 -17.99 -45.47 5.04
C THR A 678 -18.54 -46.28 3.87
N GLU A 679 -19.79 -46.02 3.51
CA GLU A 679 -20.34 -46.62 2.31
C GLU A 679 -19.86 -45.85 1.08
N SER A 680 -20.19 -46.38 -0.09
CA SER A 680 -19.62 -45.90 -1.35
C SER A 680 -20.69 -45.79 -2.41
N ARG A 681 -21.87 -45.28 -2.05
CA ARG A 681 -22.96 -45.18 -3.02
C ARG A 681 -23.06 -43.79 -3.63
N VAL A 682 -23.23 -42.76 -2.81
CA VAL A 682 -23.37 -41.40 -3.32
C VAL A 682 -22.09 -40.61 -3.17
N VAL A 683 -21.26 -40.96 -2.19
CA VAL A 683 -20.02 -40.23 -1.99
C VAL A 683 -19.00 -40.53 -3.09
N ASP A 684 -18.98 -41.75 -3.63
CA ASP A 684 -18.03 -42.08 -4.68
C ASP A 684 -18.36 -41.40 -6.00
N ARG A 685 -19.64 -41.13 -6.24
CA ARG A 685 -19.99 -40.38 -7.45
C ARG A 685 -19.88 -38.89 -7.28
N LEU A 686 -19.83 -38.39 -6.04
CA LEU A 686 -19.79 -36.95 -5.82
C LEU A 686 -18.38 -36.39 -5.61
N THR A 687 -17.48 -37.13 -4.96
CA THR A 687 -16.15 -36.59 -4.70
C THR A 687 -15.08 -37.24 -5.57
N ALA A 688 -15.48 -38.01 -6.58
CA ALA A 688 -14.53 -38.46 -7.60
C ALA A 688 -14.04 -37.25 -8.40
N ALA A 689 -12.76 -36.91 -8.22
CA ALA A 689 -12.05 -35.82 -8.86
C ALA A 689 -12.70 -34.46 -8.64
N PRO A 690 -12.58 -33.87 -7.45
CA PRO A 690 -13.19 -32.56 -7.21
C PRO A 690 -12.37 -31.39 -7.75
N ILE A 691 -11.07 -31.58 -7.96
CA ILE A 691 -10.22 -30.53 -8.52
C ILE A 691 -10.60 -30.19 -9.96
N PRO A 692 -10.79 -31.14 -10.91
CA PRO A 692 -11.10 -30.67 -12.26
C PRO A 692 -12.48 -30.07 -12.38
N VAL A 693 -13.44 -30.47 -11.55
CA VAL A 693 -14.75 -29.84 -11.65
C VAL A 693 -14.71 -28.43 -11.03
N ALA A 694 -13.90 -28.23 -9.99
CA ALA A 694 -13.78 -26.88 -9.42
C ALA A 694 -13.04 -25.95 -10.37
N ALA A 695 -11.89 -26.42 -10.87
CA ALA A 695 -11.11 -25.61 -11.80
C ALA A 695 -11.84 -25.41 -13.12
N GLY A 696 -12.64 -26.38 -13.54
CA GLY A 696 -13.41 -26.21 -14.76
C GLY A 696 -14.55 -25.26 -14.60
N PHE A 697 -15.16 -25.20 -13.40
CA PHE A 697 -16.16 -24.17 -13.17
C PHE A 697 -15.54 -22.79 -13.16
N MET A 698 -14.34 -22.65 -12.59
CA MET A 698 -13.66 -21.36 -12.62
C MET A 698 -13.26 -20.96 -14.05
N VAL A 699 -12.78 -21.93 -14.83
CA VAL A 699 -12.40 -21.66 -16.22
C VAL A 699 -13.62 -21.27 -17.05
N VAL A 700 -14.74 -21.99 -16.88
CA VAL A 700 -15.89 -21.67 -17.70
C VAL A 700 -16.56 -20.39 -17.24
N VAL A 701 -16.42 -20.00 -15.96
CA VAL A 701 -17.02 -18.72 -15.59
C VAL A 701 -16.13 -17.56 -16.05
N MET A 702 -14.82 -17.74 -16.11
CA MET A 702 -13.97 -16.68 -16.68
C MET A 702 -14.18 -16.55 -18.18
N MET A 703 -14.23 -17.69 -18.88
CA MET A 703 -14.47 -17.68 -20.33
C MET A 703 -15.84 -17.14 -20.66
N ALA A 704 -16.85 -17.47 -19.86
CA ALA A 704 -18.19 -16.97 -20.12
C ALA A 704 -18.30 -15.49 -19.79
N SER A 705 -17.57 -15.03 -18.76
CA SER A 705 -17.54 -13.61 -18.43
C SER A 705 -16.96 -12.80 -19.57
N MET A 706 -15.81 -13.24 -20.10
CA MET A 706 -15.21 -12.48 -21.19
C MET A 706 -16.00 -12.63 -22.49
N ALA A 707 -16.63 -13.77 -22.72
CA ALA A 707 -17.43 -13.94 -23.93
C ALA A 707 -18.70 -13.09 -23.88
N ILE A 708 -19.32 -12.98 -22.70
CA ILE A 708 -20.47 -12.10 -22.53
C ILE A 708 -20.05 -10.65 -22.69
N GLY A 709 -18.86 -10.29 -22.19
CA GLY A 709 -18.38 -8.94 -22.34
C GLY A 709 -18.06 -8.57 -23.78
N VAL A 710 -17.64 -9.55 -24.58
CA VAL A 710 -17.40 -9.28 -26.00
C VAL A 710 -18.72 -9.21 -26.76
N VAL A 711 -19.62 -10.17 -26.53
CA VAL A 711 -20.82 -10.24 -27.35
C VAL A 711 -21.85 -9.19 -26.97
N ARG A 712 -21.76 -8.62 -25.77
CA ARG A 712 -22.66 -7.53 -25.44
C ARG A 712 -22.16 -6.23 -26.02
N GLN A 713 -20.86 -6.00 -25.94
CA GLN A 713 -20.24 -4.74 -26.33
C GLN A 713 -19.63 -4.89 -27.74
N TYR A 714 -20.50 -5.19 -28.72
CA TYR A 714 -19.97 -5.59 -30.03
C TYR A 714 -19.48 -4.43 -30.90
N PRO A 715 -20.29 -3.43 -31.32
CA PRO A 715 -19.83 -2.55 -32.41
C PRO A 715 -18.77 -1.57 -31.95
N THR A 716 -18.72 -1.28 -30.67
CA THR A 716 -17.68 -0.53 -30.03
C THR A 716 -16.53 -1.43 -29.61
N TYR A 717 -15.66 -0.92 -28.76
CA TYR A 717 -14.49 -1.68 -28.33
C TYR A 717 -14.90 -2.78 -27.37
N SER A 718 -14.46 -3.99 -27.68
CA SER A 718 -14.26 -5.04 -26.69
C SER A 718 -12.87 -5.58 -26.92
N ASN A 719 -12.35 -6.32 -25.94
CA ASN A 719 -10.97 -6.79 -26.07
C ASN A 719 -10.84 -7.86 -27.13
N GLY A 720 -11.90 -8.61 -27.40
CA GLY A 720 -11.87 -9.59 -28.45
C GLY A 720 -12.02 -8.98 -29.83
N TRP A 721 -12.84 -7.94 -29.94
CA TRP A 721 -13.08 -7.35 -31.24
C TRP A 721 -11.89 -6.57 -31.73
N ALA A 722 -11.03 -6.11 -30.83
CA ALA A 722 -9.85 -5.40 -31.30
C ALA A 722 -8.81 -6.38 -31.81
N ASN A 723 -8.76 -7.58 -31.22
CA ASN A 723 -7.80 -8.56 -31.70
C ASN A 723 -8.26 -9.18 -33.00
N ILE A 724 -9.58 -9.27 -33.22
CA ILE A 724 -10.05 -9.70 -34.52
C ILE A 724 -9.83 -8.60 -35.56
N ARG A 725 -10.12 -7.35 -35.19
CA ARG A 725 -10.00 -6.22 -36.11
C ARG A 725 -8.56 -5.83 -36.37
N ALA A 726 -7.60 -6.40 -35.66
CA ALA A 726 -6.20 -6.10 -35.92
C ALA A 726 -5.70 -6.67 -37.24
N PHE A 727 -6.35 -7.72 -37.76
CA PHE A 727 -5.96 -8.27 -39.04
C PHE A 727 -6.35 -7.35 -40.18
N ALA A 728 -7.54 -6.77 -40.13
CA ALA A 728 -8.04 -5.94 -41.23
C ALA A 728 -7.68 -4.47 -41.05
N GLY A 729 -6.40 -4.21 -40.81
CA GLY A 729 -5.85 -2.86 -40.77
C GLY A 729 -6.44 -1.96 -39.71
N GLY A 730 -6.69 -2.47 -38.52
CA GLY A 730 -7.36 -1.68 -37.50
C GLY A 730 -6.59 -1.49 -36.22
N CYS A 731 -6.55 -0.27 -35.71
CA CYS A 731 -5.98 0.00 -34.41
C CYS A 731 -6.93 -0.48 -33.32
N GLY A 732 -6.39 -0.59 -32.11
CA GLY A 732 -7.13 -1.19 -31.02
C GLY A 732 -8.27 -0.37 -30.49
N LEU A 733 -7.96 0.72 -29.80
CA LEU A 733 -8.98 1.59 -29.23
C LEU A 733 -9.13 2.88 -30.01
N ALA A 734 -8.09 3.32 -30.71
CA ALA A 734 -8.10 4.58 -31.42
C ALA A 734 -9.03 4.58 -32.63
N ASP A 735 -9.51 3.42 -33.07
CA ASP A 735 -10.49 3.41 -34.15
C ASP A 735 -11.85 3.87 -33.67
N ASP A 736 -12.21 3.61 -32.42
CA ASP A 736 -13.46 4.10 -31.85
C ASP A 736 -13.18 4.74 -30.51
N VAL A 737 -12.65 5.97 -30.56
CA VAL A 737 -12.71 6.97 -29.51
C VAL A 737 -12.92 8.28 -30.24
N LEU A 738 -14.13 8.79 -30.26
CA LEU A 738 -14.40 9.98 -31.03
C LEU A 738 -13.96 11.20 -30.24
N VAL A 739 -13.05 11.99 -30.80
CA VAL A 739 -12.49 13.17 -30.15
C VAL A 739 -12.91 14.39 -30.95
N GLU A 740 -13.25 15.48 -30.26
CA GLU A 740 -13.56 16.72 -30.93
C GLU A 740 -12.29 17.51 -31.17
N PRO A 741 -11.93 17.79 -32.42
CA PRO A 741 -10.74 18.61 -32.67
C PRO A 741 -10.94 20.05 -32.25
N ASP A 742 -12.03 20.66 -32.69
CA ASP A 742 -12.38 22.02 -32.34
C ASP A 742 -13.64 21.95 -31.50
N SER A 743 -13.49 22.06 -30.18
CA SER A 743 -14.59 21.75 -29.29
C SER A 743 -15.65 22.84 -29.26
N ASN A 744 -15.28 24.07 -29.59
CA ASN A 744 -16.25 25.15 -29.72
C ASN A 744 -16.68 25.30 -31.17
N ALA A 745 -17.25 24.22 -31.68
CA ALA A 745 -17.78 24.18 -33.04
C ALA A 745 -18.91 23.17 -33.07
N GLY A 746 -19.97 23.51 -33.80
CA GLY A 746 -21.15 22.68 -33.83
C GLY A 746 -22.21 23.09 -32.84
N PHE A 747 -22.21 24.34 -32.39
CA PHE A 747 -23.21 24.79 -31.43
C PHE A 747 -24.56 24.96 -32.10
N LEU A 748 -25.59 24.48 -31.43
CA LEU A 748 -26.94 24.69 -31.93
C LEU A 748 -27.34 26.15 -31.78
N THR A 749 -28.11 26.62 -32.72
CA THR A 749 -28.51 28.02 -32.76
C THR A 749 -29.90 28.20 -32.20
N PRO A 750 -30.14 29.17 -31.33
CA PRO A 750 -31.44 29.28 -30.68
C PRO A 750 -32.48 29.88 -31.60
N LEU A 751 -33.74 29.53 -31.34
CA LEU A 751 -34.83 30.15 -32.05
C LEU A 751 -34.97 31.61 -31.62
N PRO A 752 -35.41 32.48 -32.53
CA PRO A 752 -35.55 33.90 -32.17
C PRO A 752 -36.68 34.12 -31.18
N GLY A 753 -36.56 35.20 -30.42
CA GLY A 753 -37.53 35.50 -29.39
C GLY A 753 -37.11 36.69 -28.56
N ALA A 754 -37.51 36.68 -27.29
CA ALA A 754 -37.19 37.76 -26.37
C ALA A 754 -36.68 37.15 -25.07
N TYR A 755 -35.43 37.49 -24.72
CA TYR A 755 -34.78 36.96 -23.53
C TYR A 755 -34.25 38.10 -22.68
N GLY A 756 -33.89 37.77 -21.45
CA GLY A 756 -33.48 38.77 -20.48
C GLY A 756 -32.00 39.01 -20.47
N PRO A 757 -31.41 39.08 -19.27
CA PRO A 757 -29.98 39.37 -19.15
C PRO A 757 -29.08 38.15 -19.23
N LEU A 758 -29.63 36.95 -19.10
CA LEU A 758 -28.83 35.74 -19.23
C LEU A 758 -28.60 35.33 -20.66
N GLY A 759 -29.21 36.02 -21.62
CA GLY A 759 -29.09 35.68 -23.01
C GLY A 759 -30.07 34.59 -23.41
N PRO A 760 -29.79 33.94 -24.55
CA PRO A 760 -30.70 32.90 -25.03
C PRO A 760 -30.67 31.64 -24.20
N LEU A 761 -29.60 31.44 -23.42
CA LEU A 761 -29.55 30.28 -22.54
C LEU A 761 -30.56 30.39 -21.41
N GLY A 762 -30.78 31.60 -20.89
CA GLY A 762 -31.89 31.81 -20.00
C GLY A 762 -33.19 31.83 -20.75
N GLY A 763 -34.24 31.34 -20.10
CA GLY A 763 -35.54 31.30 -20.72
C GLY A 763 -36.28 32.62 -20.65
N GLU A 764 -37.58 32.55 -20.41
CA GLU A 764 -38.33 33.77 -20.12
C GLU A 764 -38.10 34.23 -18.70
N ASP A 765 -38.01 33.29 -17.76
CA ASP A 765 -37.77 33.62 -16.36
C ASP A 765 -36.88 32.55 -15.73
N PRO A 766 -35.56 32.71 -15.83
CA PRO A 766 -34.66 31.85 -15.06
C PRO A 766 -34.77 32.22 -13.60
N GLN A 767 -35.17 31.25 -12.77
CA GLN A 767 -35.60 31.57 -11.42
C GLN A 767 -34.43 31.93 -10.52
N GLY A 768 -33.32 31.23 -10.64
CA GLY A 768 -32.18 31.58 -9.81
C GLY A 768 -30.84 31.40 -10.46
N PHE A 769 -30.80 31.23 -11.78
CA PHE A 769 -29.54 30.99 -12.46
C PHE A 769 -28.85 32.32 -12.72
N SER A 770 -27.72 32.53 -12.06
CA SER A 770 -26.92 33.73 -12.20
C SER A 770 -26.15 33.70 -13.51
N PRO A 771 -25.69 34.86 -14.02
CA PRO A 771 -24.88 34.83 -15.25
C PRO A 771 -23.56 34.10 -15.10
N ASP A 772 -22.75 34.44 -14.09
CA ASP A 772 -21.62 33.61 -13.71
C ASP A 772 -21.75 33.32 -12.23
N GLY A 773 -21.82 32.04 -11.89
CA GLY A 773 -22.08 31.74 -10.52
C GLY A 773 -21.21 30.66 -9.92
N VAL A 774 -20.53 29.90 -10.78
CA VAL A 774 -19.87 28.66 -10.38
C VAL A 774 -18.70 28.98 -9.45
N PRO A 775 -18.22 28.04 -8.62
CA PRO A 775 -17.17 28.36 -7.65
C PRO A 775 -15.84 28.76 -8.26
N ASP A 776 -14.90 29.14 -7.41
CA ASP A 776 -13.77 29.93 -7.86
C ASP A 776 -12.79 29.08 -8.67
N ARG A 777 -12.63 27.82 -8.33
CA ARG A 777 -11.72 26.95 -9.08
C ARG A 777 -12.40 25.61 -9.30
N ILE A 778 -13.03 25.46 -10.45
CA ILE A 778 -13.44 24.18 -10.98
C ILE A 778 -12.90 24.10 -12.40
N ILE A 779 -12.37 22.93 -12.74
CA ILE A 779 -11.59 22.75 -13.95
C ILE A 779 -12.22 21.62 -14.75
N ALA A 780 -11.58 21.28 -15.87
CA ALA A 780 -12.15 20.27 -16.74
C ALA A 780 -11.72 18.90 -16.25
N GLU A 781 -12.71 18.06 -15.93
CA GLU A 781 -12.57 16.63 -15.70
C GLU A 781 -11.60 16.28 -14.58
N ALA A 782 -11.45 17.16 -13.60
CA ALA A 782 -10.58 16.90 -12.45
C ALA A 782 -11.07 17.74 -11.29
N ILE A 783 -10.61 17.40 -10.09
CA ILE A 783 -10.97 18.13 -8.87
C ILE A 783 -9.75 18.85 -8.34
N ARG A 784 -9.79 20.18 -8.43
CA ARG A 784 -8.67 21.02 -8.02
C ARG A 784 -8.45 21.09 -6.52
N LEU A 785 -7.56 20.26 -6.01
CA LEU A 785 -7.24 20.29 -4.60
C LEU A 785 -6.34 21.48 -4.27
N ASN A 786 -6.10 21.70 -2.99
CA ASN A 786 -5.38 22.90 -2.56
C ASN A 786 -3.89 22.77 -2.80
N ASN A 787 -3.33 21.66 -2.54
CA ASN A 787 -1.93 21.46 -2.78
C ASN A 787 -1.71 20.91 -4.18
N PRO A 788 -0.62 21.28 -4.87
CA PRO A 788 -0.46 20.88 -6.27
C PRO A 788 -0.15 19.39 -6.38
N GLN A 789 -0.27 18.90 -7.59
CA GLN A 789 -0.23 17.48 -7.88
C GLN A 789 0.65 17.22 -9.09
N PRO A 790 1.08 15.97 -9.33
CA PRO A 790 1.98 15.71 -10.46
C PRO A 790 1.42 15.92 -11.85
N GLY A 791 0.34 15.23 -12.18
CA GLY A 791 -0.10 15.17 -13.55
C GLY A 791 -1.19 16.14 -13.94
N THR A 792 -1.11 17.36 -13.45
CA THR A 792 -2.20 18.30 -13.57
C THR A 792 -2.31 18.85 -14.98
N ASP A 793 -3.40 19.56 -15.23
CA ASP A 793 -3.61 20.28 -16.46
C ASP A 793 -2.92 21.64 -16.35
N TYR A 794 -3.20 22.52 -17.30
CA TYR A 794 -2.80 23.91 -17.15
C TYR A 794 -3.80 24.68 -16.31
N ASP A 795 -5.05 24.23 -16.29
CA ASP A 795 -6.13 24.96 -15.62
C ASP A 795 -6.06 24.91 -14.10
N TRP A 796 -5.13 24.14 -13.53
CA TRP A 796 -4.99 24.09 -12.08
C TRP A 796 -4.55 25.43 -11.52
N ASN A 797 -3.54 26.04 -12.11
CA ASN A 797 -2.98 27.29 -11.62
C ASN A 797 -3.30 28.46 -12.56
N ARG A 798 -4.39 28.37 -13.32
CA ARG A 798 -4.80 29.48 -14.14
C ARG A 798 -5.43 30.57 -13.27
N PRO A 799 -5.51 31.80 -13.78
CA PRO A 799 -6.20 32.86 -13.02
C PRO A 799 -7.67 32.55 -12.78
N ILE A 800 -8.16 32.99 -11.61
CA ILE A 800 -9.44 32.53 -11.09
C ILE A 800 -10.60 33.08 -11.91
N LYS A 801 -10.42 34.24 -12.52
CA LYS A 801 -11.43 34.75 -13.44
C LYS A 801 -10.72 35.50 -14.55
N LEU A 802 -11.47 35.73 -15.64
CA LEU A 802 -10.85 36.27 -16.84
C LEU A 802 -10.62 37.78 -16.72
N ASP A 803 -11.55 38.47 -16.06
CA ASP A 803 -11.72 39.93 -16.14
C ASP A 803 -11.78 40.43 -17.59
N GLU A 804 -12.57 39.72 -18.38
CA GLU A 804 -13.00 39.92 -19.77
C GLU A 804 -14.32 39.19 -19.90
N PRO A 805 -15.45 39.90 -19.75
CA PRO A 805 -16.74 39.22 -19.79
C PRO A 805 -17.06 38.67 -21.17
N GLY A 806 -17.64 37.47 -21.18
CA GLY A 806 -18.02 36.83 -22.41
C GLY A 806 -19.32 37.36 -22.97
N ILE A 807 -20.21 36.45 -23.38
CA ILE A 807 -21.47 36.89 -23.97
C ILE A 807 -22.39 37.44 -22.90
N ASN A 808 -22.80 36.61 -21.96
CA ASN A 808 -23.71 37.07 -20.91
C ASN A 808 -22.95 37.49 -19.65
N GLY A 809 -21.91 38.31 -19.84
CA GLY A 809 -21.14 38.87 -18.74
C GLY A 809 -20.45 37.86 -17.85
N SER A 810 -20.13 36.68 -18.39
CA SER A 810 -19.63 35.58 -17.58
C SER A 810 -18.11 35.69 -17.48
N THR A 811 -17.61 35.95 -16.29
CA THR A 811 -16.18 36.07 -16.09
C THR A 811 -15.50 34.73 -15.83
N VAL A 812 -16.29 33.66 -15.68
CA VAL A 812 -15.76 32.34 -15.37
C VAL A 812 -14.96 31.80 -16.55
N PRO A 813 -13.76 31.27 -16.33
CA PRO A 813 -13.03 30.61 -17.43
C PRO A 813 -13.72 29.31 -17.80
N LEU A 814 -13.90 29.10 -19.09
CA LEU A 814 -14.57 27.93 -19.62
C LEU A 814 -13.58 26.78 -19.76
N PRO A 815 -14.05 25.54 -19.75
CA PRO A 815 -13.15 24.42 -20.04
C PRO A 815 -13.03 24.13 -21.52
N TYR A 816 -12.25 23.10 -21.85
CA TYR A 816 -12.23 22.42 -23.14
C TYR A 816 -11.84 23.32 -24.31
N GLY A 817 -11.24 24.48 -24.02
CA GLY A 817 -10.96 25.41 -25.08
C GLY A 817 -12.16 26.10 -25.66
N LEU A 818 -13.29 26.10 -24.96
CA LEU A 818 -14.43 26.89 -25.38
C LEU A 818 -14.10 28.36 -25.15
N ASP A 819 -14.05 29.14 -26.23
CA ASP A 819 -13.71 30.56 -26.09
C ASP A 819 -14.89 31.29 -25.47
N PRO A 820 -14.70 31.97 -24.34
CA PRO A 820 -15.84 32.51 -23.58
C PRO A 820 -16.55 33.65 -24.27
N LYS A 821 -15.95 34.27 -25.28
CA LYS A 821 -16.59 35.36 -26.01
C LYS A 821 -17.54 34.88 -27.09
N ARG A 822 -17.87 33.59 -27.13
CA ARG A 822 -18.89 33.11 -28.08
C ARG A 822 -19.86 32.12 -27.48
N VAL A 823 -19.60 31.54 -26.31
CA VAL A 823 -20.48 30.55 -25.71
C VAL A 823 -20.93 31.07 -24.34
N PRO A 824 -22.23 31.10 -24.06
CA PRO A 824 -22.70 31.62 -22.79
C PRO A 824 -22.72 30.56 -21.70
N VAL A 825 -22.71 31.03 -20.47
CA VAL A 825 -22.73 30.20 -19.27
C VAL A 825 -23.95 30.59 -18.45
N ALA A 826 -24.49 29.63 -17.71
CA ALA A 826 -25.40 29.91 -16.61
C ALA A 826 -24.94 29.07 -15.43
N GLY A 827 -25.43 29.40 -14.24
CA GLY A 827 -25.00 28.68 -13.06
C GLY A 827 -25.74 29.15 -11.84
N THR A 828 -25.72 28.31 -10.81
CA THR A 828 -26.49 28.56 -9.62
C THR A 828 -25.74 28.24 -8.34
N TYR A 829 -24.46 28.57 -8.27
CA TYR A 829 -23.78 28.63 -7.00
C TYR A 829 -23.76 30.07 -6.54
N SER A 830 -24.03 30.28 -5.25
CA SER A 830 -24.05 31.63 -4.71
C SER A 830 -23.89 31.54 -3.20
N THR A 831 -23.23 32.54 -2.65
CA THR A 831 -23.05 32.66 -1.21
C THR A 831 -24.08 33.56 -0.54
N GLU A 832 -24.94 34.22 -1.31
CA GLU A 832 -25.92 35.13 -0.71
C GLU A 832 -27.15 34.45 -0.14
N ALA A 833 -27.92 33.75 -0.98
CA ALA A 833 -28.91 32.79 -0.49
C ALA A 833 -29.30 31.79 -1.56
N GLN A 834 -29.42 30.53 -1.14
CA GLN A 834 -29.84 29.46 -2.03
C GLN A 834 -31.35 29.53 -2.20
N GLN A 835 -31.85 29.54 -3.44
CA GLN A 835 -33.25 29.85 -3.65
C GLN A 835 -33.92 28.99 -4.72
N GLU A 836 -33.67 27.67 -4.67
CA GLU A 836 -34.25 26.60 -5.52
C GLU A 836 -34.29 26.97 -7.00
N SER A 837 -33.10 27.03 -7.59
CA SER A 837 -32.96 27.56 -8.94
C SER A 837 -33.48 26.60 -9.98
N ARG A 838 -33.94 27.14 -11.11
CA ARG A 838 -34.39 26.37 -12.26
C ARG A 838 -34.43 27.27 -13.47
N LEU A 839 -34.38 26.65 -14.66
CA LEU A 839 -34.42 27.38 -15.92
C LEU A 839 -34.78 26.49 -17.11
N SER A 840 -35.58 27.00 -18.04
CA SER A 840 -35.98 26.25 -19.22
C SER A 840 -35.63 27.09 -20.43
N SER A 841 -34.61 26.69 -21.17
CA SER A 841 -33.98 27.53 -22.16
C SER A 841 -34.84 27.66 -23.42
N ALA A 842 -34.33 28.43 -24.37
CA ALA A 842 -34.98 28.62 -25.64
C ALA A 842 -34.80 27.39 -26.52
N TRP A 843 -35.53 27.36 -27.62
CA TRP A 843 -35.46 26.21 -28.51
C TRP A 843 -34.25 26.31 -29.42
N TYR A 844 -33.43 25.27 -29.39
CA TYR A 844 -32.27 25.16 -30.26
C TYR A 844 -32.62 24.21 -31.41
N GLU A 845 -32.30 24.61 -32.62
CA GLU A 845 -32.67 23.85 -33.81
C GLU A 845 -31.61 22.80 -34.12
N LEU A 846 -32.03 21.53 -34.09
CA LEU A 846 -31.17 20.42 -34.48
C LEU A 846 -30.80 20.57 -35.97
N PRO A 847 -29.59 20.10 -36.39
CA PRO A 847 -28.96 20.68 -37.58
C PRO A 847 -29.63 20.43 -38.93
N ALA A 848 -29.99 19.19 -39.25
CA ALA A 848 -30.50 18.89 -40.59
C ALA A 848 -31.34 17.62 -40.53
N ARG A 849 -31.60 17.05 -41.71
CA ARG A 849 -32.35 15.81 -41.82
C ARG A 849 -31.64 14.79 -42.70
N ASP A 850 -30.36 15.00 -43.01
CA ASP A 850 -29.60 14.05 -43.81
C ASP A 850 -29.28 12.81 -42.99
N GLU A 851 -29.24 11.66 -43.67
CA GLU A 851 -28.89 10.44 -42.96
C GLU A 851 -27.39 10.33 -42.79
N THR A 852 -26.61 10.89 -43.71
CA THR A 852 -25.17 10.91 -43.54
C THR A 852 -24.74 11.91 -42.48
N GLU A 853 -25.59 12.89 -42.16
CA GLU A 853 -25.33 13.76 -41.03
C GLU A 853 -25.79 13.13 -39.72
N ARG A 854 -26.77 12.23 -39.79
CA ARG A 854 -27.22 11.54 -38.58
C ARG A 854 -26.20 10.54 -38.10
N ALA A 855 -25.43 9.96 -39.01
CA ALA A 855 -24.19 9.30 -38.64
C ALA A 855 -23.09 10.34 -38.54
N ALA A 856 -22.07 10.01 -37.74
CA ALA A 856 -20.94 10.88 -37.37
C ALA A 856 -21.37 12.17 -36.66
N HIS A 857 -22.62 12.22 -36.18
CA HIS A 857 -23.06 13.22 -35.19
C HIS A 857 -24.00 12.52 -34.23
N PRO A 858 -23.52 11.54 -33.47
CA PRO A 858 -24.42 10.63 -32.78
C PRO A 858 -24.98 11.16 -31.48
N LEU A 859 -24.58 12.35 -31.04
CA LEU A 859 -25.05 12.87 -29.78
C LEU A 859 -25.20 14.39 -29.81
N VAL A 860 -25.89 14.89 -28.80
CA VAL A 860 -26.05 16.31 -28.52
C VAL A 860 -25.60 16.53 -27.08
N VAL A 861 -24.75 17.53 -26.86
CA VAL A 861 -23.93 17.59 -25.67
C VAL A 861 -24.00 18.98 -25.05
N ILE A 862 -24.27 19.04 -23.74
CA ILE A 862 -24.14 20.25 -22.95
C ILE A 862 -22.97 20.07 -22.00
N THR A 863 -22.15 21.10 -21.87
CA THR A 863 -20.99 21.06 -20.99
C THR A 863 -21.41 21.61 -19.63
N ALA A 864 -21.48 20.76 -18.63
CA ALA A 864 -22.12 21.12 -17.39
C ALA A 864 -21.13 21.03 -16.24
N ALA A 865 -21.60 21.39 -15.04
CA ALA A 865 -20.76 21.34 -13.86
C ALA A 865 -21.65 21.01 -12.66
N GLY A 866 -21.01 20.68 -11.54
CA GLY A 866 -21.74 20.44 -10.32
C GLY A 866 -22.49 19.12 -10.31
N THR A 867 -23.21 18.89 -9.22
CA THR A 867 -23.79 17.58 -8.92
C THR A 867 -25.03 17.36 -9.79
N ILE A 868 -24.99 16.32 -10.62
CA ILE A 868 -25.98 16.10 -11.67
C ILE A 868 -26.37 14.63 -11.70
N THR A 869 -27.68 14.35 -11.71
CA THR A 869 -28.16 13.00 -12.00
C THR A 869 -27.77 12.60 -13.40
N GLY A 870 -27.05 11.49 -13.52
CA GLY A 870 -26.67 10.99 -14.82
C GLY A 870 -26.34 9.51 -14.80
N GLU A 871 -26.88 8.75 -15.75
CA GLU A 871 -26.65 7.31 -15.79
C GLU A 871 -25.21 7.05 -16.23
N SER A 872 -24.40 6.58 -15.30
CA SER A 872 -22.99 6.28 -15.55
C SER A 872 -22.74 4.80 -15.40
N VAL A 873 -21.87 4.24 -16.24
CA VAL A 873 -21.61 2.81 -16.19
C VAL A 873 -20.77 2.46 -14.98
N ALA A 874 -19.85 3.34 -14.59
CA ALA A 874 -18.97 3.06 -13.45
C ALA A 874 -19.73 3.04 -12.14
N ASN A 875 -20.82 3.80 -12.05
CA ASN A 875 -21.72 3.77 -10.89
C ASN A 875 -23.11 4.16 -11.36
N GLY A 876 -24.03 3.20 -11.32
CA GLY A 876 -25.27 3.33 -12.05
C GLY A 876 -26.26 4.29 -11.41
N LEU A 877 -26.68 5.29 -12.19
CA LEU A 877 -27.74 6.23 -11.86
C LEU A 877 -27.41 6.99 -10.57
N THR A 878 -26.32 7.74 -10.63
CA THR A 878 -25.96 8.60 -9.52
C THR A 878 -26.93 9.76 -9.40
N THR A 879 -27.06 10.30 -8.19
CA THR A 879 -28.11 11.25 -7.89
C THR A 879 -27.54 12.57 -7.40
N GLY A 880 -28.29 13.63 -7.67
CA GLY A 880 -27.91 15.00 -7.40
C GLY A 880 -28.98 15.90 -7.97
N GLN A 881 -28.59 16.97 -8.65
CA GLN A 881 -29.58 17.82 -9.31
C GLN A 881 -29.86 17.28 -10.70
N THR A 882 -30.76 17.93 -11.42
CA THR A 882 -31.18 17.42 -12.71
C THR A 882 -30.93 18.48 -13.77
N VAL A 883 -30.36 18.05 -14.90
CA VAL A 883 -30.28 18.86 -16.09
C VAL A 883 -30.38 17.94 -17.30
N ASP A 884 -31.33 18.23 -18.18
CA ASP A 884 -31.66 17.26 -19.21
C ASP A 884 -32.38 17.96 -20.35
N LEU A 885 -32.13 17.47 -21.55
CA LEU A 885 -32.76 18.04 -22.73
C LEU A 885 -34.23 17.71 -22.78
N GLU A 886 -35.03 18.66 -23.23
CA GLU A 886 -36.42 18.43 -23.57
C GLU A 886 -36.55 18.60 -25.08
N TYR A 887 -36.88 17.51 -25.76
CA TYR A 887 -36.96 17.53 -27.21
C TYR A 887 -38.40 17.75 -27.63
N ALA A 888 -38.59 18.61 -28.64
CA ALA A 888 -39.91 19.00 -29.06
C ALA A 888 -39.99 18.99 -30.58
N THR A 889 -41.20 18.84 -31.09
CA THR A 889 -41.45 18.88 -32.51
C THR A 889 -42.59 19.84 -32.81
N ARG A 890 -42.54 20.43 -34.00
CA ARG A 890 -43.52 21.43 -34.42
C ARG A 890 -44.39 20.81 -35.51
N GLY A 891 -45.45 20.13 -35.07
CA GLY A 891 -46.29 19.37 -35.96
C GLY A 891 -47.57 20.01 -36.47
N PRO A 892 -48.48 20.50 -35.56
CA PRO A 892 -49.78 20.99 -36.04
C PRO A 892 -49.75 22.22 -36.93
N ASP A 893 -49.21 23.33 -36.43
CA ASP A 893 -49.26 24.58 -37.19
C ASP A 893 -47.98 25.40 -37.05
N GLY A 894 -46.86 24.73 -36.77
CA GLY A 894 -45.61 25.40 -36.55
C GLY A 894 -45.25 25.70 -35.12
N THR A 895 -46.22 25.75 -34.21
CA THR A 895 -45.89 25.98 -32.82
C THR A 895 -45.26 24.72 -32.22
N LEU A 896 -44.60 24.90 -31.09
CA LEU A 896 -43.76 23.86 -30.53
C LEU A 896 -44.36 23.35 -29.22
N VAL A 897 -44.34 22.03 -29.04
CA VAL A 897 -44.90 21.43 -27.84
C VAL A 897 -43.90 20.42 -27.28
N PRO A 898 -43.55 20.51 -25.99
CA PRO A 898 -42.56 19.58 -25.43
C PRO A 898 -43.13 18.18 -25.30
N ALA A 899 -42.30 17.19 -25.65
CA ALA A 899 -42.69 15.79 -25.58
C ALA A 899 -41.47 14.99 -25.10
N GLY A 900 -41.46 14.65 -23.82
CA GLY A 900 -40.45 13.76 -23.28
C GLY A 900 -39.12 14.45 -23.02
N ARG A 901 -38.29 13.76 -22.26
CA ARG A 901 -36.96 14.25 -21.89
C ARG A 901 -36.00 13.07 -21.89
N VAL A 902 -34.72 13.38 -22.06
CA VAL A 902 -33.68 12.36 -22.19
C VAL A 902 -32.65 12.57 -21.07
N THR A 903 -32.16 11.46 -20.53
CA THR A 903 -31.38 11.52 -19.31
C THR A 903 -29.88 11.49 -19.62
N PRO A 904 -29.06 12.32 -18.98
CA PRO A 904 -27.64 12.40 -19.35
C PRO A 904 -26.84 11.18 -18.92
N TYR A 905 -25.62 11.11 -19.44
CA TYR A 905 -24.75 9.94 -19.42
C TYR A 905 -23.36 10.28 -18.93
N ASP A 906 -23.23 11.19 -17.95
CA ASP A 906 -21.93 11.78 -17.67
C ASP A 906 -21.00 10.80 -16.95
N VAL A 907 -19.70 11.03 -17.10
CA VAL A 907 -18.69 10.16 -16.52
C VAL A 907 -17.75 10.88 -15.57
N GLY A 908 -17.70 12.21 -15.60
CA GLY A 908 -16.65 12.95 -14.95
C GLY A 908 -16.79 12.94 -13.45
N PRO A 909 -15.76 13.41 -12.74
CA PRO A 909 -15.88 13.59 -11.30
C PRO A 909 -16.89 14.69 -11.02
N THR A 910 -17.65 14.51 -9.95
CA THR A 910 -18.93 15.19 -9.86
C THR A 910 -18.98 16.73 -9.70
N PRO A 911 -18.03 17.45 -9.10
CA PRO A 911 -18.17 18.91 -9.13
C PRO A 911 -17.42 19.60 -10.25
N SER A 912 -16.94 18.89 -11.26
CA SER A 912 -16.07 19.45 -12.27
C SER A 912 -16.79 19.70 -13.57
N TRP A 913 -16.17 20.51 -14.42
CA TRP A 913 -16.70 20.79 -15.75
C TRP A 913 -16.52 19.55 -16.62
N ARG A 914 -17.61 18.80 -16.77
CA ARG A 914 -17.65 17.59 -17.60
C ARG A 914 -18.83 17.78 -18.55
N ASN A 915 -18.75 17.20 -19.75
CA ASN A 915 -19.83 17.38 -20.69
C ASN A 915 -20.77 16.18 -20.64
N LEU A 916 -22.06 16.46 -20.57
CA LEU A 916 -23.06 15.41 -20.53
C LEU A 916 -23.35 14.94 -21.94
N ARG A 917 -23.67 13.66 -22.08
CA ARG A 917 -23.85 13.05 -23.39
C ARG A 917 -25.28 12.59 -23.53
N TYR A 918 -25.99 13.19 -24.48
CA TYR A 918 -27.35 12.78 -24.81
C TYR A 918 -27.31 12.16 -26.20
N PRO A 919 -27.50 10.86 -26.34
CA PRO A 919 -27.42 10.26 -27.68
C PRO A 919 -28.63 10.63 -28.51
N ARG A 920 -28.39 10.85 -29.80
CA ARG A 920 -29.46 11.26 -30.69
C ARG A 920 -30.33 10.10 -31.13
N SER A 921 -29.96 8.86 -30.76
CA SER A 921 -30.83 7.73 -30.99
C SER A 921 -32.02 7.72 -30.03
N GLU A 922 -31.93 8.44 -28.92
CA GLU A 922 -33.07 8.58 -28.03
C GLU A 922 -34.16 9.44 -28.65
N ILE A 923 -33.79 10.56 -29.24
CA ILE A 923 -34.78 11.44 -29.85
C ILE A 923 -35.16 10.84 -31.19
N PRO A 924 -36.42 10.91 -31.61
CA PRO A 924 -36.82 10.32 -32.88
C PRO A 924 -36.44 11.22 -34.04
N ASP A 925 -36.75 10.75 -35.25
CA ASP A 925 -36.26 11.41 -36.46
C ASP A 925 -37.05 12.66 -36.81
N ASP A 926 -38.24 12.83 -36.25
CA ASP A 926 -39.02 14.04 -36.48
C ASP A 926 -38.73 15.11 -35.45
N ALA A 927 -37.91 14.81 -34.43
CA ALA A 927 -37.59 15.78 -33.41
C ALA A 927 -36.69 16.87 -33.96
N VAL A 928 -37.06 18.13 -33.74
CA VAL A 928 -36.42 19.26 -34.39
C VAL A 928 -35.80 20.22 -33.39
N ALA A 929 -36.46 20.48 -32.26
CA ALA A 929 -35.99 21.50 -31.34
C ALA A 929 -35.71 20.91 -29.97
N VAL A 930 -34.63 21.37 -29.34
CA VAL A 930 -34.25 20.97 -28.00
C VAL A 930 -34.14 22.22 -27.14
N ARG A 931 -34.27 22.03 -25.83
CA ARG A 931 -34.12 23.11 -24.88
C ARG A 931 -33.65 22.52 -23.56
N VAL A 932 -32.54 23.03 -23.04
CA VAL A 932 -32.00 22.49 -21.81
C VAL A 932 -32.88 22.90 -20.64
N VAL A 933 -33.08 21.99 -19.70
CA VAL A 933 -33.97 22.20 -18.57
C VAL A 933 -33.23 21.76 -17.32
N ALA A 934 -33.10 22.67 -16.35
CA ALA A 934 -32.30 22.41 -15.17
C ALA A 934 -33.13 22.70 -13.92
N GLU A 935 -32.62 22.24 -12.78
CA GLU A 935 -33.20 22.50 -11.45
C GLU A 935 -32.12 22.36 -10.39
N ASP A 936 -32.23 23.16 -9.33
CA ASP A 936 -31.34 23.13 -8.18
C ASP A 936 -32.16 22.94 -6.91
N LEU A 937 -33.02 21.93 -6.89
CA LEU A 937 -33.82 21.65 -5.69
C LEU A 937 -33.01 20.93 -4.61
N SER A 938 -31.97 21.61 -4.13
CA SER A 938 -31.19 21.18 -2.97
C SER A 938 -30.46 22.42 -2.48
N LEU A 939 -30.85 22.89 -1.30
CA LEU A 939 -30.50 24.21 -0.82
C LEU A 939 -29.21 24.24 -0.02
N SER A 940 -28.42 23.18 -0.05
CA SER A 940 -27.14 23.23 0.62
C SER A 940 -26.14 23.99 -0.25
N GLN A 941 -24.96 24.25 0.32
CA GLN A 941 -23.99 25.07 -0.38
C GLN A 941 -23.26 24.29 -1.46
N GLY A 942 -23.03 23.00 -1.24
CA GLY A 942 -22.33 22.20 -2.20
C GLY A 942 -23.17 21.64 -3.33
N ASP A 943 -24.41 22.08 -3.49
CA ASP A 943 -25.30 21.58 -4.55
C ASP A 943 -25.66 22.74 -5.48
N TRP A 944 -25.02 22.74 -6.63
CA TRP A 944 -25.17 23.76 -7.65
C TRP A 944 -24.91 23.09 -8.99
N ILE A 945 -25.40 23.70 -10.06
CA ILE A 945 -25.13 23.20 -11.40
C ILE A 945 -24.80 24.37 -12.31
N ALA A 946 -24.27 24.04 -13.48
CA ALA A 946 -23.98 25.02 -14.51
C ALA A 946 -24.31 24.37 -15.85
N VAL A 947 -24.65 25.20 -16.83
CA VAL A 947 -24.98 24.67 -18.15
C VAL A 947 -24.23 25.44 -19.22
N THR A 948 -24.54 25.16 -20.47
CA THR A 948 -23.90 25.63 -21.68
C THR A 948 -24.85 25.21 -22.78
N PRO A 949 -25.09 26.05 -23.80
CA PRO A 949 -26.04 25.67 -24.85
C PRO A 949 -25.60 24.41 -25.56
N PRO A 950 -26.54 23.57 -25.98
CA PRO A 950 -26.18 22.26 -26.52
C PRO A 950 -25.52 22.35 -27.87
N ARG A 951 -24.62 21.42 -28.12
CA ARG A 951 -23.87 21.37 -29.36
C ARG A 951 -23.84 19.95 -29.90
N VAL A 952 -23.98 19.82 -31.21
CA VAL A 952 -23.70 18.57 -31.91
C VAL A 952 -22.26 18.64 -32.42
N PRO A 953 -21.34 17.89 -31.85
CA PRO A 953 -19.93 18.10 -32.16
C PRO A 953 -19.51 17.43 -33.46
N GLU A 954 -18.41 17.92 -34.00
CA GLU A 954 -17.79 17.35 -35.19
C GLU A 954 -16.83 16.27 -34.70
N LEU A 955 -17.26 15.02 -34.76
CA LEU A 955 -16.52 13.95 -34.12
C LEU A 955 -15.58 13.26 -35.11
N GLN A 956 -14.32 13.17 -34.74
CA GLN A 956 -13.31 12.44 -35.48
C GLN A 956 -12.72 11.38 -34.56
N SER A 957 -12.42 10.22 -35.11
CA SER A 957 -11.78 9.19 -34.31
C SER A 957 -10.34 9.59 -34.02
N VAL A 958 -9.75 8.96 -32.99
CA VAL A 958 -8.44 9.37 -32.50
C VAL A 958 -7.36 9.07 -33.52
N GLN A 959 -7.48 7.92 -34.19
CA GLN A 959 -6.51 7.54 -35.22
C GLN A 959 -6.58 8.46 -36.43
N GLU A 960 -7.75 9.01 -36.73
CA GLU A 960 -7.85 10.00 -37.79
C GLU A 960 -7.23 11.33 -37.37
N TYR A 961 -7.46 11.75 -36.14
CA TYR A 961 -6.95 13.03 -35.68
C TYR A 961 -5.48 12.95 -35.32
N VAL A 962 -5.16 12.16 -34.30
CA VAL A 962 -3.78 11.86 -33.97
C VAL A 962 -3.29 10.76 -34.91
N GLY A 963 -2.31 11.08 -35.74
CA GLY A 963 -1.79 10.12 -36.70
C GLY A 963 -0.90 9.07 -36.07
N SER A 964 0.04 8.59 -36.86
CA SER A 964 1.14 7.79 -36.35
C SER A 964 2.47 8.53 -36.44
N ASP A 965 2.43 9.83 -36.69
CA ASP A 965 3.63 10.65 -36.78
C ASP A 965 3.78 11.63 -35.63
N GLN A 966 2.69 12.19 -35.14
CA GLN A 966 2.75 13.08 -34.00
C GLN A 966 3.03 12.24 -32.75
N PRO A 967 4.15 12.44 -32.07
CA PRO A 967 4.49 11.58 -30.94
C PRO A 967 3.64 11.91 -29.72
N VAL A 968 3.04 10.88 -29.14
CA VAL A 968 2.21 11.04 -27.96
C VAL A 968 2.96 10.46 -26.78
N LEU A 969 2.62 10.94 -25.60
CA LEU A 969 3.11 10.32 -24.37
C LEU A 969 1.98 9.45 -23.88
N MET A 970 2.06 8.16 -24.20
CA MET A 970 1.09 7.23 -23.67
C MET A 970 1.37 7.02 -22.21
N ASP A 971 0.33 7.00 -21.40
CA ASP A 971 0.52 6.57 -20.05
C ASP A 971 0.69 5.06 -20.04
N TRP A 972 1.27 4.53 -18.96
CA TRP A 972 1.67 3.13 -18.98
C TRP A 972 0.50 2.18 -18.90
N ALA A 973 -0.64 2.63 -18.39
CA ALA A 973 -1.81 1.76 -18.32
C ALA A 973 -2.39 1.51 -19.70
N VAL A 974 -2.27 2.47 -20.59
CA VAL A 974 -2.87 2.38 -21.91
C VAL A 974 -1.75 2.38 -22.94
N GLY A 975 -1.26 1.19 -23.25
CA GLY A 975 -0.30 1.05 -24.33
C GLY A 975 -0.75 -0.03 -25.28
N LEU A 976 -1.55 -0.96 -24.79
CA LEU A 976 -1.99 -2.08 -25.60
C LEU A 976 -3.28 -1.78 -26.33
N ALA A 977 -4.09 -0.90 -25.78
CA ALA A 977 -5.30 -0.51 -26.49
C ALA A 977 -4.99 0.46 -27.63
N PHE A 978 -3.87 1.17 -27.54
CA PHE A 978 -3.42 2.12 -28.55
C PHE A 978 -2.12 1.60 -29.14
N PRO A 979 -2.19 0.69 -30.11
CA PRO A 979 -0.97 0.01 -30.58
C PRO A 979 -0.35 0.60 -31.83
N CYS A 980 -0.87 1.73 -32.33
CA CYS A 980 -0.43 2.27 -33.60
C CYS A 980 0.20 3.65 -33.50
N GLN A 981 -0.15 4.44 -32.48
CA GLN A 981 0.37 5.78 -32.36
C GLN A 981 1.82 5.73 -31.88
N GLN A 982 2.69 6.48 -32.54
CA GLN A 982 4.10 6.41 -32.23
C GLN A 982 4.37 7.15 -30.93
N PRO A 983 4.96 6.50 -29.93
CA PRO A 983 5.25 7.19 -28.68
C PRO A 983 6.51 8.03 -28.78
N MET A 984 6.64 8.96 -27.85
CA MET A 984 7.80 9.84 -27.84
C MET A 984 9.02 9.04 -27.42
N LEU A 985 9.98 8.95 -28.32
CA LEU A 985 11.15 8.12 -28.15
C LEU A 985 12.39 8.98 -27.94
N HIS A 986 13.27 8.54 -27.06
CA HIS A 986 14.40 9.36 -26.65
C HIS A 986 15.66 8.83 -27.31
N ALA A 987 16.42 9.74 -27.93
CA ALA A 987 17.63 9.38 -28.65
C ALA A 987 18.81 10.05 -27.99
N ASN A 988 19.69 9.25 -27.39
CA ASN A 988 20.91 9.64 -26.65
C ASN A 988 20.72 10.87 -25.76
N GLY A 989 19.70 10.82 -24.90
CA GLY A 989 19.59 11.71 -23.77
C GLY A 989 18.48 12.73 -23.87
N VAL A 990 18.07 13.10 -25.06
CA VAL A 990 16.95 14.01 -25.23
C VAL A 990 15.79 13.21 -25.81
N THR A 991 14.58 13.67 -25.55
CA THR A 991 13.41 13.00 -26.07
C THR A 991 12.82 13.83 -27.20
N GLU A 992 11.82 13.26 -27.85
CA GLU A 992 10.95 14.10 -28.65
C GLU A 992 10.05 14.88 -27.71
N VAL A 993 9.50 15.98 -28.22
CA VAL A 993 8.53 16.77 -27.47
C VAL A 993 7.14 16.22 -27.80
N PRO A 994 6.37 15.78 -26.81
CA PRO A 994 5.11 15.13 -27.11
C PRO A 994 4.06 16.14 -27.50
N LYS A 995 3.01 15.64 -28.15
CA LYS A 995 1.90 16.48 -28.52
C LYS A 995 0.58 16.01 -27.94
N PHE A 996 0.51 14.81 -27.39
CA PHE A 996 -0.72 14.31 -26.77
C PHE A 996 -0.34 13.43 -25.59
N ARG A 997 -1.31 13.21 -24.71
CA ARG A 997 -1.08 12.50 -23.45
C ARG A 997 -2.21 11.50 -23.16
N ILE A 998 -2.43 10.57 -24.09
CA ILE A 998 -3.45 9.52 -23.96
C ILE A 998 -3.28 8.74 -22.67
N SER A 999 -4.33 8.70 -21.86
CA SER A 999 -4.28 8.39 -20.45
C SER A 999 -5.38 7.40 -20.10
N PRO A 1000 -5.26 6.67 -18.99
CA PRO A 1000 -6.37 5.80 -18.59
C PRO A 1000 -7.49 6.57 -17.92
N ASP A 1001 -8.48 5.85 -17.39
CA ASP A 1001 -9.66 6.48 -16.79
C ASP A 1001 -9.29 7.23 -15.52
N TYR A 1002 -10.28 7.96 -14.98
CA TYR A 1002 -9.99 9.09 -14.10
C TYR A 1002 -9.39 8.64 -12.76
N TYR A 1003 -9.95 7.59 -12.16
CA TYR A 1003 -9.40 7.15 -10.89
C TYR A 1003 -8.05 6.50 -11.05
N ALA A 1004 -7.87 5.71 -12.11
CA ALA A 1004 -6.56 5.09 -12.33
C ALA A 1004 -5.53 6.10 -12.78
N LYS A 1005 -5.96 7.22 -13.35
CA LYS A 1005 -5.02 8.28 -13.70
C LYS A 1005 -4.62 9.06 -12.48
N LEU A 1006 -5.59 9.42 -11.65
CA LEU A 1006 -5.29 10.32 -10.55
C LEU A 1006 -4.55 9.60 -9.43
N GLN A 1007 -4.89 8.34 -9.18
CA GLN A 1007 -4.30 7.64 -8.06
C GLN A 1007 -3.29 6.58 -8.44
N SER A 1008 -3.15 6.25 -9.72
CA SER A 1008 -2.30 5.12 -10.08
C SER A 1008 -1.33 5.37 -11.21
N THR A 1009 -1.47 6.43 -11.97
CA THR A 1009 -0.61 6.62 -13.13
C THR A 1009 0.27 7.86 -13.03
N ASP A 1010 -0.32 9.04 -12.81
CA ASP A 1010 0.54 10.21 -12.69
C ASP A 1010 1.31 10.26 -11.38
N THR A 1011 0.97 9.42 -10.41
CA THR A 1011 1.83 9.23 -9.26
C THR A 1011 2.93 8.22 -9.53
N TRP A 1012 2.87 7.51 -10.65
CA TRP A 1012 3.95 6.64 -11.08
C TRP A 1012 4.93 7.35 -12.01
N GLN A 1013 4.62 8.56 -12.46
CA GLN A 1013 5.58 9.25 -13.31
C GLN A 1013 5.46 10.74 -13.07
N ASP A 1014 6.47 11.31 -12.42
CA ASP A 1014 6.64 12.75 -12.27
C ASP A 1014 8.08 13.03 -11.88
N GLY A 1015 8.41 14.32 -11.84
CA GLY A 1015 9.78 14.75 -11.60
C GLY A 1015 10.27 14.52 -10.19
N ILE A 1016 9.39 14.12 -9.27
CA ILE A 1016 9.82 13.72 -7.94
C ILE A 1016 10.65 12.45 -8.00
N ASN A 1017 10.09 11.40 -8.59
CA ASN A 1017 10.81 10.13 -8.75
C ASN A 1017 10.95 9.86 -10.23
N GLY A 1018 11.98 10.45 -10.84
CA GLY A 1018 12.30 10.20 -12.23
C GLY A 1018 11.22 10.70 -13.16
N GLY A 1019 10.46 9.78 -13.73
CA GLY A 1019 9.21 10.09 -14.37
C GLY A 1019 9.38 10.71 -15.75
N LEU A 1020 8.30 10.64 -16.52
CA LEU A 1020 8.18 11.38 -17.76
C LEU A 1020 7.41 12.68 -17.62
N LEU A 1021 6.53 12.79 -16.62
CA LEU A 1021 5.76 14.01 -16.49
C LEU A 1021 6.59 15.17 -15.99
N GLY A 1022 7.77 14.91 -15.42
CA GLY A 1022 8.65 15.98 -14.98
C GLY A 1022 9.24 16.80 -16.11
N ILE A 1023 9.21 16.28 -17.33
CA ILE A 1023 9.67 17.02 -18.50
C ILE A 1023 8.52 17.38 -19.43
N THR A 1024 7.28 17.18 -18.99
CA THR A 1024 6.13 17.71 -19.70
C THR A 1024 5.44 18.84 -18.98
N ASP A 1025 5.24 18.75 -17.66
CA ASP A 1025 4.60 19.87 -16.98
C ASP A 1025 5.57 21.02 -16.74
N LEU A 1026 6.86 20.79 -16.88
CA LEU A 1026 7.82 21.89 -16.78
C LEU A 1026 7.89 22.68 -18.06
N LEU A 1027 7.55 22.08 -19.19
CA LEU A 1027 7.69 22.71 -20.50
C LEU A 1027 6.38 22.96 -21.20
N LEU A 1028 5.41 22.06 -21.09
CA LEU A 1028 4.19 22.11 -21.88
C LEU A 1028 2.98 22.41 -21.00
N ARG A 1029 1.98 23.04 -21.62
CA ARG A 1029 0.68 23.20 -21.00
C ARG A 1029 -0.21 22.06 -21.46
N ALA A 1030 -0.78 21.33 -20.52
CA ALA A 1030 -1.71 20.27 -20.86
C ALA A 1030 -3.13 20.77 -20.66
N SER A 1031 -3.95 20.66 -21.69
CA SER A 1031 -5.36 20.99 -21.60
C SER A 1031 -6.16 19.78 -22.08
N VAL A 1032 -7.11 19.34 -21.27
CA VAL A 1032 -7.94 18.20 -21.68
C VAL A 1032 -8.87 18.63 -22.79
N MET A 1033 -9.02 17.78 -23.80
CA MET A 1033 -10.02 18.01 -24.81
C MET A 1033 -10.98 16.83 -24.84
N SER A 1034 -12.17 17.10 -25.35
CA SER A 1034 -13.31 16.23 -25.14
C SER A 1034 -13.22 14.98 -26.00
N THR A 1035 -13.37 13.82 -25.38
CA THR A 1035 -13.46 12.55 -26.08
C THR A 1035 -14.71 11.80 -25.65
N TYR A 1036 -15.18 10.93 -26.52
CA TYR A 1036 -16.28 10.02 -26.21
C TYR A 1036 -15.94 8.67 -26.80
N LEU A 1037 -16.13 7.62 -26.01
CA LEU A 1037 -16.06 6.29 -26.58
C LEU A 1037 -17.27 6.08 -27.48
N SER A 1038 -17.04 5.58 -28.68
CA SER A 1038 -18.10 5.47 -29.67
C SER A 1038 -19.08 4.40 -29.24
N GLN A 1039 -20.38 4.69 -29.40
CA GLN A 1039 -21.49 3.75 -29.19
C GLN A 1039 -21.63 3.20 -27.78
N ASP A 1040 -20.82 3.66 -26.84
CA ASP A 1040 -20.90 3.26 -25.44
C ASP A 1040 -20.75 4.50 -24.57
N TRP A 1041 -21.54 5.53 -24.87
CA TRP A 1041 -21.46 6.78 -24.14
C TRP A 1041 -21.88 6.54 -22.71
N GLY A 1042 -21.00 6.86 -21.78
CA GLY A 1042 -21.29 6.57 -20.39
C GLY A 1042 -20.18 5.77 -19.75
N GLN A 1043 -19.10 5.55 -20.47
CA GLN A 1043 -17.94 4.87 -19.93
C GLN A 1043 -16.69 5.70 -20.14
N ASP A 1044 -15.93 5.88 -19.08
CA ASP A 1044 -14.69 6.65 -19.14
C ASP A 1044 -13.59 5.74 -19.67
N TRP A 1045 -13.31 5.87 -20.97
CA TRP A 1045 -12.22 5.11 -21.55
C TRP A 1045 -10.88 5.65 -21.07
N GLY A 1046 -10.83 6.93 -20.74
CA GLY A 1046 -9.60 7.61 -20.42
C GLY A 1046 -9.74 9.10 -20.64
N SER A 1047 -8.69 9.73 -21.14
CA SER A 1047 -8.71 11.14 -21.48
C SER A 1047 -7.57 11.41 -22.43
N LEU A 1048 -7.78 12.37 -23.31
CA LEU A 1048 -6.79 12.70 -24.34
C LEU A 1048 -6.45 14.18 -24.19
N ARG A 1049 -5.29 14.46 -23.63
CA ARG A 1049 -4.85 15.83 -23.39
C ARG A 1049 -3.99 16.29 -24.54
N LYS A 1050 -4.17 17.54 -24.96
CA LYS A 1050 -3.39 18.10 -26.06
C LYS A 1050 -2.37 19.06 -25.47
N PHE A 1051 -1.09 18.71 -25.58
CA PHE A 1051 -0.05 19.61 -25.15
C PHE A 1051 0.11 20.75 -26.13
N ASP A 1052 0.55 21.90 -25.61
CA ASP A 1052 1.11 22.92 -26.47
C ASP A 1052 2.19 23.63 -25.68
N THR A 1053 3.23 24.06 -26.39
CA THR A 1053 4.39 24.65 -25.74
C THR A 1053 4.08 26.05 -25.26
N VAL A 1054 4.78 26.46 -24.19
CA VAL A 1054 4.57 27.79 -23.65
C VAL A 1054 5.19 28.85 -24.54
N VAL A 1055 6.30 28.54 -25.20
CA VAL A 1055 7.00 29.44 -26.10
C VAL A 1055 7.41 28.66 -27.32
N GLU A 1056 7.37 29.31 -28.49
CA GLU A 1056 7.67 28.62 -29.73
C GLU A 1056 9.17 28.36 -29.84
N ALA A 1057 9.54 27.12 -30.13
CA ALA A 1057 10.94 26.74 -30.14
C ALA A 1057 11.18 25.58 -31.09
N THR A 1058 12.44 25.21 -31.23
CA THR A 1058 12.99 24.26 -32.18
C THR A 1058 13.76 23.18 -31.43
N PRO A 1059 13.76 21.93 -31.91
CA PRO A 1059 14.66 20.93 -31.34
C PRO A 1059 16.11 21.31 -31.54
N ALA A 1060 16.93 21.00 -30.54
CA ALA A 1060 18.31 21.48 -30.49
C ALA A 1060 19.18 20.75 -31.50
N GLU A 1061 20.32 21.35 -31.82
CA GLU A 1061 21.24 20.76 -32.80
C GLU A 1061 21.92 19.53 -32.21
N LEU A 1062 22.43 19.65 -30.98
CA LEU A 1062 22.91 18.54 -30.16
C LEU A 1062 24.07 17.79 -30.83
N ASP A 1063 25.20 18.47 -30.95
CA ASP A 1063 26.37 17.82 -31.51
C ASP A 1063 26.93 16.83 -30.48
N PHE A 1064 27.05 15.57 -30.89
CA PHE A 1064 27.46 14.50 -29.99
C PHE A 1064 28.81 13.95 -30.41
N GLY A 1065 29.63 13.61 -29.41
CA GLY A 1065 30.92 13.03 -29.65
C GLY A 1065 31.11 11.73 -28.90
N SER A 1066 31.60 10.71 -29.58
CA SER A 1066 31.60 9.36 -29.07
C SER A 1066 32.96 9.07 -28.43
N GLN A 1067 33.19 7.79 -28.15
CA GLN A 1067 34.48 7.21 -27.81
C GLN A 1067 35.01 7.69 -26.47
N THR A 1068 34.15 8.15 -25.57
CA THR A 1068 34.55 8.30 -24.18
C THR A 1068 34.50 6.90 -23.58
N HIS A 1069 35.61 6.20 -23.70
CA HIS A 1069 35.66 4.79 -23.31
C HIS A 1069 35.68 4.67 -21.79
N SER A 1070 35.42 3.45 -21.32
CA SER A 1070 35.28 3.26 -19.90
C SER A 1070 35.78 1.87 -19.54
N GLY A 1071 36.15 1.75 -18.27
CA GLY A 1071 36.45 0.48 -17.66
C GLY A 1071 35.22 0.06 -16.90
N LEU A 1072 35.19 0.37 -15.62
CA LEU A 1072 34.00 0.23 -14.78
C LEU A 1072 33.83 1.48 -13.92
N TYR A 1073 33.96 2.66 -14.51
CA TYR A 1073 33.74 3.87 -13.73
C TYR A 1073 32.41 4.50 -14.11
N SER A 1074 31.82 5.09 -13.19
CA SER A 1074 30.72 5.99 -13.40
C SER A 1074 31.25 7.41 -13.44
N PRO A 1075 30.67 8.29 -14.25
CA PRO A 1075 31.17 9.67 -14.28
C PRO A 1075 30.87 10.43 -13.02
N GLY A 1076 29.78 10.11 -12.35
CA GLY A 1076 29.38 10.77 -11.14
C GLY A 1076 27.99 10.31 -10.77
N PRO A 1077 27.58 10.49 -9.52
CA PRO A 1077 26.24 10.03 -9.11
C PRO A 1077 25.13 10.85 -9.76
N LEU A 1078 24.08 10.15 -10.19
CA LEU A 1078 22.93 10.79 -10.82
C LEU A 1078 22.14 11.62 -9.81
N ARG A 1079 21.39 12.58 -10.34
CA ARG A 1079 20.49 13.37 -9.51
C ARG A 1079 19.28 12.54 -9.15
N ILE A 1080 19.10 12.24 -7.86
CA ILE A 1080 17.97 11.42 -7.46
C ILE A 1080 17.14 12.13 -6.40
N ARG A 1081 17.76 13.00 -5.62
CA ARG A 1081 17.08 13.60 -4.49
C ARG A 1081 17.55 15.03 -4.30
N PRO A 1082 16.69 15.91 -3.73
CA PRO A 1082 17.18 17.24 -3.36
C PRO A 1082 18.00 17.20 -2.09
N VAL B 23 -14.70 -36.64 42.03
CA VAL B 23 -15.82 -37.43 42.53
C VAL B 23 -17.10 -36.94 41.84
N ARG B 24 -17.93 -37.87 41.39
CA ARG B 24 -19.16 -37.55 40.68
C ARG B 24 -20.35 -37.47 41.65
N ILE B 25 -20.22 -36.56 42.61
CA ILE B 25 -21.34 -36.11 43.42
C ILE B 25 -21.60 -34.64 43.15
N ALA B 26 -20.57 -33.82 43.34
CA ALA B 26 -20.61 -32.41 42.91
C ALA B 26 -19.99 -32.27 41.52
N ARG B 27 -20.57 -33.02 40.58
CA ARG B 27 -20.12 -33.00 39.19
C ARG B 27 -21.12 -32.34 38.25
N TRP B 28 -22.42 -32.47 38.51
CA TRP B 28 -23.43 -31.85 37.66
C TRP B 28 -23.38 -30.32 37.72
N VAL B 29 -22.72 -29.76 38.73
CA VAL B 29 -22.46 -28.32 38.77
C VAL B 29 -21.58 -27.88 37.61
N ALA B 30 -20.72 -28.78 37.09
CA ALA B 30 -19.96 -28.46 35.88
C ALA B 30 -20.86 -28.31 34.67
N THR B 31 -21.89 -29.15 34.56
CA THR B 31 -22.81 -29.06 33.43
C THR B 31 -23.66 -27.80 33.55
N ILE B 32 -24.24 -27.58 34.73
CA ILE B 32 -25.09 -26.43 35.00
C ILE B 32 -24.31 -25.12 34.84
N ALA B 33 -23.01 -25.14 35.16
CA ALA B 33 -22.17 -23.98 34.89
C ALA B 33 -21.93 -23.83 33.39
N GLY B 34 -21.39 -24.86 32.75
CA GLY B 34 -20.75 -24.72 31.46
C GLY B 34 -21.74 -24.57 30.32
N LEU B 35 -22.83 -25.35 30.33
CA LEU B 35 -23.79 -25.25 29.24
C LEU B 35 -24.56 -23.93 29.31
N LEU B 36 -24.90 -23.50 30.53
CA LEU B 36 -25.53 -22.20 30.69
C LEU B 36 -24.58 -21.06 30.36
N GLY B 37 -23.29 -21.23 30.65
CA GLY B 37 -22.31 -20.22 30.26
C GLY B 37 -22.15 -20.12 28.76
N PHE B 38 -22.16 -21.25 28.06
CA PHE B 38 -22.05 -21.25 26.61
C PHE B 38 -23.27 -20.60 25.96
N VAL B 39 -24.48 -21.00 26.38
CA VAL B 39 -25.69 -20.45 25.77
C VAL B 39 -25.88 -18.99 26.15
N LEU B 40 -25.40 -18.59 27.34
CA LEU B 40 -25.48 -17.17 27.71
C LEU B 40 -24.47 -16.34 26.95
N SER B 41 -23.26 -16.89 26.73
CA SER B 41 -22.21 -16.13 26.08
C SER B 41 -22.32 -16.13 24.57
N VAL B 42 -23.10 -17.04 23.98
CA VAL B 42 -23.38 -16.93 22.56
C VAL B 42 -24.59 -16.02 22.32
N SER B 43 -25.37 -15.71 23.35
CA SER B 43 -26.53 -14.85 23.22
C SER B 43 -26.40 -13.58 24.06
N ILE B 44 -25.17 -13.15 24.31
CA ILE B 44 -24.93 -11.80 24.83
C ILE B 44 -25.24 -10.74 23.77
N PRO B 45 -25.03 -10.94 22.41
CA PRO B 45 -25.68 -10.00 21.48
C PRO B 45 -27.20 -10.11 21.49
N LEU B 46 -27.85 -9.53 22.49
CA LEU B 46 -29.30 -9.54 22.57
C LEU B 46 -29.72 -8.44 23.51
N LEU B 47 -30.95 -7.96 23.28
CA LEU B 47 -31.61 -6.83 23.94
C LEU B 47 -30.65 -5.65 23.90
N PRO B 48 -30.44 -5.03 22.71
CA PRO B 48 -29.44 -3.95 22.57
C PRO B 48 -29.48 -2.80 23.56
N VAL B 49 -28.38 -2.03 23.55
CA VAL B 49 -27.95 -1.18 24.65
C VAL B 49 -28.87 0.02 24.84
N THR B 50 -28.62 0.77 25.92
CA THR B 50 -29.53 1.79 26.43
C THR B 50 -29.78 2.91 25.41
N GLN B 51 -28.70 3.49 24.87
CA GLN B 51 -28.72 4.51 23.80
C GLN B 51 -29.52 5.74 24.23
N THR B 52 -28.96 6.45 25.21
CA THR B 52 -29.60 7.63 25.78
C THR B 52 -29.72 8.76 24.74
N THR B 53 -30.58 9.71 25.08
CA THR B 53 -30.90 10.87 24.25
C THR B 53 -31.00 12.10 25.14
N ALA B 54 -30.94 13.29 24.53
CA ALA B 54 -30.94 14.49 25.34
C ALA B 54 -32.31 15.18 25.37
N THR B 55 -32.80 15.63 24.20
CA THR B 55 -34.10 16.31 24.08
C THR B 55 -34.14 17.54 24.99
N LEU B 56 -33.43 18.61 24.55
CA LEU B 56 -33.06 19.78 25.36
C LEU B 56 -34.21 20.47 26.10
N ASN B 57 -35.36 20.62 25.45
CA ASN B 57 -36.65 21.04 26.02
C ASN B 57 -36.76 22.50 26.47
N TRP B 58 -35.64 23.25 26.49
CA TRP B 58 -35.58 24.62 26.98
C TRP B 58 -36.27 24.94 28.33
N PRO B 59 -36.00 24.18 29.37
CA PRO B 59 -36.33 24.74 30.68
C PRO B 59 -35.13 25.37 31.37
N GLN B 60 -35.18 26.67 31.73
CA GLN B 60 -34.21 27.19 32.69
C GLN B 60 -34.93 27.78 33.89
N GLN B 61 -35.56 28.95 33.75
CA GLN B 61 -36.73 29.29 34.55
C GLN B 61 -37.80 29.89 33.65
N GLY B 62 -37.55 31.14 33.21
CA GLY B 62 -38.31 31.87 32.24
C GLY B 62 -37.51 32.97 31.56
N ARG B 63 -36.20 33.01 31.75
CA ARG B 63 -35.49 34.28 31.61
C ARG B 63 -34.53 34.28 30.42
N LEU B 64 -33.66 35.28 30.36
CA LEU B 64 -32.75 35.48 29.23
C LEU B 64 -31.54 34.57 29.33
N ASP B 65 -31.79 33.27 29.46
CA ASP B 65 -30.75 32.28 29.64
C ASP B 65 -30.17 31.92 28.29
N ASN B 66 -29.08 32.59 27.91
CA ASN B 66 -28.38 32.27 26.67
C ASN B 66 -27.51 31.06 26.92
N VAL B 67 -28.14 29.89 26.92
CA VAL B 67 -27.47 28.65 27.28
C VAL B 67 -26.71 28.12 26.07
N THR B 68 -25.46 27.73 26.29
CA THR B 68 -24.61 27.15 25.25
C THR B 68 -24.56 25.64 25.41
N ALA B 69 -24.83 24.94 24.31
CA ALA B 69 -24.76 23.48 24.29
C ALA B 69 -24.39 23.06 22.89
N PRO B 70 -23.09 23.01 22.59
CA PRO B 70 -22.66 22.68 21.23
C PRO B 70 -22.90 21.21 20.95
N LEU B 71 -23.09 20.90 19.68
CA LEU B 71 -23.30 19.52 19.26
C LEU B 71 -22.13 19.06 18.42
N ILE B 72 -21.63 17.87 18.74
CA ILE B 72 -20.38 17.40 18.15
C ILE B 72 -20.57 17.08 16.67
N SER B 73 -21.69 16.43 16.34
CA SER B 73 -21.99 16.07 14.97
C SER B 73 -22.82 17.13 14.24
N GLN B 74 -22.90 18.34 14.81
CA GLN B 74 -23.38 19.59 14.21
C GLN B 74 -24.80 19.50 13.63
N ALA B 75 -25.58 18.50 14.00
CA ALA B 75 -26.83 18.27 13.30
C ALA B 75 -27.83 17.53 14.18
N PRO B 76 -28.65 18.25 14.92
CA PRO B 76 -29.76 17.61 15.64
C PRO B 76 -30.85 17.20 14.66
N LEU B 77 -31.81 16.49 15.20
CA LEU B 77 -33.02 16.17 14.47
C LEU B 77 -34.20 16.58 15.33
N GLU B 78 -35.31 16.91 14.68
CA GLU B 78 -36.57 17.31 15.30
C GLU B 78 -36.36 18.53 16.23
N LEU B 79 -36.07 19.66 15.59
CA LEU B 79 -35.89 20.92 16.28
C LEU B 79 -37.23 21.63 16.15
N THR B 80 -37.95 21.77 17.25
CA THR B 80 -39.28 22.35 17.22
C THR B 80 -39.26 23.55 18.15
N ALA B 81 -39.76 24.68 17.66
CA ALA B 81 -39.63 25.91 18.40
C ALA B 81 -40.95 26.66 18.30
N THR B 82 -41.70 26.71 19.39
CA THR B 82 -42.97 27.41 19.38
C THR B 82 -42.75 28.71 20.12
N VAL B 83 -42.22 29.69 19.40
CA VAL B 83 -42.18 31.09 19.81
C VAL B 83 -43.55 31.73 19.66
N PRO B 84 -44.16 32.25 20.72
CA PRO B 84 -45.47 32.86 20.54
C PRO B 84 -45.21 34.26 20.01
N CYS B 85 -46.09 34.72 19.12
CA CYS B 85 -45.94 36.10 18.64
C CYS B 85 -46.58 37.10 19.61
N SER B 86 -45.98 37.15 20.79
CA SER B 86 -46.19 38.18 21.78
C SER B 86 -44.87 38.88 22.05
N VAL B 87 -43.79 38.40 21.41
CA VAL B 87 -42.53 39.11 21.35
C VAL B 87 -42.55 40.20 20.29
N VAL B 88 -43.26 39.98 19.18
CA VAL B 88 -43.30 40.96 18.11
C VAL B 88 -44.22 42.13 18.42
N ARG B 89 -44.97 42.04 19.52
CA ARG B 89 -45.63 43.22 20.04
C ARG B 89 -44.63 44.19 20.66
N ASP B 90 -43.62 43.67 21.36
CA ASP B 90 -42.60 44.48 22.01
C ASP B 90 -41.22 44.17 21.42
N LEU B 91 -40.92 44.80 20.29
CA LEU B 91 -39.65 44.67 19.59
C LEU B 91 -38.98 46.03 19.46
N PRO B 92 -37.82 46.24 20.07
CA PRO B 92 -37.10 47.49 19.88
C PRO B 92 -36.54 47.57 18.46
N PRO B 93 -36.86 48.64 17.73
CA PRO B 93 -36.23 48.85 16.43
C PRO B 93 -34.74 49.12 16.59
N GLU B 94 -33.98 48.67 15.56
CA GLU B 94 -32.52 48.68 15.45
C GLU B 94 -32.00 47.55 16.31
N GLY B 95 -32.74 46.44 16.31
CA GLY B 95 -32.44 45.35 17.20
C GLY B 95 -33.52 44.29 17.13
N GLY B 96 -33.48 43.36 18.07
CA GLY B 96 -34.45 42.30 18.08
C GLY B 96 -33.81 40.95 18.36
N LEU B 97 -33.92 40.03 17.39
CA LEU B 97 -33.40 38.67 17.45
C LEU B 97 -34.04 37.92 18.61
N VAL B 98 -35.32 37.60 18.36
CA VAL B 98 -36.20 36.92 19.32
C VAL B 98 -35.56 35.66 19.88
N PHE B 99 -35.16 34.73 19.01
CA PHE B 99 -34.27 33.65 19.41
C PHE B 99 -33.39 33.21 18.26
N GLY B 100 -32.18 32.80 18.62
CA GLY B 100 -31.19 32.31 17.69
C GLY B 100 -30.73 30.90 18.06
N THR B 101 -29.84 30.37 17.24
CA THR B 101 -29.25 29.08 17.52
C THR B 101 -27.74 29.15 17.54
N ALA B 102 -27.14 30.21 17.02
CA ALA B 102 -25.77 30.61 17.30
C ALA B 102 -25.84 32.05 17.79
N PRO B 103 -24.78 32.61 18.40
CA PRO B 103 -24.81 34.04 18.74
C PRO B 103 -24.91 34.94 17.52
N ALA B 104 -25.29 36.19 17.79
CA ALA B 104 -25.81 37.12 16.78
C ALA B 104 -24.81 37.44 15.69
N GLU B 105 -23.71 38.14 16.02
CA GLU B 105 -22.71 38.50 15.03
C GLU B 105 -21.53 37.54 15.05
N GLY B 106 -21.78 36.29 15.41
CA GLY B 106 -20.70 35.40 15.78
C GLY B 106 -20.08 34.64 14.63
N ARG B 107 -19.28 35.34 13.81
CA ARG B 107 -18.26 34.73 12.93
C ARG B 107 -18.88 33.75 11.94
N ASP B 108 -19.60 34.34 10.96
CA ASP B 108 -20.35 33.64 9.89
C ASP B 108 -21.32 32.60 10.46
N ALA B 109 -22.06 33.02 11.48
CA ALA B 109 -23.07 32.16 12.08
C ALA B 109 -24.34 32.11 11.25
N ALA B 110 -24.68 33.20 10.56
CA ALA B 110 -25.90 33.25 9.76
C ALA B 110 -25.79 32.47 8.46
N LEU B 111 -24.64 31.87 8.18
CA LEU B 111 -24.49 30.91 7.11
C LEU B 111 -24.67 29.47 7.57
N ASN B 112 -24.51 29.22 8.87
CA ASN B 112 -24.43 27.85 9.36
C ASN B 112 -25.48 27.48 10.40
N ALA B 113 -26.24 28.44 10.94
CA ALA B 113 -27.20 28.10 11.99
C ALA B 113 -28.37 29.06 11.96
N MET B 114 -29.46 28.63 12.62
CA MET B 114 -30.75 29.28 12.49
C MET B 114 -30.82 30.57 13.28
N LEU B 115 -31.44 31.59 12.68
CA LEU B 115 -31.74 32.85 13.34
C LEU B 115 -33.13 33.31 12.92
N VAL B 116 -33.71 34.22 13.70
CA VAL B 116 -34.92 34.95 13.30
C VAL B 116 -34.96 36.34 13.92
N ASN B 117 -35.09 37.36 13.09
CA ASN B 117 -35.01 38.75 13.53
C ASN B 117 -35.65 39.63 12.48
N VAL B 118 -35.87 40.89 12.84
CA VAL B 118 -36.34 41.89 11.89
C VAL B 118 -35.40 43.07 11.76
N THR B 119 -35.19 43.82 12.86
CA THR B 119 -34.62 45.18 12.91
C THR B 119 -35.34 46.18 11.99
N GLU B 120 -36.57 45.85 11.56
CA GLU B 120 -37.32 46.56 10.53
C GLU B 120 -38.74 46.01 10.54
N THR B 121 -39.49 46.25 9.49
CA THR B 121 -40.73 45.50 9.24
C THR B 121 -40.44 44.22 8.44
N ARG B 122 -39.53 43.40 8.94
CA ARG B 122 -39.00 42.25 8.19
C ARG B 122 -38.74 41.05 9.10
N VAL B 123 -39.71 40.66 9.92
CA VAL B 123 -39.57 39.43 10.70
C VAL B 123 -39.47 38.24 9.77
N ASP B 124 -38.32 37.56 9.79
CA ASP B 124 -38.11 36.41 8.93
C ASP B 124 -37.18 35.45 9.64
N VAL B 125 -37.26 34.18 9.26
CA VAL B 125 -36.51 33.12 9.92
C VAL B 125 -35.59 32.50 8.89
N ILE B 126 -34.30 32.64 9.12
CA ILE B 126 -33.25 32.07 8.29
C ILE B 126 -32.76 30.80 8.97
N VAL B 127 -32.42 29.79 8.19
CA VAL B 127 -32.07 28.48 8.75
C VAL B 127 -30.63 28.16 8.40
N ARG B 128 -30.32 28.14 7.10
CA ARG B 128 -28.97 27.95 6.63
C ARG B 128 -28.71 28.89 5.47
N ASN B 129 -29.15 30.14 5.63
CA ASN B 129 -29.28 31.16 4.58
C ASN B 129 -30.19 30.68 3.45
N VAL B 130 -31.34 30.13 3.85
CA VAL B 130 -32.32 29.55 2.95
C VAL B 130 -33.68 30.19 3.17
N VAL B 131 -33.71 31.52 3.31
CA VAL B 131 -34.72 32.34 4.00
C VAL B 131 -36.16 31.86 3.83
N VAL B 132 -36.84 31.69 4.95
CA VAL B 132 -38.14 31.03 5.00
C VAL B 132 -39.19 31.98 5.54
N ALA B 133 -40.19 32.28 4.70
CA ALA B 133 -41.42 32.98 5.07
C ALA B 133 -41.16 34.38 5.65
N SER B 134 -40.58 35.25 4.84
CA SER B 134 -40.40 36.61 5.31
C SER B 134 -41.76 37.28 5.32
N VAL B 135 -42.20 37.70 6.51
CA VAL B 135 -43.47 38.39 6.67
C VAL B 135 -43.19 39.75 7.28
N ASN B 136 -43.98 40.75 6.93
CA ASN B 136 -43.74 42.06 7.48
C ASN B 136 -44.23 42.12 8.93
N ARG B 137 -43.75 43.12 9.66
CA ARG B 137 -44.02 43.25 11.08
C ARG B 137 -45.32 43.98 11.36
N ASP B 138 -46.21 44.05 10.37
CA ASP B 138 -47.54 44.60 10.54
C ASP B 138 -48.62 43.54 10.56
N ARG B 139 -48.30 42.30 10.18
CA ARG B 139 -49.26 41.21 10.15
C ARG B 139 -49.18 40.30 11.36
N VAL B 140 -47.97 39.87 11.73
CA VAL B 140 -47.80 38.96 12.86
C VAL B 140 -47.94 39.69 14.19
N ALA B 141 -47.70 41.00 14.22
CA ALA B 141 -47.75 41.77 15.45
C ALA B 141 -49.15 42.36 15.58
N GLY B 142 -49.93 41.85 16.53
CA GLY B 142 -51.24 42.39 16.77
C GLY B 142 -52.40 41.42 16.67
N PRO B 143 -53.20 41.56 15.60
CA PRO B 143 -54.62 41.19 15.65
C PRO B 143 -54.99 39.72 15.88
N ASP B 144 -54.51 38.81 15.04
CA ASP B 144 -55.13 37.49 14.98
C ASP B 144 -54.19 36.35 15.33
N CYS B 145 -53.04 36.26 14.68
CA CYS B 145 -52.13 35.14 14.90
C CYS B 145 -51.03 35.57 15.85
N GLN B 146 -50.89 34.86 16.96
CA GLN B 146 -49.84 35.14 17.92
C GLN B 146 -49.17 33.84 18.35
N ARG B 147 -48.85 33.00 17.37
CA ARG B 147 -48.11 31.76 17.61
C ARG B 147 -47.43 31.35 16.32
N ILE B 148 -46.11 31.22 16.35
CA ILE B 148 -45.33 30.71 15.23
C ILE B 148 -44.49 29.55 15.75
N GLU B 149 -44.80 28.33 15.30
CA GLU B 149 -44.01 27.17 15.69
C GLU B 149 -43.23 26.66 14.49
N ILE B 150 -41.98 27.08 14.38
CA ILE B 150 -41.16 26.59 13.29
C ILE B 150 -40.63 25.20 13.64
N THR B 151 -40.39 24.41 12.60
CA THR B 151 -40.13 22.98 12.71
C THR B 151 -39.14 22.62 11.63
N SER B 152 -38.14 21.82 12.01
CA SER B 152 -37.03 21.42 11.17
C SER B 152 -36.83 19.93 11.28
N ASN B 153 -37.92 19.20 11.08
CA ASN B 153 -37.95 17.74 11.21
C ASN B 153 -37.24 17.08 10.02
N LEU B 154 -37.35 15.75 9.96
CA LEU B 154 -36.64 15.01 8.91
C LEU B 154 -37.29 15.19 7.55
N ASP B 155 -38.53 15.68 7.50
CA ASP B 155 -39.17 16.03 6.23
C ASP B 155 -39.17 17.55 6.03
N GLY B 156 -37.98 18.11 5.90
CA GLY B 156 -37.84 19.51 5.56
C GLY B 156 -38.03 20.44 6.75
N THR B 157 -37.66 21.69 6.54
CA THR B 157 -37.82 22.76 7.53
C THR B 157 -38.95 23.67 7.08
N TYR B 158 -40.04 23.69 7.84
CA TYR B 158 -41.20 24.51 7.53
C TYR B 158 -41.34 25.68 8.49
N ALA B 159 -42.13 26.67 8.07
CA ALA B 159 -42.59 27.75 8.92
C ALA B 159 -43.94 27.35 9.52
N ASP B 160 -44.70 28.30 10.10
CA ASP B 160 -45.94 27.88 10.74
C ASP B 160 -47.09 28.87 10.84
N PHE B 161 -47.14 29.97 10.07
CA PHE B 161 -47.94 31.12 10.49
C PHE B 161 -49.38 30.76 10.18
N VAL B 162 -50.09 30.31 11.22
CA VAL B 162 -51.41 29.72 11.05
C VAL B 162 -52.51 30.75 10.79
N GLY B 163 -52.54 31.85 11.54
CA GLY B 163 -53.69 32.73 11.40
C GLY B 163 -53.44 33.87 10.44
N LEU B 164 -52.58 33.62 9.45
CA LEU B 164 -52.27 34.60 8.42
C LEU B 164 -52.46 33.92 7.07
N THR B 165 -53.13 34.60 6.14
CA THR B 165 -53.46 33.97 4.86
C THR B 165 -52.26 34.04 3.92
N GLN B 166 -51.94 35.26 3.48
CA GLN B 166 -50.84 35.61 2.58
C GLN B 166 -50.79 37.11 2.40
N ILE B 167 -49.62 37.66 2.08
CA ILE B 167 -49.51 39.04 1.66
C ILE B 167 -48.98 39.13 0.24
N GLY B 173 -51.70 27.77 -1.18
CA GLY B 173 -52.23 26.91 -0.12
C GLY B 173 -53.10 27.67 0.85
N LYS B 174 -52.97 29.01 0.82
CA LYS B 174 -53.71 29.94 1.68
C LYS B 174 -53.54 29.61 3.16
N LEU B 175 -52.32 29.31 3.57
CA LEU B 175 -52.05 28.92 4.94
C LEU B 175 -50.84 29.60 5.55
N GLN B 176 -49.93 30.16 4.74
CA GLN B 176 -48.69 30.84 5.15
C GLN B 176 -47.82 29.94 6.03
N ARG B 177 -47.31 28.90 5.40
CA ARG B 177 -46.30 28.05 6.01
C ARG B 177 -45.23 27.72 4.99
N THR B 178 -44.76 28.73 4.26
CA THR B 178 -43.99 28.49 3.04
C THR B 178 -42.58 27.99 3.31
N GLY B 179 -42.52 26.78 3.87
CA GLY B 179 -41.29 26.10 4.15
C GLY B 179 -40.86 25.25 2.98
N TYR B 180 -39.69 24.66 3.13
CA TYR B 180 -39.05 23.87 2.10
C TYR B 180 -38.99 22.41 2.58
N PRO B 181 -39.23 21.45 1.70
CA PRO B 181 -39.04 20.04 2.06
C PRO B 181 -37.65 19.45 1.84
N ASP B 182 -36.63 20.26 1.56
CA ASP B 182 -35.42 19.46 1.37
C ASP B 182 -34.74 19.31 2.71
N PRO B 183 -34.17 18.16 3.07
CA PRO B 183 -34.08 17.81 4.49
C PRO B 183 -32.72 18.05 5.13
N ASN B 184 -31.81 18.72 4.42
CA ASN B 184 -30.53 19.10 4.96
C ASN B 184 -30.54 20.55 5.42
N LEU B 185 -31.72 21.09 5.70
CA LEU B 185 -31.85 22.35 6.42
C LEU B 185 -32.10 22.12 7.89
N ARG B 186 -31.28 21.32 8.49
CA ARG B 186 -31.29 21.24 9.93
C ARG B 186 -30.15 22.09 10.48
N PRO B 187 -30.42 22.96 11.45
CA PRO B 187 -29.41 23.94 11.87
C PRO B 187 -28.30 23.29 12.66
N ALA B 188 -27.22 24.04 12.84
CA ALA B 188 -26.05 23.59 13.60
C ALA B 188 -26.10 24.22 14.97
N ILE B 189 -26.74 23.53 15.92
CA ILE B 189 -26.94 24.08 17.25
C ILE B 189 -25.61 24.15 17.98
N VAL B 190 -25.25 25.36 18.42
CA VAL B 190 -24.17 25.54 19.37
C VAL B 190 -24.69 26.07 20.69
N GLY B 191 -25.98 26.36 20.79
CA GLY B 191 -26.53 26.90 22.01
C GLY B 191 -27.53 28.01 21.77
N VAL B 192 -28.65 27.95 22.48
CA VAL B 192 -29.82 28.80 22.22
C VAL B 192 -29.47 30.21 22.69
N PHE B 193 -29.12 31.07 21.75
CA PHE B 193 -28.51 32.37 22.05
C PHE B 193 -29.58 33.41 22.39
N THR B 194 -29.16 34.67 22.36
CA THR B 194 -29.77 35.76 23.12
C THR B 194 -31.21 36.04 22.69
N ASP B 195 -32.07 36.29 23.67
CA ASP B 195 -33.48 36.59 23.44
C ASP B 195 -33.79 38.03 23.84
N LEU B 196 -35.08 38.35 23.89
CA LEU B 196 -35.49 39.69 24.26
C LEU B 196 -35.45 39.87 25.78
N THR B 197 -35.50 41.13 26.20
CA THR B 197 -35.37 41.53 27.59
C THR B 197 -36.75 41.44 28.25
N GLY B 198 -36.99 40.37 29.00
CA GLY B 198 -38.27 40.20 29.66
C GLY B 198 -38.24 39.19 30.78
N PRO B 199 -39.20 39.32 31.73
CA PRO B 199 -39.28 38.38 32.85
C PRO B 199 -39.52 36.93 32.42
N ALA B 200 -40.66 36.67 31.77
CA ALA B 200 -40.94 35.32 31.28
C ALA B 200 -41.98 35.30 30.16
N PRO B 201 -41.59 34.80 28.99
CA PRO B 201 -42.54 34.65 27.88
C PRO B 201 -43.48 33.48 28.12
N GLN B 202 -44.73 33.65 27.66
CA GLN B 202 -45.82 32.68 27.74
C GLN B 202 -45.42 31.22 27.50
N GLY B 203 -44.97 30.88 26.29
CA GLY B 203 -44.42 29.55 26.06
C GLY B 203 -42.94 29.59 25.67
N LEU B 204 -42.61 30.16 24.51
CA LEU B 204 -41.24 30.27 23.95
C LEU B 204 -40.44 28.98 24.00
N SER B 205 -41.09 27.82 23.87
CA SER B 205 -40.38 26.56 23.98
C SER B 205 -39.70 26.28 22.66
N VAL B 206 -38.39 26.10 22.70
CA VAL B 206 -37.60 26.12 21.48
C VAL B 206 -36.35 25.24 21.66
N SER B 207 -36.45 23.97 21.29
CA SER B 207 -35.32 23.06 21.39
C SER B 207 -35.53 21.84 20.51
N ALA B 208 -34.66 20.85 20.70
CA ALA B 208 -34.37 19.82 19.71
C ALA B 208 -34.12 18.51 20.45
N GLU B 209 -33.55 17.53 19.75
CA GLU B 209 -33.22 16.25 20.36
C GLU B 209 -31.83 16.27 20.98
N ILE B 210 -30.90 17.03 20.36
CA ILE B 210 -29.54 17.26 20.86
C ILE B 210 -28.75 15.97 21.03
N ASP B 211 -28.99 15.02 20.12
CA ASP B 211 -28.14 13.84 19.97
C ASP B 211 -28.37 13.24 18.59
N THR B 212 -27.49 12.30 18.24
CA THR B 212 -27.70 11.33 17.18
C THR B 212 -27.41 9.98 17.79
N ARG B 213 -28.27 9.00 17.51
CA ARG B 213 -28.08 7.67 18.08
C ARG B 213 -26.89 6.96 17.44
N PHE B 214 -25.73 7.02 18.09
CA PHE B 214 -24.51 6.37 17.62
C PHE B 214 -23.72 5.77 18.77
N THR B 215 -23.93 6.21 20.00
CA THR B 215 -23.23 5.68 21.16
C THR B 215 -24.27 5.16 22.15
N THR B 216 -23.78 4.54 23.21
CA THR B 216 -24.66 3.99 24.23
C THR B 216 -23.92 3.91 25.54
N HIS B 217 -24.62 4.24 26.64
CA HIS B 217 -24.13 4.21 28.03
C HIS B 217 -23.44 2.88 28.30
N PRO B 218 -24.26 1.82 28.34
CA PRO B 218 -23.90 0.43 28.57
C PRO B 218 -25.16 -0.39 28.44
N THR B 219 -25.04 -1.72 28.54
CA THR B 219 -26.17 -2.63 28.45
C THR B 219 -27.23 -2.30 29.50
N ALA B 220 -28.50 -2.57 29.17
CA ALA B 220 -29.53 -2.26 30.16
C ALA B 220 -29.66 -3.37 31.21
N LEU B 221 -29.81 -4.61 30.74
CA LEU B 221 -29.96 -5.74 31.64
C LEU B 221 -28.91 -6.83 31.41
N LYS B 222 -28.01 -6.60 30.45
CA LYS B 222 -26.98 -7.57 30.13
C LYS B 222 -25.68 -7.32 30.87
N LEU B 223 -25.63 -6.31 31.76
CA LEU B 223 -24.53 -6.26 32.71
C LEU B 223 -24.62 -7.39 33.73
N ALA B 224 -25.83 -7.85 34.04
CA ALA B 224 -25.96 -9.01 34.89
C ALA B 224 -25.68 -10.29 34.14
N ALA B 225 -26.03 -10.36 32.86
CA ALA B 225 -25.70 -11.55 32.08
C ALA B 225 -24.20 -11.62 31.83
N MET B 226 -23.58 -10.45 31.62
CA MET B 226 -22.12 -10.35 31.50
C MET B 226 -21.41 -10.74 32.80
N LEU B 227 -22.05 -10.49 33.95
CA LEU B 227 -21.46 -10.82 35.24
C LEU B 227 -21.78 -12.24 35.68
N LEU B 228 -22.82 -12.83 35.09
CA LEU B 228 -23.24 -14.18 35.41
C LEU B 228 -22.41 -15.17 34.61
N ALA B 229 -22.25 -14.94 33.30
CA ALA B 229 -21.62 -15.95 32.44
C ALA B 229 -20.12 -16.11 32.73
N ILE B 230 -19.49 -15.10 33.33
CA ILE B 230 -18.07 -15.20 33.63
C ILE B 230 -17.82 -15.78 35.02
N VAL B 231 -18.69 -15.47 35.99
CA VAL B 231 -18.76 -16.25 37.23
C VAL B 231 -19.11 -17.71 36.95
N SER B 232 -19.93 -17.95 35.92
CA SER B 232 -20.22 -19.30 35.47
C SER B 232 -18.97 -19.97 34.90
N THR B 233 -18.19 -19.24 34.11
CA THR B 233 -17.03 -19.88 33.51
C THR B 233 -15.95 -20.14 34.56
N VAL B 234 -15.79 -19.24 35.54
CA VAL B 234 -14.81 -19.51 36.58
C VAL B 234 -15.28 -20.62 37.54
N ILE B 235 -16.59 -20.76 37.79
CA ILE B 235 -17.05 -21.90 38.57
C ILE B 235 -16.92 -23.18 37.74
N ALA B 236 -17.07 -23.06 36.41
CA ALA B 236 -16.95 -24.21 35.53
C ALA B 236 -15.51 -24.70 35.50
N LEU B 237 -14.56 -23.78 35.55
CA LEU B 237 -13.16 -24.18 35.59
C LEU B 237 -12.75 -24.65 36.98
N LEU B 238 -13.41 -24.14 38.03
CA LEU B 238 -13.26 -24.72 39.35
C LEU B 238 -13.75 -26.17 39.38
N ALA B 239 -14.85 -26.43 38.69
CA ALA B 239 -15.38 -27.79 38.62
C ALA B 239 -14.54 -28.65 37.69
N LEU B 240 -13.85 -28.04 36.72
CA LEU B 240 -12.93 -28.79 35.88
C LEU B 240 -11.68 -29.20 36.66
N TRP B 241 -11.18 -28.29 37.50
CA TRP B 241 -10.13 -28.64 38.46
C TRP B 241 -10.58 -29.73 39.42
N ARG B 242 -11.82 -29.63 39.92
CA ARG B 242 -12.32 -30.60 40.88
C ARG B 242 -12.64 -31.94 40.24
N LEU B 243 -13.01 -31.93 38.96
CA LEU B 243 -13.33 -33.18 38.27
C LEU B 243 -12.05 -33.96 37.96
N ASP B 244 -11.00 -33.26 37.53
CA ASP B 244 -9.75 -33.93 37.20
C ASP B 244 -9.05 -34.25 38.52
N ARG B 245 -9.43 -35.39 39.08
CA ARG B 245 -8.87 -35.83 40.36
C ARG B 245 -8.56 -37.31 40.33
N LEU B 246 -8.60 -37.95 39.16
CA LEU B 246 -8.25 -39.36 39.09
C LEU B 246 -6.74 -39.52 39.20
N ASP B 247 -5.98 -38.66 38.52
CA ASP B 247 -4.57 -38.54 38.84
C ASP B 247 -4.39 -37.85 40.18
N GLY B 248 -5.19 -36.81 40.45
CA GLY B 248 -5.12 -36.09 41.70
C GLY B 248 -3.79 -35.38 41.88
N ARG B 249 -3.00 -35.93 42.81
CA ARG B 249 -1.57 -35.75 42.95
C ARG B 249 -1.11 -34.38 43.46
N ARG B 250 -2.02 -33.40 43.56
CA ARG B 250 -1.96 -32.25 44.47
C ARG B 250 -0.63 -31.50 44.40
N MET B 251 -0.49 -30.75 43.31
CA MET B 251 0.69 -29.95 43.05
C MET B 251 1.04 -29.40 44.41
N HIS B 252 2.33 -29.35 44.70
CA HIS B 252 2.72 -28.88 46.02
C HIS B 252 3.53 -27.58 45.99
N ARG B 253 4.58 -27.52 45.17
CA ARG B 253 5.47 -26.37 45.17
C ARG B 253 5.25 -25.52 43.92
N LEU B 254 5.18 -24.20 44.12
CA LEU B 254 5.31 -23.27 43.02
C LEU B 254 6.80 -23.06 42.73
N ILE B 255 7.07 -22.35 41.63
CA ILE B 255 8.37 -22.14 40.96
C ILE B 255 9.18 -23.44 40.99
N PRO B 256 8.84 -24.41 40.13
CA PRO B 256 9.26 -25.81 40.36
C PRO B 256 10.73 -26.11 40.08
N THR B 257 11.06 -27.41 40.08
CA THR B 257 12.45 -27.88 40.05
C THR B 257 13.18 -27.45 38.78
N ARG B 258 12.48 -27.53 37.63
CA ARG B 258 13.08 -27.10 36.38
C ARG B 258 13.23 -25.59 36.32
N TRP B 259 12.45 -24.86 37.12
CA TRP B 259 12.67 -23.44 37.35
C TRP B 259 13.73 -23.29 38.45
N ARG B 260 13.87 -22.07 38.97
CA ARG B 260 14.78 -21.62 40.04
C ARG B 260 16.24 -21.59 39.61
N THR B 261 16.55 -22.11 38.43
CA THR B 261 17.93 -22.21 37.97
C THR B 261 18.29 -20.87 37.35
N VAL B 262 18.73 -19.94 38.21
CA VAL B 262 19.07 -18.60 37.73
C VAL B 262 20.55 -18.58 37.37
N THR B 263 21.20 -19.75 37.40
CA THR B 263 22.51 -19.89 36.82
C THR B 263 22.43 -19.78 35.29
N ALA B 264 21.36 -20.31 34.71
CA ALA B 264 20.97 -19.94 33.36
C ALA B 264 20.71 -18.44 33.31
N VAL B 265 21.49 -17.74 32.50
CA VAL B 265 21.66 -16.29 32.66
C VAL B 265 20.42 -15.55 32.17
N ASP B 266 19.69 -14.97 33.12
CA ASP B 266 18.63 -14.02 32.84
C ASP B 266 19.16 -12.61 32.64
N GLY B 267 20.44 -12.38 32.89
CA GLY B 267 20.98 -11.04 32.82
C GLY B 267 21.14 -10.51 31.41
N VAL B 268 21.38 -11.41 30.44
CA VAL B 268 21.58 -10.99 29.06
C VAL B 268 20.30 -10.43 28.45
N VAL B 269 19.15 -11.04 28.75
CA VAL B 269 17.89 -10.60 28.15
C VAL B 269 17.45 -9.27 28.77
N VAL B 270 17.58 -9.13 30.10
CA VAL B 270 17.18 -7.89 30.73
C VAL B 270 18.19 -6.78 30.41
N GLY B 271 19.45 -7.14 30.16
CA GLY B 271 20.43 -6.15 29.76
C GLY B 271 20.17 -5.65 28.36
N GLY B 272 19.77 -6.55 27.46
CA GLY B 272 19.38 -6.12 26.12
C GLY B 272 18.08 -5.36 26.11
N MET B 273 17.16 -5.68 27.02
CA MET B 273 15.92 -4.91 27.14
C MET B 273 16.18 -3.51 27.68
N ALA B 274 17.08 -3.40 28.68
CA ALA B 274 17.47 -2.09 29.17
C ALA B 274 18.24 -1.30 28.13
N ILE B 275 19.03 -1.97 27.30
CA ILE B 275 19.78 -1.27 26.25
C ILE B 275 18.86 -0.85 25.12
N TRP B 276 17.75 -1.57 24.92
CA TRP B 276 16.75 -1.13 23.97
C TRP B 276 15.92 0.02 24.53
N TYR B 277 15.70 0.04 25.84
CA TYR B 277 14.89 1.10 26.45
C TYR B 277 15.65 2.42 26.49
N VAL B 278 16.76 2.45 27.22
CA VAL B 278 17.49 3.69 27.43
C VAL B 278 18.44 3.95 26.27
N PRO B 339 3.35 0.25 28.47
CA PRO B 339 4.12 -0.72 29.25
C PRO B 339 4.05 -2.11 28.61
N ASP B 340 5.21 -2.61 28.19
CA ASP B 340 5.31 -3.97 27.68
C ASP B 340 6.56 -4.68 28.16
N LEU B 341 7.32 -4.08 29.09
CA LEU B 341 8.51 -4.72 29.60
C LEU B 341 8.17 -5.89 30.51
N ILE B 342 7.09 -5.76 31.28
CA ILE B 342 6.59 -6.91 32.04
C ILE B 342 6.09 -8.00 31.11
N CYS B 343 5.51 -7.62 29.97
CA CYS B 343 5.12 -8.57 28.95
C CYS B 343 6.35 -9.25 28.34
N ALA B 344 7.43 -8.49 28.16
CA ALA B 344 8.66 -9.06 27.62
C ALA B 344 9.30 -10.04 28.58
N LEU B 345 9.33 -9.69 29.87
CA LEU B 345 9.92 -10.58 30.86
C LEU B 345 9.07 -11.82 31.09
N ILE B 346 7.74 -11.70 30.99
CA ILE B 346 6.93 -12.90 31.12
C ILE B 346 7.06 -13.76 29.86
N CYS B 347 7.39 -13.14 28.72
CA CYS B 347 7.66 -13.92 27.51
C CYS B 347 8.94 -14.73 27.67
N TRP B 348 10.01 -14.09 28.14
CA TRP B 348 11.28 -14.81 28.27
C TRP B 348 11.25 -15.82 29.41
N LEU B 349 10.55 -15.50 30.50
CA LEU B 349 10.43 -16.46 31.59
C LEU B 349 9.50 -17.60 31.24
N LEU B 350 8.59 -17.40 30.29
CA LEU B 350 7.76 -18.52 29.88
C LEU B 350 8.49 -19.40 28.88
N LEU B 351 9.19 -18.79 27.92
CA LEU B 351 9.94 -19.53 26.91
C LEU B 351 11.08 -20.33 27.54
N SER B 352 12.03 -19.64 28.18
CA SER B 352 13.27 -20.27 28.62
C SER B 352 13.11 -21.08 29.91
N ARG B 353 11.88 -21.27 30.39
CA ARG B 353 11.65 -22.13 31.54
C ARG B 353 10.60 -23.20 31.30
N GLU B 354 9.75 -23.08 30.27
CA GLU B 354 8.80 -24.18 30.07
C GLU B 354 8.62 -24.51 28.60
N VAL B 355 9.53 -24.04 27.74
CA VAL B 355 9.67 -24.53 26.38
C VAL B 355 11.03 -25.15 26.16
N LEU B 356 12.07 -24.56 26.73
CA LEU B 356 13.44 -25.00 26.46
C LEU B 356 13.77 -26.30 27.20
N PRO B 357 13.37 -26.52 28.46
CA PRO B 357 13.49 -27.88 29.00
C PRO B 357 12.44 -28.85 28.47
N ARG B 358 11.48 -28.39 27.67
CA ARG B 358 10.52 -29.32 27.11
C ARG B 358 11.10 -30.08 25.93
N LEU B 359 11.64 -29.37 24.94
CA LEU B 359 12.22 -30.07 23.80
C LEU B 359 13.73 -30.28 23.96
N GLY B 360 14.13 -30.72 25.15
CA GLY B 360 15.46 -31.22 25.38
C GLY B 360 15.66 -31.66 26.81
N PRO B 361 16.17 -32.88 27.03
CA PRO B 361 16.43 -33.34 28.40
C PRO B 361 17.62 -32.62 29.04
N ALA B 362 18.73 -32.52 28.31
CA ALA B 362 19.83 -31.64 28.69
C ALA B 362 20.45 -31.00 27.46
N VAL B 363 19.80 -31.09 26.32
CA VAL B 363 20.38 -30.65 25.06
C VAL B 363 19.87 -29.27 24.69
N ALA B 364 18.55 -29.09 24.66
CA ALA B 364 18.03 -27.74 24.48
C ALA B 364 18.08 -26.96 25.78
N GLY B 365 18.40 -27.60 26.90
CA GLY B 365 18.64 -26.93 28.17
C GLY B 365 20.10 -26.54 28.34
N SER B 366 20.96 -26.92 27.40
CA SER B 366 22.37 -26.58 27.40
C SER B 366 22.55 -25.09 27.10
N ARG B 367 23.80 -24.62 27.21
CA ARG B 367 24.04 -23.19 27.09
C ARG B 367 23.92 -22.70 25.66
N ALA B 368 24.06 -23.61 24.69
CA ALA B 368 23.98 -23.25 23.28
C ALA B 368 22.58 -22.81 22.90
N ALA B 369 21.59 -23.68 23.09
CA ALA B 369 20.23 -23.35 22.69
C ALA B 369 19.60 -22.28 23.58
N MET B 370 19.96 -22.24 24.86
CA MET B 370 19.39 -21.22 25.74
C MET B 370 19.96 -19.83 25.41
N TRP B 371 21.28 -19.77 25.17
CA TRP B 371 21.90 -18.53 24.70
C TRP B 371 21.35 -18.11 23.35
N ALA B 372 21.09 -19.09 22.47
CA ALA B 372 20.53 -18.81 21.15
C ALA B 372 19.14 -18.22 21.25
N ALA B 373 18.26 -18.87 22.03
CA ALA B 373 16.88 -18.42 22.16
C ALA B 373 16.80 -17.05 22.79
N GLY B 374 17.55 -16.82 23.88
CA GLY B 374 17.53 -15.52 24.51
C GLY B 374 18.12 -14.42 23.65
N LEU B 375 19.20 -14.75 22.95
CA LEU B 375 19.89 -13.81 22.08
C LEU B 375 19.04 -13.37 20.89
N VAL B 376 18.34 -14.31 20.26
CA VAL B 376 17.52 -13.94 19.11
C VAL B 376 16.17 -13.40 19.56
N LEU B 377 15.74 -13.70 20.78
CA LEU B 377 14.57 -13.05 21.33
C LEU B 377 14.86 -11.58 21.60
N LEU B 378 16.06 -11.27 22.10
CA LEU B 378 16.50 -9.88 22.18
C LEU B 378 16.62 -9.27 20.79
N GLY B 379 17.04 -10.08 19.82
CA GLY B 379 17.23 -9.58 18.47
C GLY B 379 15.93 -9.23 17.78
N ALA B 380 14.86 -9.95 18.10
CA ALA B 380 13.56 -9.60 17.53
C ALA B 380 13.02 -8.30 18.10
N TRP B 381 13.37 -8.06 19.34
CA TRP B 381 12.95 -6.84 19.97
C TRP B 381 14.00 -5.75 19.74
N MET B 382 13.91 -5.18 18.56
CA MET B 382 14.78 -4.12 18.08
C MET B 382 13.98 -3.10 17.31
N PRO B 383 12.97 -3.55 16.57
CA PRO B 383 12.10 -2.68 15.80
C PRO B 383 10.70 -2.62 16.40
N PHE B 384 10.30 -3.64 17.15
CA PHE B 384 8.97 -3.64 17.76
C PHE B 384 8.95 -2.99 19.12
N ASN B 385 10.11 -2.83 19.77
CA ASN B 385 10.13 -2.20 21.07
C ASN B 385 10.18 -0.68 20.99
N ASN B 386 10.53 -0.12 19.82
CA ASN B 386 10.58 1.33 19.71
C ASN B 386 9.22 1.91 19.31
N GLY B 387 8.74 1.55 18.13
CA GLY B 387 7.46 2.04 17.68
C GLY B 387 6.32 1.35 18.41
N LEU B 388 5.63 2.07 19.31
CA LEU B 388 4.50 1.52 20.06
C LEU B 388 3.48 0.85 19.13
N ARG B 389 3.12 -0.40 19.45
CA ARG B 389 2.17 -1.20 18.69
C ARG B 389 1.59 -2.26 19.60
N PRO B 390 0.39 -2.74 19.33
CA PRO B 390 -0.09 -3.99 19.95
C PRO B 390 0.35 -5.21 19.16
N GLU B 391 1.64 -5.53 19.29
CA GLU B 391 2.24 -6.69 18.66
C GLU B 391 2.83 -7.64 19.69
N GLY B 392 3.60 -7.12 20.65
CA GLY B 392 4.32 -7.95 21.59
C GLY B 392 3.40 -8.71 22.53
N GLN B 393 2.25 -8.11 22.84
CA GLN B 393 1.23 -8.79 23.63
C GLN B 393 0.65 -9.97 22.86
N ILE B 394 0.55 -9.86 21.54
CA ILE B 394 0.01 -10.95 20.74
C ILE B 394 0.96 -12.14 20.74
N ALA B 395 2.26 -11.87 20.63
CA ALA B 395 3.25 -12.95 20.66
C ALA B 395 3.34 -13.57 22.05
N THR B 396 3.27 -12.75 23.10
CA THR B 396 3.31 -13.27 24.45
C THR B 396 2.09 -14.12 24.75
N GLY B 397 0.91 -13.70 24.28
CA GLY B 397 -0.28 -14.52 24.43
C GLY B 397 -0.22 -15.80 23.63
N ALA B 398 0.40 -15.77 22.45
CA ALA B 398 0.53 -16.97 21.65
C ALA B 398 1.45 -17.97 22.33
N LEU B 399 2.52 -17.48 22.94
CA LEU B 399 3.39 -18.36 23.72
C LEU B 399 2.68 -18.87 24.96
N ILE B 400 1.80 -18.04 25.55
CA ILE B 400 0.99 -18.49 26.68
C ILE B 400 0.06 -19.62 26.26
N THR B 401 -0.50 -19.53 25.07
CA THR B 401 -1.38 -20.60 24.58
C THR B 401 -0.60 -21.88 24.35
N TYR B 402 0.57 -21.77 23.73
CA TYR B 402 1.35 -22.97 23.46
C TYR B 402 1.89 -23.60 24.75
N VAL B 403 2.24 -22.80 25.76
CA VAL B 403 2.75 -23.39 27.00
C VAL B 403 1.63 -24.05 27.78
N LEU B 404 0.43 -23.43 27.85
CA LEU B 404 -0.66 -24.11 28.55
C LEU B 404 -1.12 -25.35 27.80
N ILE B 405 -1.06 -25.37 26.46
CA ILE B 405 -1.45 -26.60 25.76
C ILE B 405 -0.36 -27.66 25.95
N GLU B 406 0.89 -27.23 26.13
CA GLU B 406 1.96 -28.19 26.38
C GLU B 406 1.85 -28.79 27.77
N ARG B 407 1.55 -27.97 28.78
CA ARG B 407 1.33 -28.51 30.11
C ARG B 407 0.02 -29.28 30.19
N ALA B 408 -0.94 -28.99 29.30
CA ALA B 408 -2.13 -29.81 29.19
C ALA B 408 -1.83 -31.18 28.64
N VAL B 409 -0.96 -31.29 27.62
CA VAL B 409 -0.59 -32.63 27.16
C VAL B 409 0.30 -33.32 28.19
N THR B 410 1.07 -32.55 28.97
CA THR B 410 2.04 -33.15 29.89
C THR B 410 1.33 -33.84 31.05
N SER B 411 0.44 -33.11 31.72
CA SER B 411 -0.46 -33.71 32.69
C SER B 411 -1.69 -34.30 32.01
N GLY B 412 -2.61 -34.78 32.84
CA GLY B 412 -3.92 -35.23 32.42
C GLY B 412 -4.98 -34.18 32.66
N ARG B 413 -4.58 -33.13 33.37
CA ARG B 413 -5.47 -32.04 33.75
C ARG B 413 -5.86 -31.18 32.55
N LEU B 414 -7.15 -31.14 32.23
CA LEU B 414 -7.65 -30.35 31.11
C LEU B 414 -7.98 -28.92 31.52
N THR B 415 -7.51 -28.46 32.66
CA THR B 415 -7.71 -27.07 33.02
C THR B 415 -6.77 -26.09 32.31
N PRO B 416 -5.50 -26.41 32.02
CA PRO B 416 -4.75 -25.54 31.11
C PRO B 416 -5.22 -25.61 29.67
N ALA B 417 -6.00 -26.62 29.30
CA ALA B 417 -6.58 -26.64 27.96
C ALA B 417 -7.65 -25.57 27.82
N ALA B 418 -8.58 -25.50 28.77
CA ALA B 418 -9.62 -24.48 28.70
C ALA B 418 -9.06 -23.09 28.99
N LEU B 419 -8.06 -22.99 29.87
CA LEU B 419 -7.39 -21.70 30.06
C LEU B 419 -6.65 -21.26 28.81
N ALA B 420 -6.11 -22.21 28.04
CA ALA B 420 -5.42 -21.86 26.81
C ALA B 420 -6.37 -21.48 25.70
N ILE B 421 -7.54 -22.10 25.64
CA ILE B 421 -8.55 -21.69 24.66
C ILE B 421 -9.07 -20.29 25.02
N THR B 422 -9.21 -20.01 26.32
CA THR B 422 -9.58 -18.67 26.77
C THR B 422 -8.54 -17.62 26.36
N THR B 423 -7.26 -17.89 26.61
CA THR B 423 -6.23 -16.95 26.19
C THR B 423 -6.06 -16.89 24.68
N ALA B 424 -6.42 -17.95 23.95
CA ALA B 424 -6.40 -17.90 22.49
C ALA B 424 -7.48 -16.96 21.97
N ALA B 425 -8.68 -17.05 22.54
CA ALA B 425 -9.74 -16.12 22.17
C ALA B 425 -9.42 -14.71 22.64
N PHE B 426 -8.67 -14.58 23.74
CA PHE B 426 -8.23 -13.28 24.24
C PHE B 426 -7.28 -12.60 23.26
N THR B 427 -6.31 -13.36 22.74
CA THR B 427 -5.45 -12.85 21.69
C THR B 427 -6.21 -12.59 20.40
N LEU B 428 -7.22 -13.40 20.10
CA LEU B 428 -8.07 -13.11 18.95
C LEU B 428 -8.97 -11.90 19.17
N GLY B 429 -9.11 -11.44 20.42
CA GLY B 429 -9.91 -10.28 20.72
C GLY B 429 -9.22 -9.00 20.30
N ILE B 430 -7.89 -9.05 20.18
CA ILE B 430 -7.08 -8.00 19.58
C ILE B 430 -7.26 -8.13 18.06
N GLN B 431 -6.76 -7.15 17.31
CA GLN B 431 -6.89 -7.06 15.86
C GLN B 431 -6.39 -8.35 15.18
N PRO B 432 -7.09 -8.83 14.13
CA PRO B 432 -7.03 -10.25 13.78
C PRO B 432 -5.76 -10.73 13.09
N THR B 433 -4.67 -9.96 13.15
CA THR B 433 -3.35 -10.47 12.78
C THR B 433 -2.77 -11.37 13.90
N GLY B 434 -3.51 -11.55 14.99
CA GLY B 434 -3.17 -12.59 15.96
C GLY B 434 -3.89 -13.89 15.69
N LEU B 435 -3.59 -14.48 14.53
CA LEU B 435 -3.93 -15.85 14.20
C LEU B 435 -2.96 -16.86 14.80
N ILE B 436 -1.95 -16.40 15.53
CA ILE B 436 -0.87 -17.30 15.93
C ILE B 436 -1.34 -18.23 17.04
N ALA B 437 -2.14 -17.72 17.97
CA ALA B 437 -2.64 -18.52 19.08
C ALA B 437 -3.64 -19.56 18.62
N VAL B 438 -4.53 -19.19 17.70
CA VAL B 438 -5.52 -20.17 17.25
C VAL B 438 -4.81 -21.19 16.36
N ALA B 439 -3.71 -20.80 15.73
CA ALA B 439 -2.87 -21.77 15.04
C ALA B 439 -2.19 -22.71 16.02
N ALA B 440 -1.88 -22.23 17.23
CA ALA B 440 -1.28 -23.10 18.23
C ALA B 440 -2.31 -24.08 18.77
N LEU B 441 -3.54 -23.61 18.97
CA LEU B 441 -4.64 -24.48 19.36
C LEU B 441 -4.96 -25.49 18.26
N LEU B 442 -4.81 -25.08 17.00
CA LEU B 442 -4.98 -26.01 15.88
C LEU B 442 -3.90 -27.06 15.87
N ALA B 443 -2.64 -26.64 16.07
CA ALA B 443 -1.52 -27.56 16.12
C ALA B 443 -1.54 -28.44 17.36
N GLY B 444 -2.28 -28.06 18.39
CA GLY B 444 -2.55 -28.98 19.47
C GLY B 444 -3.85 -29.73 19.28
N GLY B 445 -4.19 -30.05 18.02
CA GLY B 445 -5.45 -30.71 17.72
C GLY B 445 -5.48 -32.15 18.17
N ARG B 446 -4.62 -32.97 17.58
CA ARG B 446 -4.49 -34.38 17.93
C ARG B 446 -4.30 -34.65 19.43
N PRO B 447 -3.43 -33.94 20.17
CA PRO B 447 -3.27 -34.34 21.58
C PRO B 447 -4.45 -33.92 22.43
N ILE B 448 -5.12 -32.81 22.09
CA ILE B 448 -6.29 -32.41 22.87
C ILE B 448 -7.43 -33.39 22.62
N LEU B 449 -7.57 -33.94 21.40
CA LEU B 449 -8.56 -34.99 21.22
C LEU B 449 -8.14 -36.31 21.85
N ARG B 450 -6.85 -36.61 21.91
CA ARG B 450 -6.40 -37.82 22.60
C ARG B 450 -6.64 -37.76 24.10
N ILE B 451 -6.38 -36.60 24.71
CA ILE B 451 -6.64 -36.43 26.13
C ILE B 451 -8.15 -36.45 26.42
N VAL B 452 -8.97 -35.77 25.60
CA VAL B 452 -10.39 -35.72 25.92
C VAL B 452 -11.04 -37.07 25.64
N MET B 453 -10.46 -37.89 24.75
CA MET B 453 -10.87 -39.27 24.60
C MET B 453 -10.39 -40.12 25.78
N ARG B 454 -9.26 -39.76 26.37
CA ARG B 454 -8.75 -40.49 27.54
C ARG B 454 -9.65 -40.32 28.74
N ARG B 455 -10.25 -39.15 28.92
CA ARG B 455 -11.20 -38.96 30.01
C ARG B 455 -12.62 -39.33 29.62
N ARG B 456 -12.84 -39.73 28.35
CA ARG B 456 -14.18 -39.98 27.84
C ARG B 456 -14.80 -41.22 28.47
N ARG B 457 -13.98 -42.18 28.89
CA ARG B 457 -14.50 -43.41 29.49
C ARG B 457 -15.07 -43.20 30.87
N LEU B 458 -14.77 -42.07 31.52
CA LEU B 458 -15.36 -41.74 32.81
C LEU B 458 -16.52 -40.76 32.68
N VAL B 459 -16.32 -39.64 31.97
CA VAL B 459 -17.34 -38.60 31.84
C VAL B 459 -17.54 -38.31 30.36
N GLY B 460 -18.67 -37.70 30.04
CA GLY B 460 -19.08 -37.56 28.65
C GLY B 460 -19.04 -36.15 28.10
N THR B 461 -19.92 -35.87 27.13
CA THR B 461 -19.85 -34.61 26.39
C THR B 461 -20.24 -33.41 27.25
N TRP B 462 -21.40 -33.45 27.90
CA TRP B 462 -21.86 -32.35 28.72
C TRP B 462 -21.00 -32.04 29.95
N PRO B 463 -20.40 -33.01 30.68
CA PRO B 463 -19.49 -32.59 31.75
C PRO B 463 -18.16 -32.06 31.28
N LEU B 464 -17.61 -32.59 30.18
CA LEU B 464 -16.22 -32.32 29.83
C LEU B 464 -16.06 -31.35 28.67
N ILE B 465 -16.66 -31.63 27.51
CA ILE B 465 -16.43 -30.77 26.35
C ILE B 465 -17.19 -29.45 26.48
N ALA B 466 -18.22 -29.41 27.33
CA ALA B 466 -19.01 -28.19 27.45
C ALA B 466 -18.29 -27.05 28.18
N PRO B 467 -17.58 -27.25 29.31
CA PRO B 467 -16.84 -26.11 29.86
C PRO B 467 -15.63 -25.73 29.03
N LEU B 468 -15.14 -26.61 28.15
CA LEU B 468 -14.14 -26.23 27.17
C LEU B 468 -14.67 -25.14 26.24
N LEU B 469 -15.86 -25.36 25.69
CA LEU B 469 -16.46 -24.34 24.84
C LEU B 469 -17.00 -23.17 25.65
N ALA B 470 -17.27 -23.37 26.94
CA ALA B 470 -17.73 -22.27 27.77
C ALA B 470 -16.59 -21.32 28.09
N ALA B 471 -15.39 -21.87 28.24
CA ALA B 471 -14.18 -21.07 28.30
C ALA B 471 -13.72 -20.59 26.93
N GLY B 472 -14.28 -21.15 25.85
CA GLY B 472 -13.99 -20.61 24.54
C GLY B 472 -14.88 -19.48 24.09
N THR B 473 -15.94 -19.19 24.84
CA THR B 473 -16.90 -18.15 24.47
C THR B 473 -16.88 -16.96 25.43
N VAL B 474 -15.89 -16.88 26.33
CA VAL B 474 -15.78 -15.72 27.21
C VAL B 474 -15.43 -14.47 26.42
N ILE B 475 -14.46 -14.56 25.52
CA ILE B 475 -13.97 -13.35 24.90
C ILE B 475 -14.92 -12.90 23.81
N LEU B 476 -15.80 -13.80 23.34
CA LEU B 476 -16.96 -13.37 22.57
C LEU B 476 -17.83 -12.42 23.38
N ALA B 477 -17.99 -12.71 24.68
CA ALA B 477 -18.77 -11.82 25.53
C ALA B 477 -18.04 -10.53 25.79
N VAL B 478 -16.72 -10.58 26.00
CA VAL B 478 -15.99 -9.35 26.29
C VAL B 478 -15.75 -8.50 25.03
N VAL B 479 -15.92 -9.08 23.84
CA VAL B 479 -15.83 -8.26 22.64
C VAL B 479 -17.20 -7.75 22.23
N PHE B 480 -18.28 -8.47 22.56
CA PHE B 480 -19.62 -8.04 22.20
C PHE B 480 -20.39 -7.47 23.38
N ALA B 481 -19.72 -7.18 24.50
CA ALA B 481 -20.39 -6.54 25.62
C ALA B 481 -20.70 -5.08 25.30
N ASP B 482 -19.67 -4.30 25.06
CA ASP B 482 -19.82 -2.86 24.87
C ASP B 482 -20.32 -2.51 23.49
N GLN B 483 -20.09 -3.38 22.51
CA GLN B 483 -20.67 -3.19 21.19
C GLN B 483 -22.07 -3.81 21.16
N THR B 484 -22.68 -3.78 19.97
CA THR B 484 -23.88 -4.54 19.69
C THR B 484 -23.69 -5.23 18.34
N ILE B 485 -24.51 -6.24 18.06
CA ILE B 485 -24.30 -7.06 16.87
C ILE B 485 -24.61 -6.27 15.59
N ALA B 486 -25.35 -5.16 15.70
CA ALA B 486 -25.55 -4.27 14.57
C ALA B 486 -24.27 -3.54 14.20
N THR B 487 -23.63 -2.87 15.17
CA THR B 487 -22.49 -2.02 14.88
C THR B 487 -21.19 -2.77 14.62
N VAL B 488 -21.15 -4.08 14.82
CA VAL B 488 -19.98 -4.83 14.34
C VAL B 488 -20.16 -5.23 12.88
N LEU B 489 -21.36 -5.66 12.48
CA LEU B 489 -21.65 -5.95 11.08
C LEU B 489 -21.90 -4.67 10.31
N ARG B 525 11.37 -6.42 7.16
CA ARG B 525 10.96 -7.81 6.96
C ARG B 525 12.13 -8.68 6.54
N ARG B 526 13.34 -8.14 6.67
CA ARG B 526 14.55 -8.86 6.31
C ARG B 526 15.15 -9.61 7.50
N VAL B 527 15.12 -9.04 8.70
CA VAL B 527 15.71 -9.80 9.80
C VAL B 527 14.65 -10.66 10.51
N ALA B 528 13.40 -10.17 10.58
CA ALA B 528 12.40 -10.81 11.43
C ALA B 528 11.82 -12.11 10.87
N PHE B 529 11.73 -12.23 9.55
CA PHE B 529 11.24 -13.46 8.92
C PHE B 529 12.30 -14.30 8.24
N VAL B 530 13.33 -13.67 7.67
CA VAL B 530 14.23 -14.42 6.80
C VAL B 530 15.20 -15.24 7.64
N PHE B 531 15.61 -14.73 8.80
CA PHE B 531 16.42 -15.53 9.72
C PHE B 531 15.61 -16.68 10.29
N THR B 532 14.32 -16.44 10.56
CA THR B 532 13.47 -17.51 11.07
C THR B 532 13.23 -18.57 10.00
N ALA B 533 13.21 -18.17 8.73
CA ALA B 533 13.14 -19.15 7.65
C ALA B 533 14.46 -19.90 7.51
N MET B 534 15.58 -19.21 7.69
CA MET B 534 16.89 -19.84 7.57
C MET B 534 17.23 -20.74 8.75
N CYS B 535 16.49 -20.67 9.85
CA CYS B 535 16.58 -21.72 10.85
C CYS B 535 15.46 -22.74 10.71
N LEU B 536 14.35 -22.37 10.07
CA LEU B 536 13.21 -23.27 9.94
C LEU B 536 13.47 -24.33 8.89
N PHE B 537 13.96 -23.92 7.72
CA PHE B 537 14.24 -24.86 6.63
C PHE B 537 15.21 -26.00 6.97
N PRO B 538 16.29 -25.82 7.76
CA PRO B 538 17.12 -27.00 8.08
C PRO B 538 16.46 -27.96 9.05
N SER B 539 15.71 -27.45 10.03
CA SER B 539 15.23 -28.28 11.12
C SER B 539 14.15 -29.25 10.63
N LEU B 540 13.31 -28.78 9.70
CA LEU B 540 12.29 -29.64 9.12
C LEU B 540 12.91 -30.76 8.31
N PHE B 541 13.96 -30.46 7.53
CA PHE B 541 14.62 -31.49 6.75
C PHE B 541 15.40 -32.46 7.64
N MET B 542 15.95 -31.99 8.77
CA MET B 542 16.67 -32.88 9.66
C MET B 542 15.72 -33.83 10.38
N MET B 543 14.56 -33.31 10.80
CA MET B 543 13.57 -34.15 11.46
C MET B 543 12.85 -35.06 10.47
N LEU B 544 12.80 -34.66 9.19
CA LEU B 544 12.22 -35.52 8.18
C LEU B 544 13.16 -36.66 7.84
N ARG B 545 14.45 -36.38 7.70
CA ARG B 545 15.38 -37.41 7.26
C ARG B 545 15.72 -38.36 8.39
N ARG B 546 15.99 -37.85 9.60
CA ARG B 546 16.40 -38.75 10.68
C ARG B 546 15.24 -39.52 11.27
N LYS B 547 14.04 -38.90 11.33
CA LYS B 547 12.74 -39.47 11.68
C LYS B 547 12.59 -39.84 13.16
N HIS B 548 13.69 -39.78 13.93
CA HIS B 548 13.68 -39.62 15.38
C HIS B 548 15.09 -39.22 15.80
N ILE B 549 15.18 -38.20 16.63
CA ILE B 549 16.46 -37.60 17.00
C ILE B 549 16.79 -38.06 18.41
N ALA B 550 18.08 -38.30 18.69
CA ALA B 550 18.50 -38.71 20.02
C ALA B 550 18.31 -37.58 21.02
N GLY B 551 18.65 -36.36 20.64
CA GLY B 551 18.56 -35.22 21.54
C GLY B 551 17.17 -34.74 21.85
N VAL B 552 16.50 -34.13 20.88
CA VAL B 552 15.23 -33.45 21.08
C VAL B 552 14.10 -34.45 21.18
N ALA B 553 13.12 -34.14 22.03
CA ALA B 553 11.94 -34.98 22.14
C ALA B 553 11.09 -34.89 20.87
N ARG B 554 10.26 -35.90 20.66
CA ARG B 554 9.63 -36.08 19.36
C ARG B 554 8.44 -35.15 19.17
N GLY B 555 7.49 -35.17 20.11
CA GLY B 555 6.19 -34.58 19.93
C GLY B 555 6.16 -33.06 19.87
N PRO B 556 6.44 -32.38 21.01
CA PRO B 556 6.28 -30.92 21.03
C PRO B 556 7.28 -30.17 20.16
N ALA B 557 8.34 -30.85 19.70
CA ALA B 557 9.11 -30.36 18.56
C ALA B 557 8.22 -30.22 17.34
N TRP B 558 7.51 -31.30 16.97
CA TRP B 558 6.62 -31.25 15.82
C TRP B 558 5.45 -30.31 16.05
N ARG B 559 5.05 -30.10 17.30
CA ARG B 559 4.01 -29.12 17.58
C ARG B 559 4.51 -27.70 17.35
N LEU B 560 5.75 -27.41 17.78
CA LEU B 560 6.34 -26.10 17.51
C LEU B 560 6.57 -25.89 16.02
N MET B 561 6.79 -27.00 15.29
CA MET B 561 6.88 -26.93 13.84
C MET B 561 5.51 -26.55 13.28
N GLY B 562 4.49 -27.33 13.64
CA GLY B 562 3.12 -27.08 13.21
C GLY B 562 2.66 -25.65 13.40
N ILE B 563 2.94 -25.06 14.58
CA ILE B 563 2.54 -23.68 14.82
C ILE B 563 3.31 -22.73 13.90
N ILE B 564 4.65 -22.83 13.85
CA ILE B 564 5.43 -21.86 13.08
C ILE B 564 5.14 -22.01 11.58
N PHE B 565 4.98 -23.24 11.12
CA PHE B 565 4.79 -23.51 9.71
C PHE B 565 3.36 -23.21 9.28
N ALA B 566 2.44 -23.09 10.23
CA ALA B 566 1.08 -22.67 9.93
C ALA B 566 0.85 -21.18 10.11
N THR B 567 1.60 -20.51 10.96
CA THR B 567 1.51 -19.06 11.10
C THR B 567 2.42 -18.30 10.17
N MET B 568 3.06 -18.99 9.24
CA MET B 568 3.95 -18.35 8.28
C MET B 568 3.04 -18.04 7.11
N PHE B 569 2.43 -19.10 6.57
CA PHE B 569 1.52 -18.96 5.43
C PHE B 569 0.10 -19.02 4.89
N PHE B 570 -0.56 -20.16 5.09
CA PHE B 570 -1.94 -20.36 4.63
C PHE B 570 -2.72 -19.31 5.42
N LEU B 571 -2.46 -19.23 6.72
CA LEU B 571 -3.14 -18.28 7.56
C LEU B 571 -2.86 -16.80 7.30
N MET B 572 -1.59 -16.41 7.26
CA MET B 572 -1.23 -15.00 7.20
C MET B 572 -0.68 -14.56 5.84
N PHE B 573 -0.47 -15.49 4.90
CA PHE B 573 0.04 -15.19 3.57
C PHE B 573 -0.90 -15.52 2.43
N THR B 574 -1.64 -16.58 2.56
CA THR B 574 -2.59 -17.03 1.57
C THR B 574 -3.85 -16.17 1.70
N PRO B 575 -4.44 -16.13 2.90
CA PRO B 575 -5.58 -15.23 3.15
C PRO B 575 -5.29 -13.75 2.96
N THR B 576 -4.13 -13.27 3.41
CA THR B 576 -3.68 -11.87 3.40
C THR B 576 -4.59 -11.07 4.33
N LYS B 577 -4.44 -11.34 5.64
CA LYS B 577 -5.09 -10.60 6.70
C LYS B 577 -4.15 -9.58 7.37
N TRP B 578 -4.13 -8.35 6.84
CA TRP B 578 -3.37 -7.22 7.39
C TRP B 578 -1.87 -7.51 7.51
N ILE B 579 -1.20 -7.52 6.37
CA ILE B 579 0.22 -7.89 6.25
C ILE B 579 1.10 -6.89 6.97
N HIS B 580 2.38 -7.27 7.15
CA HIS B 580 3.49 -6.46 7.65
C HIS B 580 3.26 -5.93 9.06
N HIS B 581 3.02 -6.88 9.96
CA HIS B 581 3.33 -6.74 11.37
C HIS B 581 4.53 -7.66 11.53
N PHE B 582 5.72 -7.10 11.30
CA PHE B 582 6.92 -7.87 10.95
C PHE B 582 7.39 -8.81 12.05
N GLY B 583 7.82 -8.24 13.17
CA GLY B 583 8.41 -8.99 14.25
C GLY B 583 7.41 -9.49 15.26
N LEU B 584 6.64 -10.51 14.91
CA LEU B 584 5.76 -11.16 15.87
C LEU B 584 6.10 -12.65 16.03
N PHE B 585 7.36 -13.00 15.79
CA PHE B 585 7.88 -14.32 16.12
C PHE B 585 8.93 -14.15 17.20
N ALA B 586 8.60 -13.30 18.18
CA ALA B 586 9.51 -12.97 19.28
C ALA B 586 9.78 -14.16 20.18
N ALA B 587 8.80 -15.05 20.33
CA ALA B 587 8.91 -16.20 21.20
C ALA B 587 9.20 -17.46 20.41
N VAL B 588 8.32 -17.81 19.47
CA VAL B 588 8.38 -19.12 18.83
C VAL B 588 9.56 -19.18 17.87
N GLY B 589 9.91 -18.06 17.24
CA GLY B 589 11.15 -17.98 16.51
C GLY B 589 12.38 -18.11 17.37
N GLY B 590 12.29 -17.69 18.64
CA GLY B 590 13.39 -17.91 19.56
C GLY B 590 13.62 -19.38 19.85
N ALA B 591 12.54 -20.12 20.11
CA ALA B 591 12.66 -21.55 20.33
C ALA B 591 13.04 -22.28 19.05
N MET B 592 12.64 -21.73 17.89
CA MET B 592 13.08 -22.29 16.62
C MET B 592 14.58 -22.12 16.42
N ALA B 593 15.13 -20.94 16.74
CA ALA B 593 16.58 -20.76 16.66
C ALA B 593 17.29 -21.65 17.67
N ALA B 594 16.66 -21.91 18.82
CA ALA B 594 17.23 -22.80 19.82
C ALA B 594 17.24 -24.23 19.29
N LEU B 595 16.15 -24.64 18.65
CA LEU B 595 16.08 -25.95 18.03
C LEU B 595 17.03 -26.06 16.86
N ALA B 596 17.33 -24.95 16.20
CA ALA B 596 18.35 -24.95 15.15
C ALA B 596 19.73 -25.19 15.74
N THR B 597 20.05 -24.50 16.83
CA THR B 597 21.37 -24.62 17.43
C THR B 597 21.53 -25.95 18.18
N VAL B 598 20.43 -26.65 18.48
CA VAL B 598 20.57 -28.00 19.05
C VAL B 598 20.37 -29.10 17.99
N LEU B 599 19.90 -28.77 16.80
CA LEU B 599 19.75 -29.79 15.77
C LEU B 599 20.96 -29.84 14.85
N VAL B 600 21.66 -28.72 14.69
CA VAL B 600 22.85 -28.66 13.86
C VAL B 600 24.01 -28.62 14.84
N SER B 601 23.79 -29.20 16.02
CA SER B 601 24.89 -29.49 16.92
C SER B 601 25.77 -30.58 16.29
N PRO B 602 27.08 -30.55 16.54
CA PRO B 602 27.98 -31.50 15.85
C PRO B 602 27.89 -32.93 16.33
N THR B 603 27.18 -33.21 17.43
CA THR B 603 27.15 -34.56 17.97
C THR B 603 25.98 -35.38 17.47
N VAL B 604 24.93 -34.75 16.96
CA VAL B 604 23.75 -35.47 16.52
C VAL B 604 23.63 -35.56 15.00
N LEU B 605 24.32 -34.68 14.25
CA LEU B 605 24.26 -34.76 12.80
C LEU B 605 25.26 -35.78 12.29
N ARG B 606 25.26 -35.95 10.96
CA ARG B 606 26.37 -36.63 10.32
C ARG B 606 27.57 -35.68 10.31
N SER B 607 28.68 -36.10 10.92
CA SER B 607 29.87 -35.26 11.04
C SER B 607 30.55 -35.19 9.68
N ALA B 608 30.01 -34.33 8.81
CA ALA B 608 30.33 -34.35 7.40
C ALA B 608 30.04 -32.97 6.82
N ARG B 609 29.89 -32.92 5.49
CA ARG B 609 29.67 -31.68 4.73
C ARG B 609 28.44 -30.89 5.16
N ASN B 610 27.46 -31.53 5.82
CA ASN B 610 26.12 -30.94 5.94
C ASN B 610 26.13 -29.71 6.83
N ARG B 611 26.86 -29.76 7.94
CA ARG B 611 26.97 -28.59 8.81
C ARG B 611 27.83 -27.50 8.19
N MET B 612 28.74 -27.87 7.28
CA MET B 612 29.47 -26.84 6.53
C MET B 612 28.56 -26.15 5.53
N ALA B 613 27.64 -26.89 4.90
CA ALA B 613 26.64 -26.29 4.04
C ALA B 613 25.69 -25.40 4.83
N PHE B 614 25.38 -25.80 6.07
CA PHE B 614 24.57 -24.94 6.93
C PHE B 614 25.34 -23.69 7.34
N LEU B 615 26.67 -23.81 7.54
CA LEU B 615 27.47 -22.64 7.85
C LEU B 615 27.51 -21.67 6.67
N SER B 616 27.57 -22.22 5.45
CA SER B 616 27.48 -21.40 4.26
C SER B 616 26.12 -20.71 4.16
N LEU B 617 25.04 -21.42 4.50
CA LEU B 617 23.71 -20.83 4.42
C LEU B 617 23.47 -19.79 5.50
N VAL B 618 23.98 -20.00 6.72
CA VAL B 618 23.81 -19.00 7.77
C VAL B 618 24.66 -17.75 7.48
N LEU B 619 25.85 -17.93 6.91
CA LEU B 619 26.61 -16.76 6.48
C LEU B 619 25.94 -16.08 5.29
N PHE B 620 25.21 -16.84 4.47
CA PHE B 620 24.48 -16.26 3.36
C PHE B 620 23.30 -15.43 3.83
N VAL B 621 22.55 -15.91 4.82
CA VAL B 621 21.41 -15.13 5.29
C VAL B 621 21.87 -13.93 6.11
N LEU B 622 22.98 -14.05 6.85
CA LEU B 622 23.55 -12.89 7.54
C LEU B 622 24.07 -11.85 6.55
N ALA B 623 24.64 -12.29 5.42
CA ALA B 623 25.11 -11.35 4.42
C ALA B 623 23.96 -10.72 3.65
N PHE B 624 22.92 -11.49 3.33
CA PHE B 624 21.83 -10.96 2.54
C PHE B 624 20.93 -10.06 3.37
N CYS B 625 20.88 -10.29 4.68
CA CYS B 625 20.08 -9.45 5.56
C CYS B 625 20.75 -8.11 5.76
N PHE B 626 21.94 -8.10 6.35
CA PHE B 626 22.63 -6.86 6.68
C PHE B 626 23.28 -6.25 5.45
N PRO B 647 20.12 -0.04 2.59
CA PRO B 647 20.38 -0.16 4.02
C PRO B 647 21.09 1.09 4.56
N LYS B 648 20.94 1.35 5.86
CA LYS B 648 21.55 2.49 6.52
C LYS B 648 22.39 1.98 7.67
N VAL B 649 23.62 1.59 7.36
CA VAL B 649 24.59 1.07 8.32
C VAL B 649 25.96 1.08 7.67
N GLY B 650 26.99 1.39 8.46
CA GLY B 650 28.34 1.24 7.98
C GLY B 650 29.43 1.66 8.94
N GLY B 651 30.40 0.76 9.11
CA GLY B 651 31.68 1.02 9.75
C GLY B 651 32.76 0.88 8.71
N VAL B 652 33.34 -0.32 8.66
CA VAL B 652 34.14 -0.80 7.53
C VAL B 652 33.14 -1.06 6.38
N GLN B 653 33.65 -1.28 5.15
CA GLN B 653 32.92 -1.29 3.89
C GLN B 653 31.63 -2.12 3.92
N ILE B 654 30.70 -1.76 3.04
CA ILE B 654 29.32 -2.27 3.01
C ILE B 654 29.26 -3.77 2.75
N SER B 655 28.06 -4.33 2.94
CA SER B 655 27.86 -5.75 3.24
C SER B 655 28.12 -6.66 2.03
N ALA B 656 27.73 -7.92 2.20
CA ALA B 656 28.11 -9.08 1.37
C ALA B 656 29.63 -9.27 1.35
N ILE B 657 30.25 -8.97 2.49
CA ILE B 657 31.61 -9.42 2.77
C ILE B 657 31.56 -10.75 3.49
N PHE B 658 30.49 -10.99 4.27
CA PHE B 658 30.21 -12.31 4.81
C PHE B 658 29.79 -13.27 3.70
N PHE B 659 29.22 -12.74 2.60
CA PHE B 659 28.93 -13.56 1.42
C PHE B 659 30.21 -14.04 0.76
N ALA B 660 31.29 -13.26 0.86
CA ALA B 660 32.59 -13.73 0.44
C ALA B 660 33.15 -14.82 1.34
N LEU B 661 32.69 -14.91 2.59
CA LEU B 661 32.99 -16.07 3.41
C LEU B 661 31.99 -17.20 3.20
N SER B 662 30.83 -16.89 2.63
CA SER B 662 29.82 -17.91 2.40
C SER B 662 30.11 -18.67 1.13
N ALA B 663 30.63 -17.99 0.10
CA ALA B 663 30.92 -18.69 -1.14
C ALA B 663 32.15 -19.56 -0.97
N ILE B 664 33.14 -19.08 -0.21
CA ILE B 664 34.32 -19.90 0.03
C ILE B 664 33.97 -21.05 0.97
N ALA B 665 33.01 -20.86 1.88
CA ALA B 665 32.52 -21.99 2.68
C ALA B 665 31.76 -22.98 1.82
N ALA B 666 31.07 -22.50 0.78
CA ALA B 666 30.36 -23.40 -0.12
C ALA B 666 31.33 -24.24 -0.94
N LEU B 667 32.40 -23.63 -1.45
CA LEU B 667 33.42 -24.41 -2.14
C LEU B 667 34.20 -25.30 -1.19
N TRP B 668 34.38 -24.87 0.07
CA TRP B 668 34.97 -25.71 1.11
C TRP B 668 34.14 -26.96 1.33
N ALA B 669 32.83 -26.79 1.45
CA ALA B 669 31.93 -27.91 1.65
C ALA B 669 31.95 -28.83 0.44
N PHE B 670 31.97 -28.22 -0.76
CA PHE B 670 32.00 -28.99 -1.99
C PHE B 670 33.27 -29.83 -2.04
N TRP B 671 34.40 -29.21 -1.69
CA TRP B 671 35.67 -29.91 -1.68
C TRP B 671 35.66 -31.02 -0.64
N LEU B 672 34.96 -30.77 0.46
CA LEU B 672 34.84 -31.75 1.54
C LEU B 672 33.95 -32.91 1.11
N HIS B 673 32.98 -32.65 0.24
CA HIS B 673 32.16 -33.72 -0.30
C HIS B 673 32.93 -34.52 -1.33
N LEU B 674 33.89 -33.89 -2.01
CA LEU B 674 34.61 -34.62 -3.05
C LEU B 674 35.73 -35.49 -2.46
N THR B 675 36.60 -34.92 -1.64
CA THR B 675 37.76 -35.69 -1.20
C THR B 675 37.57 -36.40 0.14
N ARG B 676 36.54 -36.01 0.90
CA ARG B 676 36.27 -36.51 2.26
C ARG B 676 37.47 -36.34 3.19
N ARG B 677 38.04 -35.13 3.18
CA ARG B 677 39.08 -34.78 4.13
C ARG B 677 38.52 -34.09 5.37
N SER B 680 38.05 -34.97 13.30
CA SER B 680 37.82 -33.54 13.36
C SER B 680 39.09 -32.75 13.09
N ARG B 681 39.21 -32.19 11.89
CA ARG B 681 40.38 -31.41 11.51
C ARG B 681 40.20 -29.92 11.78
N VAL B 682 39.07 -29.37 11.33
CA VAL B 682 38.73 -27.96 11.51
C VAL B 682 37.27 -27.91 11.94
N VAL B 683 36.75 -29.06 12.36
CA VAL B 683 35.35 -29.23 12.76
C VAL B 683 34.96 -28.24 13.86
N ASP B 684 35.80 -28.07 14.88
CA ASP B 684 35.39 -27.13 15.92
C ASP B 684 35.46 -25.69 15.44
N ARG B 685 36.27 -25.39 14.41
CA ARG B 685 36.37 -24.01 13.93
C ARG B 685 35.61 -23.74 12.63
N LEU B 686 35.68 -24.63 11.64
CA LEU B 686 34.98 -24.42 10.37
C LEU B 686 33.49 -24.74 10.41
N THR B 687 33.06 -25.66 11.27
CA THR B 687 31.62 -25.95 11.38
C THR B 687 30.92 -24.85 12.17
N ALA B 688 31.60 -24.32 13.21
CA ALA B 688 31.07 -23.30 14.11
C ALA B 688 29.71 -23.72 14.64
N ALA B 689 29.74 -24.62 15.63
CA ALA B 689 28.61 -25.26 16.32
C ALA B 689 27.62 -24.24 16.85
N PRO B 690 28.03 -23.00 17.08
CA PRO B 690 27.08 -22.02 17.57
C PRO B 690 26.59 -21.29 16.33
N ILE B 691 25.31 -21.48 16.03
CA ILE B 691 24.58 -20.86 14.92
C ILE B 691 24.12 -19.50 15.41
N PRO B 692 24.11 -19.28 16.71
CA PRO B 692 23.66 -18.01 17.28
C PRO B 692 24.71 -16.92 17.30
N VAL B 693 25.95 -17.18 16.86
CA VAL B 693 26.94 -16.10 16.90
C VAL B 693 26.77 -15.18 15.70
N ALA B 694 25.92 -15.55 14.74
CA ALA B 694 25.74 -14.65 13.61
C ALA B 694 24.66 -13.66 14.03
N ALA B 695 23.67 -14.21 14.74
CA ALA B 695 22.63 -13.42 15.40
C ALA B 695 23.27 -12.31 16.21
N GLY B 696 24.25 -12.69 17.05
CA GLY B 696 24.99 -11.73 17.87
C GLY B 696 25.50 -10.53 17.09
N PHE B 697 26.08 -10.78 15.92
CA PHE B 697 26.47 -9.70 15.01
C PHE B 697 25.26 -8.91 14.53
N MET B 698 24.15 -9.60 14.27
CA MET B 698 22.93 -8.91 13.83
C MET B 698 22.40 -7.96 14.90
N VAL B 699 22.33 -8.42 16.16
CA VAL B 699 21.83 -7.55 17.24
C VAL B 699 22.81 -6.40 17.51
N VAL B 700 24.12 -6.66 17.54
CA VAL B 700 25.06 -5.59 17.91
C VAL B 700 25.10 -4.53 16.82
N VAL B 701 25.02 -4.94 15.54
CA VAL B 701 24.92 -3.95 14.47
C VAL B 701 23.56 -3.26 14.50
N MET B 702 22.52 -3.94 14.98
CA MET B 702 21.24 -3.26 15.17
C MET B 702 21.22 -2.41 16.45
N MET B 703 22.01 -2.78 17.46
CA MET B 703 22.06 -1.97 18.67
C MET B 703 23.01 -0.79 18.47
N ALA B 704 22.94 0.15 19.41
CA ALA B 704 23.59 1.47 19.35
C ALA B 704 23.21 2.21 18.07
N SER B 705 21.94 2.13 17.71
CA SER B 705 21.43 2.73 16.48
C SER B 705 20.04 3.33 16.72
N LEU B 733 7.02 18.74 27.20
CA LEU B 733 7.30 19.99 26.50
C LEU B 733 6.19 21.01 26.76
N ALA B 734 5.00 20.51 27.08
CA ALA B 734 3.91 21.35 27.54
C ALA B 734 4.17 21.99 28.90
N ASP B 735 5.13 21.47 29.68
CA ASP B 735 5.55 22.18 30.87
C ASP B 735 6.42 23.39 30.56
N ASP B 736 7.09 23.39 29.42
CA ASP B 736 8.22 24.29 29.17
C ASP B 736 7.81 25.31 28.11
N VAL B 737 7.13 26.36 28.58
CA VAL B 737 6.83 27.54 27.76
C VAL B 737 6.41 28.66 28.69
N LEU B 738 6.75 29.89 28.33
CA LEU B 738 6.13 31.06 28.93
C LEU B 738 4.93 31.51 28.10
N VAL B 739 4.04 32.26 28.75
CA VAL B 739 2.83 32.75 28.09
C VAL B 739 2.50 34.11 28.69
N GLU B 740 1.99 35.02 27.85
CA GLU B 740 1.94 36.42 28.22
C GLU B 740 0.55 36.82 28.70
N PRO B 741 0.22 36.57 29.98
CA PRO B 741 -1.17 36.68 30.44
C PRO B 741 -1.73 38.10 30.42
N ASP B 742 -1.03 39.03 31.07
CA ASP B 742 -1.41 40.45 31.02
C ASP B 742 -0.65 41.13 29.89
N SER B 743 -1.04 40.81 28.67
CA SER B 743 -0.31 41.16 27.46
C SER B 743 -0.47 42.62 27.04
N ASN B 744 -1.06 43.49 27.87
CA ASN B 744 -1.11 44.91 27.58
C ASN B 744 -0.55 45.77 28.69
N ALA B 745 0.32 45.22 29.55
CA ALA B 745 0.70 45.88 30.78
C ALA B 745 2.21 45.85 30.95
N GLY B 746 2.74 46.92 31.54
CA GLY B 746 4.14 46.97 31.94
C GLY B 746 5.04 47.79 31.04
N PHE B 747 4.57 48.96 30.61
CA PHE B 747 5.16 49.65 29.47
C PHE B 747 6.51 50.28 29.84
N LEU B 748 7.37 50.40 28.84
CA LEU B 748 8.60 51.17 28.93
C LEU B 748 8.37 52.61 28.50
N THR B 749 9.23 53.51 28.98
CA THR B 749 9.11 54.92 28.65
C THR B 749 10.44 55.53 28.23
N PRO B 750 10.53 55.96 26.96
CA PRO B 750 11.77 56.58 26.46
C PRO B 750 12.12 57.82 27.27
N LEU B 751 11.13 58.67 27.50
CA LEU B 751 11.34 59.93 28.29
C LEU B 751 10.32 60.96 27.81
N LEU B 761 6.38 58.64 22.31
CA LEU B 761 6.57 59.91 21.62
C LEU B 761 7.00 59.70 20.18
N GLY B 762 8.14 59.04 19.99
CA GLY B 762 8.72 58.88 18.68
C GLY B 762 10.23 59.07 18.68
N GLY B 763 10.72 59.82 19.66
CA GLY B 763 12.15 60.03 19.85
C GLY B 763 12.49 61.48 20.15
N GLU B 764 13.35 62.08 19.33
CA GLU B 764 13.32 63.53 19.17
C GLU B 764 12.17 63.98 18.29
N ASP B 765 12.14 63.48 17.05
CA ASP B 765 11.09 63.79 16.07
C ASP B 765 11.05 62.70 15.01
N PRO B 766 9.95 61.95 14.90
CA PRO B 766 9.85 60.90 13.88
C PRO B 766 9.78 61.46 12.46
N GLN B 767 10.85 61.29 11.68
CA GLN B 767 10.91 61.84 10.33
C GLN B 767 10.45 60.84 9.29
N GLY B 768 11.06 59.66 9.27
CA GLY B 768 10.51 58.57 8.47
C GLY B 768 9.70 57.63 9.33
N PHE B 769 8.38 57.85 9.36
CA PHE B 769 7.48 57.18 10.29
C PHE B 769 6.05 57.56 9.91
N SER B 770 5.11 56.72 10.33
CA SER B 770 3.70 56.95 10.06
C SER B 770 2.84 56.23 11.09
N PRO B 771 1.93 56.94 11.76
CA PRO B 771 0.93 56.24 12.59
C PRO B 771 -0.02 55.35 11.79
N ASP B 772 -0.13 55.58 10.48
CA ASP B 772 -0.93 54.74 9.60
C ASP B 772 0.02 53.79 8.85
N GLY B 773 -0.45 53.24 7.73
CA GLY B 773 0.33 52.28 6.98
C GLY B 773 0.45 50.94 7.66
N VAL B 774 -0.43 50.65 8.61
CA VAL B 774 -0.35 49.47 9.47
C VAL B 774 -1.11 48.31 8.84
N PRO B 775 -1.29 47.21 9.60
CA PRO B 775 -2.00 46.01 9.12
C PRO B 775 -3.38 46.23 8.51
N ASP B 776 -3.52 45.80 7.26
CA ASP B 776 -4.75 45.89 6.49
C ASP B 776 -4.93 44.52 5.83
N ARG B 777 -3.83 43.98 5.32
CA ARG B 777 -3.80 42.65 4.72
C ARG B 777 -2.63 41.83 5.23
N ILE B 778 -1.86 42.37 6.18
CA ILE B 778 -0.87 41.64 6.96
C ILE B 778 -1.41 41.43 8.36
N ILE B 779 -2.73 41.21 8.46
CA ILE B 779 -3.58 41.50 9.60
C ILE B 779 -3.10 40.92 10.93
N ALA B 780 -3.13 39.59 11.07
CA ALA B 780 -2.54 38.95 12.24
C ALA B 780 -1.50 37.90 11.90
N GLU B 781 -1.85 36.92 11.06
CA GLU B 781 -0.89 36.02 10.42
C GLU B 781 -0.95 36.09 8.90
N ALA B 782 -1.49 37.20 8.37
CA ALA B 782 -1.53 37.54 6.94
C ALA B 782 -2.24 36.45 6.14
N ILE B 783 -3.54 36.40 6.40
CA ILE B 783 -4.51 35.63 5.63
C ILE B 783 -5.43 36.67 4.99
N ARG B 784 -5.14 37.05 3.75
CA ARG B 784 -6.06 37.84 2.96
C ARG B 784 -6.79 37.02 1.91
N LEU B 785 -6.85 35.70 2.08
CA LEU B 785 -7.54 34.81 1.17
C LEU B 785 -9.02 35.17 1.17
N ASN B 786 -9.57 35.40 -0.03
CA ASN B 786 -11.00 35.75 -0.22
C ASN B 786 -11.95 34.82 0.51
N ASN B 787 -11.65 33.52 0.58
CA ASN B 787 -12.53 32.55 1.23
C ASN B 787 -11.68 31.65 2.11
N PRO B 788 -11.52 31.97 3.39
CA PRO B 788 -10.78 31.09 4.28
C PRO B 788 -11.57 29.85 4.62
N GLN B 789 -10.88 28.86 5.19
CA GLN B 789 -11.55 27.68 5.74
C GLN B 789 -12.14 27.99 7.11
N PRO B 790 -12.68 26.98 7.81
CA PRO B 790 -13.31 27.22 9.12
C PRO B 790 -12.38 27.80 10.18
N GLY B 791 -11.09 27.49 10.09
CA GLY B 791 -10.06 28.13 10.91
C GLY B 791 -9.90 29.61 10.68
N THR B 792 -10.04 30.40 11.75
CA THR B 792 -9.81 31.84 11.73
C THR B 792 -9.62 32.32 13.16
N ASP B 793 -9.30 33.60 13.29
CA ASP B 793 -9.24 34.26 14.59
C ASP B 793 -9.56 35.73 14.40
N TYR B 794 -10.41 36.26 15.30
CA TYR B 794 -11.28 37.44 15.16
C TYR B 794 -10.68 38.62 14.39
N ASP B 795 -9.38 38.88 14.59
CA ASP B 795 -8.70 39.92 13.82
C ASP B 795 -8.48 39.56 12.36
N TRP B 796 -8.82 38.34 11.93
CA TRP B 796 -9.09 38.06 10.53
C TRP B 796 -10.14 39.02 9.97
N ASN B 797 -11.26 39.15 10.67
CA ASN B 797 -12.41 39.90 10.17
C ASN B 797 -12.84 41.01 11.13
N ARG B 798 -12.02 41.31 12.14
CA ARG B 798 -12.14 42.60 12.81
C ARG B 798 -11.83 43.72 11.83
N PRO B 799 -12.50 44.87 11.95
CA PRO B 799 -12.48 45.86 10.86
C PRO B 799 -11.12 46.53 10.69
N ILE B 800 -11.03 47.32 9.61
CA ILE B 800 -9.74 47.77 9.11
C ILE B 800 -9.21 48.94 9.94
N LYS B 801 -10.07 49.60 10.72
CA LYS B 801 -9.65 50.74 11.52
C LYS B 801 -10.64 50.91 12.65
N LEU B 802 -10.14 50.93 13.89
CA LEU B 802 -10.97 51.11 15.07
C LEU B 802 -11.39 52.56 15.27
N ASP B 803 -10.73 53.49 14.57
CA ASP B 803 -11.10 54.91 14.49
C ASP B 803 -11.01 55.62 15.84
N GLU B 804 -10.11 55.13 16.70
CA GLU B 804 -9.77 55.81 17.95
C GLU B 804 -8.26 56.02 17.96
N PRO B 805 -7.78 57.25 17.72
CA PRO B 805 -6.33 57.50 17.66
C PRO B 805 -5.58 57.28 18.96
N GLY B 806 -4.73 56.26 19.01
CA GLY B 806 -3.98 55.91 20.20
C GLY B 806 -2.83 56.86 20.53
N ILE B 807 -1.77 56.32 21.11
CA ILE B 807 -0.79 57.17 21.79
C ILE B 807 0.12 57.90 20.81
N ASN B 808 0.31 57.36 19.60
CA ASN B 808 0.90 58.11 18.51
C ASN B 808 -0.14 58.55 17.48
N GLY B 809 -1.42 58.49 17.85
CA GLY B 809 -2.49 58.71 16.89
C GLY B 809 -2.86 57.47 16.11
N SER B 810 -2.63 56.29 16.67
CA SER B 810 -2.93 55.04 15.98
C SER B 810 -4.40 54.72 16.15
N THR B 811 -5.16 54.82 15.06
CA THR B 811 -6.58 54.47 15.04
C THR B 811 -6.82 53.05 14.53
N VAL B 812 -5.75 52.40 14.07
CA VAL B 812 -5.80 51.09 13.42
C VAL B 812 -5.85 50.01 14.51
N PRO B 813 -6.24 48.77 14.21
CA PRO B 813 -6.10 47.69 15.19
C PRO B 813 -4.64 47.41 15.57
N LEU B 814 -4.48 46.69 16.67
CA LEU B 814 -3.15 46.33 17.19
C LEU B 814 -3.03 44.82 17.36
N PRO B 815 -1.88 44.33 17.83
CA PRO B 815 -1.67 42.88 17.92
C PRO B 815 -2.35 42.27 19.13
N TYR B 816 -2.07 40.99 19.41
CA TYR B 816 -2.51 40.37 20.66
C TYR B 816 -1.96 41.14 21.86
N GLY B 817 -2.86 41.51 22.77
CA GLY B 817 -2.58 42.54 23.73
C GLY B 817 -2.93 43.93 23.25
N LEU B 818 -3.97 44.07 22.43
CA LEU B 818 -4.34 45.34 21.82
C LEU B 818 -4.95 46.27 22.85
N ASP B 819 -4.16 47.24 23.30
CA ASP B 819 -4.61 48.29 24.20
C ASP B 819 -4.53 49.57 23.39
N PRO B 820 -5.57 49.91 22.62
CA PRO B 820 -5.47 51.08 21.74
C PRO B 820 -5.61 52.42 22.44
N LYS B 821 -5.76 52.44 23.75
CA LYS B 821 -5.81 53.70 24.48
C LYS B 821 -4.40 54.22 24.76
N ARG B 822 -3.54 53.35 25.31
CA ARG B 822 -2.18 53.77 25.64
C ARG B 822 -1.08 52.92 25.00
N VAL B 823 -1.10 52.72 23.70
CA VAL B 823 -0.05 51.98 23.01
C VAL B 823 0.67 52.92 22.05
N PRO B 824 1.95 53.22 22.27
CA PRO B 824 2.70 54.03 21.29
C PRO B 824 3.48 53.16 20.33
N VAL B 825 3.23 53.27 19.03
CA VAL B 825 3.72 52.29 18.07
C VAL B 825 4.27 53.03 16.85
N ALA B 826 4.67 52.26 15.82
CA ALA B 826 5.23 52.87 14.62
C ALA B 826 5.08 51.91 13.45
N GLY B 827 5.30 52.46 12.26
CA GLY B 827 5.37 51.69 11.03
C GLY B 827 5.55 52.65 9.88
N THR B 828 5.95 52.10 8.73
CA THR B 828 5.95 52.89 7.50
C THR B 828 5.56 52.06 6.30
N TYR B 829 4.65 51.11 6.45
CA TYR B 829 4.20 50.29 5.32
C TYR B 829 2.99 50.94 4.65
N SER B 830 3.22 52.14 4.13
CA SER B 830 2.18 52.93 3.48
C SER B 830 1.69 52.30 2.18
N GLN B 835 9.13 57.43 1.79
CA GLN B 835 10.16 56.55 1.27
C GLN B 835 11.42 56.65 2.10
N GLU B 836 12.11 55.51 2.23
CA GLU B 836 13.36 55.33 2.98
C GLU B 836 13.24 55.87 4.42
N SER B 837 12.23 55.36 5.11
CA SER B 837 11.90 55.68 6.50
C SER B 837 13.08 55.64 7.46
N ARG B 838 13.52 56.80 7.94
CA ARG B 838 14.65 56.89 8.86
C ARG B 838 14.25 57.72 10.07
N LEU B 839 13.98 57.05 11.19
CA LEU B 839 13.70 57.67 12.48
C LEU B 839 13.82 56.60 13.55
N SER B 840 13.92 57.04 14.80
CA SER B 840 14.20 56.12 15.89
C SER B 840 13.71 56.73 17.19
N SER B 841 13.33 55.86 18.13
CA SER B 841 12.84 56.27 19.42
C SER B 841 13.98 56.72 20.33
N ALA B 842 13.62 57.41 21.41
CA ALA B 842 14.57 57.72 22.45
C ALA B 842 14.72 56.53 23.41
N TRP B 843 15.67 56.67 24.34
CA TRP B 843 16.18 55.54 25.08
C TRP B 843 15.20 55.12 26.18
N TYR B 844 14.95 53.82 26.28
CA TYR B 844 14.03 53.29 27.27
C TYR B 844 14.79 52.64 28.42
N GLU B 845 14.03 52.21 29.43
CA GLU B 845 14.62 51.56 30.60
C GLU B 845 14.79 50.06 30.38
N LEU B 846 15.86 49.51 30.93
CA LEU B 846 16.15 48.08 30.79
C LEU B 846 15.90 47.34 32.10
N PRO B 847 14.65 46.97 32.36
CA PRO B 847 14.18 46.24 33.55
C PRO B 847 14.81 46.77 34.83
N THR B 852 18.03 40.89 40.25
CA THR B 852 17.14 39.75 40.09
C THR B 852 15.83 40.14 39.40
N GLU B 853 15.87 41.27 38.69
CA GLU B 853 14.73 41.63 37.84
C GLU B 853 14.76 40.88 36.51
N ARG B 854 15.96 40.74 35.93
CA ARG B 854 16.11 39.90 34.74
C ARG B 854 15.92 38.41 35.06
N ALA B 855 16.19 37.99 36.29
CA ALA B 855 15.69 36.73 36.78
C ALA B 855 14.16 36.69 36.76
N ALA B 856 13.62 35.63 36.17
CA ALA B 856 12.23 35.56 35.67
C ALA B 856 11.90 36.77 34.80
N HIS B 857 12.81 37.07 33.87
CA HIS B 857 12.51 37.93 32.71
C HIS B 857 13.42 37.50 31.58
N PRO B 858 13.16 36.35 30.97
CA PRO B 858 14.19 35.70 30.15
C PRO B 858 14.46 36.37 28.81
N LEU B 859 13.45 36.97 28.18
CA LEU B 859 13.69 37.84 27.04
C LEU B 859 12.97 39.17 27.27
N VAL B 860 13.10 40.08 26.32
CA VAL B 860 12.27 41.28 26.24
C VAL B 860 11.83 41.45 24.79
N VAL B 861 10.52 41.57 24.57
CA VAL B 861 9.93 41.45 23.25
C VAL B 861 9.31 42.78 22.84
N ILE B 862 9.69 43.27 21.67
CA ILE B 862 9.13 44.49 21.08
C ILE B 862 8.17 44.08 19.99
N THR B 863 6.98 44.68 19.97
CA THR B 863 5.84 44.10 19.25
C THR B 863 5.79 44.73 17.86
N ALA B 864 6.55 44.16 16.94
CA ALA B 864 6.69 44.74 15.62
C ALA B 864 5.75 44.05 14.64
N ALA B 865 5.92 44.36 13.36
CA ALA B 865 5.36 43.60 12.25
C ALA B 865 6.13 43.99 10.99
N GLY B 866 5.84 43.27 9.90
CA GLY B 866 6.38 43.62 8.61
C GLY B 866 7.76 43.05 8.34
N THR B 867 8.29 43.39 7.17
CA THR B 867 9.52 42.80 6.68
C THR B 867 10.72 43.34 7.47
N ILE B 868 11.58 42.41 7.92
CA ILE B 868 12.75 42.72 8.74
C ILE B 868 13.80 41.64 8.51
N THR B 869 15.05 42.05 8.35
CA THR B 869 16.17 41.12 8.38
C THR B 869 16.27 40.51 9.78
N GLY B 870 16.25 39.18 9.84
CA GLY B 870 16.31 38.51 11.12
C GLY B 870 17.07 37.20 11.09
N GLU B 871 17.81 36.90 12.16
CA GLU B 871 18.57 35.65 12.23
C GLU B 871 17.57 34.51 12.43
N SER B 872 17.33 33.76 11.36
CA SER B 872 16.18 32.87 11.29
C SER B 872 16.62 31.41 11.42
N VAL B 873 15.66 30.57 11.74
CA VAL B 873 15.84 29.13 11.67
C VAL B 873 15.78 28.68 10.22
N GLY B 880 15.15 41.51 4.04
CA GLY B 880 14.19 42.40 4.69
C GLY B 880 14.72 43.79 4.90
N GLN B 881 14.06 44.57 5.74
CA GLN B 881 14.52 45.90 6.11
C GLN B 881 15.32 45.82 7.42
N THR B 882 15.53 46.98 8.05
CA THR B 882 16.42 47.08 9.20
C THR B 882 15.70 47.83 10.33
N VAL B 883 15.59 47.16 11.48
CA VAL B 883 15.24 47.82 12.74
C VAL B 883 15.87 46.99 13.86
N ASP B 884 16.63 47.65 14.73
CA ASP B 884 17.32 46.94 15.80
C ASP B 884 17.30 47.75 17.09
N LEU B 885 17.02 47.05 18.19
CA LEU B 885 17.15 47.62 19.53
C LEU B 885 18.62 47.79 19.87
N GLU B 886 19.08 49.04 19.96
CA GLU B 886 20.50 49.31 20.15
C GLU B 886 20.88 49.15 21.62
N TYR B 887 22.11 49.51 21.96
CA TYR B 887 22.74 49.08 23.21
C TYR B 887 23.57 50.24 23.76
N ALA B 888 22.97 51.03 24.63
CA ALA B 888 23.68 51.96 25.48
C ALA B 888 23.57 51.53 26.94
N THR B 889 24.51 51.99 27.75
CA THR B 889 24.58 51.62 29.16
C THR B 889 23.88 52.66 30.02
N VAL B 902 19.22 44.76 18.77
CA VAL B 902 20.34 43.95 18.31
C VAL B 902 19.89 43.07 17.14
N THR B 903 20.30 41.80 17.17
CA THR B 903 19.93 40.87 16.12
C THR B 903 18.73 40.06 16.55
N PRO B 904 17.58 40.17 15.88
CA PRO B 904 16.38 39.50 16.36
C PRO B 904 16.46 37.99 16.14
N TYR B 905 15.84 37.24 17.05
CA TYR B 905 15.80 35.79 16.91
C TYR B 905 14.75 35.30 15.94
N ASP B 906 13.86 36.17 15.45
CA ASP B 906 12.94 35.94 14.33
C ASP B 906 12.00 34.76 14.63
N VAL B 907 11.12 34.99 15.60
CA VAL B 907 10.34 33.89 16.16
C VAL B 907 9.15 33.53 15.26
N GLY B 908 8.80 34.40 14.32
CA GLY B 908 7.60 34.22 13.53
C GLY B 908 7.76 34.81 12.15
N PRO B 909 6.77 34.59 11.29
CA PRO B 909 6.85 35.10 9.91
C PRO B 909 6.79 36.62 9.89
N THR B 910 7.71 37.22 9.13
CA THR B 910 7.87 38.68 9.16
C THR B 910 6.66 39.47 8.67
N PRO B 911 5.96 39.15 7.54
CA PRO B 911 4.69 39.87 7.29
C PRO B 911 3.48 39.33 8.05
N SER B 912 3.70 38.61 9.15
CA SER B 912 2.73 38.59 10.23
C SER B 912 3.09 39.68 11.24
N TRP B 913 2.56 39.59 12.46
CA TRP B 913 3.02 40.44 13.56
C TRP B 913 4.08 39.72 14.38
N ARG B 914 5.24 39.56 13.74
CA ARG B 914 6.43 39.03 14.42
C ARG B 914 6.92 40.07 15.41
N ASN B 915 6.54 39.92 16.67
CA ASN B 915 7.37 40.43 17.75
C ASN B 915 8.67 39.64 17.78
N LEU B 916 9.76 40.31 18.14
CA LEU B 916 11.06 39.69 18.10
C LEU B 916 11.55 39.42 19.52
N ARG B 917 12.34 38.35 19.66
CA ARG B 917 12.79 37.86 20.94
C ARG B 917 14.29 38.12 21.15
N TYR B 918 14.74 39.33 20.78
CA TYR B 918 16.07 39.83 21.10
C TYR B 918 16.27 39.75 22.61
N PRO B 919 17.04 38.78 23.09
CA PRO B 919 16.87 38.28 24.46
C PRO B 919 17.33 39.28 25.52
N ARG B 920 16.94 38.98 26.76
CA ARG B 920 17.28 39.87 27.87
C ARG B 920 18.75 39.73 28.25
N SER B 921 19.29 38.52 28.17
CA SER B 921 20.64 38.23 28.67
C SER B 921 21.74 38.73 27.74
N GLU B 922 21.46 39.58 26.76
CA GLU B 922 22.49 40.42 26.18
C GLU B 922 22.76 41.67 27.01
N ILE B 923 21.84 42.02 27.91
CA ILE B 923 21.93 43.28 28.66
C ILE B 923 22.84 43.08 29.87
N PRO B 924 23.47 44.13 30.37
CA PRO B 924 24.13 44.06 31.67
C PRO B 924 23.13 44.33 32.79
N ASP B 925 23.64 44.37 34.01
CA ASP B 925 22.84 44.78 35.15
C ASP B 925 22.63 46.29 35.18
N ALA B 929 20.63 51.56 28.48
CA ALA B 929 19.61 52.24 27.70
C ALA B 929 19.34 51.48 26.40
N VAL B 930 18.08 51.16 26.15
CA VAL B 930 17.67 50.43 24.96
C VAL B 930 16.66 51.27 24.17
N ARG B 931 16.84 51.29 22.85
CA ARG B 931 15.91 51.94 21.94
C ARG B 931 16.06 51.27 20.58
N VAL B 932 14.93 51.05 19.90
CA VAL B 932 14.99 50.54 18.53
C VAL B 932 15.47 51.65 17.60
N VAL B 933 16.52 51.37 16.85
CA VAL B 933 16.97 52.20 15.74
C VAL B 933 16.38 51.60 14.48
N ALA B 934 15.47 52.33 13.85
CA ALA B 934 14.73 51.84 12.69
C ALA B 934 15.20 52.57 11.45
N GLU B 935 15.44 51.82 10.37
CA GLU B 935 15.88 52.41 9.11
C GLU B 935 15.38 51.51 7.98
N ASP B 936 14.34 51.98 7.30
CA ASP B 936 13.49 51.11 6.48
C ASP B 936 13.69 51.41 5.01
N LEU B 937 14.94 51.51 4.57
CA LEU B 937 15.28 52.14 3.30
C LEU B 937 14.89 51.28 2.10
N SER B 938 13.58 51.18 1.86
CA SER B 938 13.02 50.52 0.68
C SER B 938 11.92 51.42 0.13
N LEU B 939 12.19 52.07 -0.99
CA LEU B 939 11.29 53.09 -1.52
C LEU B 939 10.00 52.53 -2.11
N SER B 940 9.82 51.20 -2.15
CA SER B 940 8.54 50.62 -2.50
C SER B 940 7.50 50.98 -1.43
N GLN B 941 6.23 50.99 -1.85
CA GLN B 941 5.15 51.35 -0.95
C GLN B 941 4.68 50.18 -0.09
N GLY B 942 5.21 48.98 -0.25
CA GLY B 942 4.83 47.88 0.61
C GLY B 942 5.91 47.38 1.55
N ASP B 943 7.15 47.31 1.07
CA ASP B 943 8.23 46.64 1.80
C ASP B 943 8.70 47.54 2.93
N TRP B 944 8.06 47.41 4.08
CA TRP B 944 8.49 48.12 5.28
C TRP B 944 8.11 47.30 6.51
N ILE B 945 8.44 47.86 7.68
CA ILE B 945 8.24 47.20 8.96
C ILE B 945 7.25 48.01 9.79
N ALA B 946 6.89 47.44 10.93
CA ALA B 946 6.20 48.15 11.99
C ALA B 946 7.09 48.11 13.23
N VAL B 947 6.68 48.82 14.27
CA VAL B 947 7.44 48.86 15.52
C VAL B 947 6.50 49.24 16.64
N THR B 948 6.84 48.81 17.86
CA THR B 948 6.23 49.21 19.12
C THR B 948 7.32 49.06 20.15
N PRO B 949 7.35 49.93 21.17
CA PRO B 949 8.31 49.75 22.26
C PRO B 949 7.98 48.48 23.04
N PRO B 950 8.99 47.78 23.55
CA PRO B 950 8.72 46.66 24.45
C PRO B 950 8.02 47.11 25.73
N ARG B 951 7.03 46.35 26.13
CA ARG B 951 6.45 46.45 27.47
C ARG B 951 7.23 45.54 28.40
N VAL B 952 6.65 45.19 29.54
CA VAL B 952 7.25 44.14 30.38
C VAL B 952 7.04 42.79 29.71
N PRO B 953 8.08 41.99 29.55
CA PRO B 953 7.88 40.63 29.02
C PRO B 953 7.67 39.60 30.13
N GLU B 954 7.33 40.09 31.32
CA GLU B 954 6.94 39.25 32.46
C GLU B 954 5.84 38.29 32.07
N LEU B 955 6.13 37.00 32.13
CA LEU B 955 5.15 36.00 31.75
C LEU B 955 4.87 35.05 32.92
N GLN B 956 4.07 34.03 32.65
CA GLN B 956 3.75 32.96 33.59
C GLN B 956 4.11 31.61 32.96
N SER B 957 3.97 30.56 33.75
CA SER B 957 4.25 29.22 33.26
C SER B 957 3.17 28.77 32.27
N VAL B 958 3.53 27.77 31.46
CA VAL B 958 2.63 27.21 30.47
C VAL B 958 1.47 26.52 31.16
N GLN B 959 1.77 25.41 31.85
CA GLN B 959 0.73 24.57 32.43
C GLN B 959 0.07 25.20 33.66
N GLU B 960 0.67 26.22 34.25
CA GLU B 960 0.04 26.93 35.36
C GLU B 960 -1.15 27.79 34.92
N TYR B 961 -0.87 28.84 34.14
CA TYR B 961 -1.91 29.80 33.78
C TYR B 961 -2.99 29.18 32.90
N VAL B 962 -2.60 28.27 32.01
CA VAL B 962 -3.57 27.37 31.35
C VAL B 962 -3.59 26.10 32.19
N GLY B 963 -4.39 26.14 33.26
CA GLY B 963 -4.45 25.03 34.19
C GLY B 963 -5.11 23.80 33.61
N SER B 964 -5.00 22.70 34.34
CA SER B 964 -5.50 21.41 33.89
C SER B 964 -6.92 21.12 34.36
N ASP B 965 -7.59 22.10 34.97
CA ASP B 965 -8.98 21.93 35.37
C ASP B 965 -9.97 22.50 34.36
N GLN B 966 -9.62 23.58 33.68
CA GLN B 966 -10.48 24.17 32.66
C GLN B 966 -10.25 23.46 31.33
N PRO B 967 -11.26 23.45 30.46
CA PRO B 967 -11.15 22.65 29.23
C PRO B 967 -10.24 23.29 28.21
N VAL B 968 -9.49 22.45 27.50
CA VAL B 968 -8.52 22.90 26.52
C VAL B 968 -8.69 22.09 25.23
N LEU B 969 -8.62 22.77 24.09
CA LEU B 969 -8.87 22.16 22.80
C LEU B 969 -7.59 21.53 22.29
N MET B 970 -7.61 20.20 22.12
CA MET B 970 -6.49 19.50 21.52
C MET B 970 -6.38 19.82 20.03
N ASP B 971 -5.22 19.51 19.46
CA ASP B 971 -4.96 19.78 18.06
C ASP B 971 -5.43 18.60 17.22
N TRP B 972 -5.12 18.62 15.92
CA TRP B 972 -5.53 17.54 15.03
C TRP B 972 -4.79 16.24 15.36
N ALA B 973 -3.50 16.35 15.63
CA ALA B 973 -2.70 15.22 16.12
C ALA B 973 -1.78 15.58 17.28
N VAL B 974 -1.35 16.82 17.41
CA VAL B 974 -0.20 17.17 18.24
C VAL B 974 -0.64 17.23 19.70
N GLY B 975 -0.62 16.09 20.37
CA GLY B 975 -1.18 16.00 21.70
C GLY B 975 -0.23 15.26 22.61
N LEU B 976 1.07 15.46 22.39
CA LEU B 976 2.13 14.66 22.98
C LEU B 976 2.21 14.85 24.49
N ALA B 977 2.70 16.01 24.93
CA ALA B 977 2.77 16.31 26.35
C ALA B 977 1.50 16.98 26.86
N PHE B 978 0.44 17.02 26.04
CA PHE B 978 -0.78 17.79 26.23
C PHE B 978 -1.54 17.37 27.48
N PRO B 979 -1.28 16.14 28.00
CA PRO B 979 -1.89 15.63 29.25
C PRO B 979 -2.03 16.57 30.45
N CYS B 980 -1.20 17.60 30.56
CA CYS B 980 -1.43 18.66 31.54
C CYS B 980 -2.57 19.59 31.16
N GLN B 981 -3.78 19.05 31.01
CA GLN B 981 -4.94 19.77 30.51
C GLN B 981 -6.17 18.93 30.78
N GLN B 982 -7.29 19.60 31.02
CA GLN B 982 -8.59 18.97 30.89
C GLN B 982 -8.99 18.93 29.42
N PRO B 983 -8.89 17.78 28.76
CA PRO B 983 -9.07 17.73 27.30
C PRO B 983 -10.54 17.85 26.92
N MET B 984 -10.77 18.07 25.62
CA MET B 984 -12.13 18.25 25.10
C MET B 984 -12.83 16.89 25.06
N LEU B 985 -13.89 16.75 25.86
CA LEU B 985 -14.68 15.54 25.90
C LEU B 985 -16.16 15.90 25.78
N HIS B 986 -16.91 15.00 25.14
CA HIS B 986 -18.28 15.27 24.70
C HIS B 986 -19.25 14.38 25.47
N ALA B 987 -20.01 14.98 26.38
CA ALA B 987 -20.96 14.28 27.23
C ALA B 987 -22.22 13.91 26.44
N ASN B 988 -22.05 12.94 25.54
CA ASN B 988 -23.13 12.22 24.86
C ASN B 988 -23.96 13.17 23.98
N GLY B 989 -23.26 13.97 23.19
CA GLY B 989 -23.90 14.79 22.18
C GLY B 989 -23.66 16.27 22.42
N VAL B 990 -23.79 16.68 23.68
CA VAL B 990 -23.39 18.02 24.09
C VAL B 990 -21.91 17.98 24.46
N THR B 991 -21.15 18.93 23.94
CA THR B 991 -19.72 19.02 24.19
C THR B 991 -19.48 20.22 25.09
N GLU B 992 -18.34 20.24 25.77
CA GLU B 992 -17.96 21.39 26.57
C GLU B 992 -17.34 22.46 25.68
N VAL B 993 -17.35 23.69 26.16
CA VAL B 993 -16.61 24.77 25.51
C VAL B 993 -15.17 24.64 26.00
N PRO B 994 -14.17 24.84 25.15
CA PRO B 994 -12.79 24.90 25.64
C PRO B 994 -12.42 26.30 26.11
N LYS B 995 -11.16 26.43 26.54
CA LYS B 995 -10.56 27.73 26.81
C LYS B 995 -9.14 27.86 26.30
N PHE B 996 -8.59 26.83 25.65
CA PHE B 996 -7.18 26.84 25.29
C PHE B 996 -6.99 25.98 24.06
N ARG B 997 -6.43 26.57 23.00
CA ARG B 997 -6.37 25.92 21.70
C ARG B 997 -4.92 25.63 21.32
N ILE B 998 -4.17 25.03 22.24
CA ILE B 998 -2.77 24.68 22.01
C ILE B 998 -2.66 23.74 20.83
N SER B 999 -1.98 24.18 19.78
CA SER B 999 -2.05 23.52 18.48
C SER B 999 -0.70 23.50 17.78
N PRO B 1000 -0.61 22.91 16.59
CA PRO B 1000 0.69 22.75 15.92
C PRO B 1000 1.24 24.05 15.34
N ASP B 1001 2.42 23.96 14.73
CA ASP B 1001 3.12 25.15 14.22
C ASP B 1001 2.81 25.41 12.74
N TYR B 1002 3.03 24.42 11.89
CA TYR B 1002 2.97 24.60 10.44
C TYR B 1002 1.66 24.03 9.92
N TYR B 1003 0.95 24.85 9.13
CA TYR B 1003 -0.32 24.51 8.47
C TYR B 1003 -1.39 23.93 9.41
N GLY B 1019 -15.19 17.89 12.96
CA GLY B 1019 -15.22 19.29 12.60
C GLY B 1019 -15.45 20.20 13.79
N LEU B 1020 -14.85 19.83 14.93
CA LEU B 1020 -15.04 20.57 16.18
C LEU B 1020 -14.41 21.96 16.14
N LEU B 1021 -13.42 22.18 15.26
CA LEU B 1021 -12.94 23.53 14.96
C LEU B 1021 -14.08 24.42 14.48
N GLY B 1022 -14.88 23.95 13.53
CA GLY B 1022 -15.99 24.74 13.02
C GLY B 1022 -17.06 24.99 14.07
N ILE B 1023 -17.29 24.00 14.93
CA ILE B 1023 -18.23 24.14 16.05
C ILE B 1023 -17.74 25.19 17.03
N THR B 1024 -16.45 25.20 17.34
CA THR B 1024 -15.89 26.28 18.15
C THR B 1024 -15.96 27.62 17.42
N ASP B 1025 -15.77 27.60 16.10
CA ASP B 1025 -15.75 28.83 15.33
C ASP B 1025 -17.13 29.44 15.15
N LEU B 1026 -18.18 28.68 15.47
CA LEU B 1026 -19.53 29.23 15.37
C LEU B 1026 -19.79 30.24 16.49
N LEU B 1027 -19.31 29.98 17.71
CA LEU B 1027 -19.87 30.66 18.87
C LEU B 1027 -18.82 31.43 19.65
N LEU B 1028 -17.55 31.33 19.28
CA LEU B 1028 -16.48 31.89 20.10
C LEU B 1028 -15.73 32.98 19.35
N ARG B 1029 -14.99 33.77 20.11
CA ARG B 1029 -14.06 34.75 19.59
C ARG B 1029 -12.68 34.11 19.63
N ALA B 1030 -11.78 34.56 18.77
CA ALA B 1030 -10.48 33.93 18.75
C ALA B 1030 -9.36 34.90 18.42
N SER B 1031 -8.21 34.67 19.06
CA SER B 1031 -6.98 35.42 18.94
C SER B 1031 -5.91 34.52 19.57
N VAL B 1032 -4.66 34.94 19.49
CA VAL B 1032 -3.60 34.10 20.06
C VAL B 1032 -2.53 34.99 20.68
N MET B 1033 -2.37 34.89 22.00
CA MET B 1033 -1.44 35.72 22.73
C MET B 1033 -0.01 35.22 22.54
N SER B 1034 0.94 36.05 22.96
CA SER B 1034 2.35 35.80 22.65
C SER B 1034 2.86 34.61 23.45
N THR B 1035 3.25 33.55 22.75
CA THR B 1035 3.75 32.35 23.41
C THR B 1035 5.25 32.43 23.59
N TYR B 1036 5.83 31.37 24.14
CA TYR B 1036 7.27 31.18 24.20
C TYR B 1036 7.56 29.70 24.10
N LEU B 1037 8.84 29.34 24.22
CA LEU B 1037 9.19 27.92 24.12
C LEU B 1037 10.29 27.51 25.11
N SER B 1038 10.51 28.31 26.16
CA SER B 1038 11.47 28.04 27.25
C SER B 1038 12.91 27.92 26.75
N GLN B 1039 13.45 29.08 26.34
CA GLN B 1039 14.89 29.31 26.16
C GLN B 1039 15.50 28.52 25.00
N ASP B 1040 14.81 28.53 23.85
CA ASP B 1040 15.37 28.01 22.61
C ASP B 1040 14.92 28.88 21.45
N TRP B 1041 14.87 30.19 21.70
CA TRP B 1041 14.14 31.18 20.93
C TRP B 1041 14.60 31.30 19.48
N GLY B 1042 13.72 30.91 18.56
CA GLY B 1042 14.05 30.73 17.16
C GLY B 1042 13.29 29.53 16.63
N GLN B 1043 12.75 28.74 17.55
CA GLN B 1043 11.94 27.57 17.24
C GLN B 1043 10.49 27.87 17.59
N ASP B 1044 9.62 27.84 16.58
CA ASP B 1044 8.25 28.33 16.74
C ASP B 1044 7.44 27.37 17.59
N TRP B 1045 6.78 27.91 18.63
CA TRP B 1045 6.14 27.10 19.65
C TRP B 1045 4.86 26.42 19.18
N GLY B 1046 4.32 26.83 18.03
CA GLY B 1046 2.98 26.44 17.67
C GLY B 1046 2.02 27.59 17.83
N SER B 1047 1.02 27.40 18.70
CA SER B 1047 0.01 28.40 19.00
C SER B 1047 -0.69 27.99 20.28
N LEU B 1048 -1.30 28.97 20.94
CA LEU B 1048 -2.23 28.69 22.03
C LEU B 1048 -3.22 29.83 22.06
N ARG B 1049 -4.47 29.54 21.71
CA ARG B 1049 -5.53 30.54 21.69
C ARG B 1049 -6.40 30.37 22.93
N LYS B 1050 -6.59 31.45 23.67
CA LYS B 1050 -7.70 31.55 24.60
C LYS B 1050 -8.93 32.01 23.83
N PHE B 1051 -9.79 31.07 23.47
CA PHE B 1051 -11.05 31.45 22.84
C PHE B 1051 -11.99 32.06 23.86
N ASP B 1052 -12.65 33.15 23.47
CA ASP B 1052 -13.50 33.91 24.37
C ASP B 1052 -14.94 33.91 23.87
N THR B 1053 -15.86 34.12 24.80
CA THR B 1053 -17.29 34.01 24.51
C THR B 1053 -17.76 35.18 23.66
N VAL B 1054 -18.62 34.89 22.69
CA VAL B 1054 -19.22 35.94 21.89
C VAL B 1054 -20.20 36.78 22.70
N VAL B 1055 -20.90 36.15 23.65
CA VAL B 1055 -21.85 36.84 24.51
C VAL B 1055 -21.83 36.18 25.88
N GLU B 1056 -22.45 36.85 26.86
CA GLU B 1056 -22.73 36.25 28.16
C GLU B 1056 -23.50 34.95 27.99
N ALA B 1057 -23.12 33.93 28.76
CA ALA B 1057 -23.68 32.61 28.54
C ALA B 1057 -24.00 31.94 29.87
N THR B 1058 -24.40 30.67 29.77
CA THR B 1058 -24.72 29.77 30.86
C THR B 1058 -24.43 28.36 30.35
N PRO B 1059 -23.63 27.57 31.07
CA PRO B 1059 -23.35 26.19 30.64
C PRO B 1059 -24.59 25.33 30.64
N ALA B 1060 -24.50 24.21 29.92
CA ALA B 1060 -25.67 23.54 29.37
C ALA B 1060 -26.47 22.84 30.47
N GLU B 1061 -27.76 23.17 30.55
CA GLU B 1061 -28.61 22.58 31.58
C GLU B 1061 -28.81 21.09 31.37
N LEU B 1062 -28.90 20.66 30.10
CA LEU B 1062 -28.67 19.29 29.64
C LEU B 1062 -29.63 18.30 30.33
N ASP B 1063 -30.90 18.45 29.98
CA ASP B 1063 -31.93 17.49 30.35
C ASP B 1063 -31.60 16.12 29.78
N PHE B 1064 -31.29 15.14 30.62
CA PHE B 1064 -30.85 13.84 30.12
C PHE B 1064 -32.04 12.88 30.04
N GLY B 1065 -31.92 11.88 29.16
CA GLY B 1065 -33.06 11.08 28.81
C GLY B 1065 -32.72 9.67 28.31
N SER B 1066 -33.49 8.68 28.78
CA SER B 1066 -33.23 7.28 28.44
C SER B 1066 -34.09 6.89 27.24
N GLN B 1067 -34.22 5.58 27.00
CA GLN B 1067 -35.28 4.98 26.19
C GLN B 1067 -35.23 5.36 24.72
N THR B 1068 -34.17 4.93 24.01
CA THR B 1068 -34.24 4.74 22.56
C THR B 1068 -34.02 3.29 22.18
N HIS B 1069 -34.26 2.37 23.11
CA HIS B 1069 -33.88 0.96 22.97
C HIS B 1069 -34.68 0.31 21.85
N SER B 1070 -34.02 -0.58 21.12
CA SER B 1070 -34.58 -1.22 19.94
C SER B 1070 -33.79 -2.50 19.72
N GLY B 1071 -33.95 -3.13 18.56
CA GLY B 1071 -33.16 -4.31 18.29
C GLY B 1071 -32.26 -4.29 17.06
N LEU B 1072 -32.42 -3.27 16.21
CA LEU B 1072 -31.58 -3.15 15.04
C LEU B 1072 -31.25 -1.69 14.74
N TYR B 1073 -31.14 -0.86 15.78
CA TYR B 1073 -30.79 0.53 15.57
C TYR B 1073 -29.31 0.67 15.21
N SER B 1074 -29.00 1.71 14.44
CA SER B 1074 -27.64 2.09 14.10
C SER B 1074 -27.61 3.53 13.61
N ALA C 3 22.87 -63.56 -6.24
CA ALA C 3 21.65 -63.92 -6.96
C ALA C 3 21.14 -65.24 -6.34
N THR C 4 20.17 -65.10 -5.43
CA THR C 4 19.49 -66.25 -4.84
C THR C 4 18.03 -66.31 -5.25
N GLN C 5 17.68 -65.70 -6.38
CA GLN C 5 16.36 -65.65 -7.02
C GLN C 5 15.27 -64.96 -6.19
N GLU C 6 15.60 -64.49 -4.99
CA GLU C 6 14.70 -63.75 -4.13
C GLU C 6 15.29 -62.43 -3.69
N GLU C 7 16.58 -62.43 -3.31
CA GLU C 7 17.34 -61.22 -2.98
C GLU C 7 17.26 -60.19 -4.11
N ILE C 8 17.75 -60.59 -5.30
CA ILE C 8 17.77 -59.75 -6.48
C ILE C 8 16.37 -59.23 -6.82
N ILE C 9 15.38 -60.12 -6.80
CA ILE C 9 13.98 -59.75 -7.08
C ILE C 9 13.50 -58.69 -6.10
N ALA C 10 13.80 -58.88 -4.81
CA ALA C 10 13.41 -57.92 -3.79
C ALA C 10 14.08 -56.56 -4.00
N GLY C 11 15.37 -56.58 -4.34
CA GLY C 11 16.08 -55.33 -4.63
C GLY C 11 15.51 -54.61 -5.84
N LEU C 12 15.21 -55.35 -6.92
CA LEU C 12 14.64 -54.78 -8.12
C LEU C 12 13.22 -54.25 -7.83
N ALA C 13 12.56 -54.81 -6.83
CA ALA C 13 11.25 -54.26 -6.47
C ALA C 13 11.41 -53.04 -5.59
N GLU C 14 12.49 -52.98 -4.80
CA GLU C 14 12.79 -51.78 -4.02
C GLU C 14 13.15 -50.62 -4.94
N ILE C 15 13.70 -50.91 -6.12
CA ILE C 15 14.04 -49.84 -7.05
C ILE C 15 12.85 -49.48 -7.94
N ILE C 16 12.03 -50.46 -8.31
CA ILE C 16 10.74 -50.17 -8.93
C ILE C 16 9.90 -49.26 -8.02
N GLU C 17 9.89 -49.56 -6.71
CA GLU C 17 9.17 -48.70 -5.78
C GLU C 17 9.81 -47.32 -5.64
N GLU C 18 11.14 -47.26 -5.69
CA GLU C 18 11.80 -45.96 -5.56
C GLU C 18 11.66 -45.07 -6.79
N VAL C 19 11.67 -45.64 -7.98
CA VAL C 19 11.71 -44.86 -9.20
C VAL C 19 10.38 -44.90 -9.94
N THR C 20 9.80 -46.08 -10.13
CA THR C 20 8.51 -46.12 -10.81
C THR C 20 7.39 -45.78 -9.83
N GLY C 21 7.54 -46.16 -8.57
CA GLY C 21 6.50 -45.90 -7.60
C GLY C 21 5.42 -46.94 -7.64
N ILE C 22 5.81 -48.22 -7.68
CA ILE C 22 4.89 -49.35 -7.66
C ILE C 22 5.26 -50.24 -6.48
N GLU C 23 4.27 -50.56 -5.65
CA GLU C 23 4.44 -51.42 -4.49
C GLU C 23 4.90 -52.82 -4.93
N PRO C 24 5.73 -53.50 -4.12
CA PRO C 24 6.20 -54.85 -4.50
C PRO C 24 5.16 -55.97 -4.45
N SER C 25 4.06 -55.81 -5.18
CA SER C 25 3.00 -56.80 -5.26
C SER C 25 2.74 -57.20 -6.71
N GLU C 26 2.62 -56.21 -7.60
CA GLU C 26 2.40 -56.46 -9.02
C GLU C 26 3.60 -57.11 -9.68
N VAL C 27 4.80 -56.90 -9.17
CA VAL C 27 6.02 -57.44 -9.77
C VAL C 27 6.08 -58.96 -9.59
N THR C 28 5.75 -59.66 -10.66
CA THR C 28 5.89 -61.10 -10.82
C THR C 28 6.44 -61.31 -12.23
N PRO C 29 7.00 -62.48 -12.53
CA PRO C 29 7.29 -62.81 -13.94
C PRO C 29 6.10 -62.74 -14.89
N GLU C 30 4.89 -63.01 -14.41
CA GLU C 30 3.70 -62.96 -15.28
C GLU C 30 3.37 -61.54 -15.72
N LYS C 31 3.76 -60.54 -14.93
CA LYS C 31 3.51 -59.14 -15.21
C LYS C 31 4.77 -58.48 -15.76
N SER C 32 4.60 -57.52 -16.66
CA SER C 32 5.77 -56.95 -17.31
C SER C 32 5.56 -55.47 -17.60
N PHE C 33 6.58 -54.89 -18.23
CA PHE C 33 6.69 -53.46 -18.55
C PHE C 33 5.54 -52.88 -19.37
N VAL C 34 5.15 -53.53 -20.45
CA VAL C 34 4.20 -52.94 -21.41
C VAL C 34 3.00 -53.85 -21.68
N ASP C 35 3.05 -55.14 -21.39
CA ASP C 35 1.88 -55.99 -21.58
C ASP C 35 1.02 -56.14 -20.32
N ASP C 36 1.56 -55.90 -19.13
CA ASP C 36 0.74 -56.01 -17.94
C ASP C 36 0.86 -54.80 -17.01
N LEU C 37 2.07 -54.43 -16.61
CA LEU C 37 2.28 -53.25 -15.77
C LEU C 37 2.45 -52.03 -16.68
N ASP C 38 2.72 -50.88 -16.06
CA ASP C 38 2.84 -49.65 -16.81
C ASP C 38 4.12 -48.84 -16.56
N ILE C 39 5.10 -49.04 -17.44
CA ILE C 39 6.35 -48.31 -17.38
C ILE C 39 6.34 -47.49 -18.68
N ASP C 40 7.46 -46.87 -19.04
CA ASP C 40 7.59 -46.19 -20.32
C ASP C 40 9.03 -46.33 -20.79
N SER C 41 9.25 -45.93 -22.04
CA SER C 41 10.55 -46.07 -22.69
C SER C 41 11.65 -45.29 -21.99
N LEU C 42 11.33 -44.11 -21.47
CA LEU C 42 12.35 -43.31 -20.80
C LEU C 42 12.38 -43.49 -19.29
N SER C 43 11.28 -43.95 -18.69
CA SER C 43 11.32 -44.31 -17.28
C SER C 43 12.09 -45.60 -17.06
N MET C 44 12.09 -46.49 -18.05
CA MET C 44 12.81 -47.75 -17.94
C MET C 44 14.32 -47.60 -18.11
N VAL C 45 14.80 -46.47 -18.63
CA VAL C 45 16.25 -46.27 -18.63
C VAL C 45 16.71 -45.91 -17.23
N GLU C 46 15.84 -45.31 -16.40
CA GLU C 46 16.16 -45.06 -15.00
C GLU C 46 16.41 -46.35 -14.24
N ILE C 47 15.53 -47.35 -14.41
CA ILE C 47 15.75 -48.62 -13.73
C ILE C 47 16.90 -49.37 -14.39
N ALA C 48 17.11 -49.17 -15.70
CA ALA C 48 18.21 -49.83 -16.41
C ALA C 48 19.55 -49.37 -15.84
N VAL C 49 19.69 -48.06 -15.66
CA VAL C 49 20.93 -47.48 -15.13
C VAL C 49 21.05 -47.76 -13.64
N GLN C 50 19.94 -47.96 -12.92
CA GLN C 50 20.06 -48.40 -11.53
C GLN C 50 20.50 -49.86 -11.41
N THR C 51 20.08 -50.73 -12.34
CA THR C 51 20.63 -52.08 -12.39
C THR C 51 22.09 -52.07 -12.79
N GLU C 52 22.49 -51.14 -13.66
CA GLU C 52 23.90 -50.99 -13.97
C GLU C 52 24.68 -50.43 -12.79
N ASP C 53 24.00 -49.74 -11.89
CA ASP C 53 24.64 -49.14 -10.72
C ASP C 53 24.93 -50.19 -9.65
N LYS C 54 23.89 -50.77 -9.05
CA LYS C 54 24.12 -51.74 -7.99
C LYS C 54 24.63 -53.09 -8.46
N TYR C 55 24.52 -53.41 -9.76
CA TYR C 55 25.10 -54.61 -10.33
C TYR C 55 26.01 -54.21 -11.48
N GLY C 56 27.20 -54.81 -11.54
CA GLY C 56 28.06 -54.53 -12.67
C GLY C 56 27.62 -55.28 -13.92
N VAL C 57 26.61 -54.73 -14.59
CA VAL C 57 26.00 -55.35 -15.76
C VAL C 57 25.72 -54.31 -16.85
N LYS C 58 26.66 -54.21 -17.80
CA LYS C 58 26.59 -53.19 -18.84
C LYS C 58 25.58 -53.68 -19.87
N ILE C 59 24.36 -53.16 -19.80
CA ILE C 59 23.24 -53.60 -20.63
C ILE C 59 23.35 -52.97 -22.01
N PRO C 60 23.36 -53.78 -23.08
CA PRO C 60 23.34 -53.23 -24.44
C PRO C 60 22.08 -52.40 -24.70
N ASP C 61 22.23 -51.43 -25.59
CA ASP C 61 21.13 -50.55 -25.96
C ASP C 61 20.09 -51.23 -26.83
N GLU C 62 20.40 -52.42 -27.37
CA GLU C 62 19.41 -53.07 -28.21
C GLU C 62 18.68 -54.15 -27.44
N ASP C 63 19.35 -54.81 -26.49
CA ASP C 63 18.69 -55.80 -25.65
C ASP C 63 17.77 -55.17 -24.63
N LEU C 64 18.02 -53.90 -24.27
CA LEU C 64 17.13 -53.18 -23.36
C LEU C 64 15.75 -53.00 -23.97
N ALA C 65 15.69 -52.51 -25.21
CA ALA C 65 14.42 -52.37 -25.90
C ALA C 65 13.90 -53.71 -26.41
N GLY C 66 14.81 -54.64 -26.69
CA GLY C 66 14.47 -55.94 -27.25
C GLY C 66 13.73 -56.85 -26.31
N LEU C 67 14.34 -57.12 -25.17
CA LEU C 67 13.73 -57.98 -24.16
C LEU C 67 12.61 -57.23 -23.46
N ARG C 68 11.38 -57.77 -23.57
CA ARG C 68 10.16 -57.06 -23.22
C ARG C 68 9.72 -57.30 -21.79
N THR C 69 9.92 -58.49 -21.24
CA THR C 69 9.34 -58.79 -19.94
C THR C 69 10.34 -58.47 -18.84
N VAL C 70 10.01 -58.86 -17.61
CA VAL C 70 10.90 -58.80 -16.46
C VAL C 70 11.81 -60.02 -16.31
N GLY C 71 11.97 -60.77 -17.38
CA GLY C 71 12.99 -61.81 -17.36
C GLY C 71 14.29 -61.23 -17.84
N ASP C 72 14.16 -60.10 -18.53
CA ASP C 72 15.24 -59.20 -18.90
C ASP C 72 16.18 -58.87 -17.73
N VAL C 73 15.61 -58.35 -16.64
CA VAL C 73 16.45 -57.94 -15.51
C VAL C 73 17.04 -59.12 -14.74
N VAL C 74 16.35 -60.26 -14.66
CA VAL C 74 16.90 -61.37 -13.88
C VAL C 74 17.97 -62.09 -14.71
N ALA C 75 17.58 -62.63 -15.87
CA ALA C 75 18.46 -63.39 -16.76
C ALA C 75 19.76 -62.68 -17.19
N TYR C 76 19.87 -61.37 -16.99
CA TYR C 76 21.10 -60.66 -17.32
C TYR C 76 22.05 -60.43 -16.15
N ILE C 77 21.55 -60.16 -14.95
CA ILE C 77 22.42 -60.12 -13.76
C ILE C 77 22.97 -61.49 -13.39
N GLN C 78 22.29 -62.58 -13.75
CA GLN C 78 22.80 -63.92 -13.56
C GLN C 78 23.56 -64.47 -14.78
N LYS C 79 24.10 -63.59 -15.63
CA LYS C 79 24.91 -63.96 -16.80
C LYS C 79 26.01 -62.90 -16.92
N LEU C 80 27.05 -63.05 -16.10
CA LEU C 80 28.14 -62.10 -16.04
C LEU C 80 29.21 -62.40 -17.09
N ALA D 3 4.25 -58.91 31.96
CA ALA D 3 5.52 -58.53 32.57
C ALA D 3 6.46 -59.74 32.43
N THR D 4 7.30 -59.69 31.41
CA THR D 4 8.34 -60.69 31.19
C THR D 4 9.73 -60.11 31.37
N GLN D 5 9.85 -59.01 32.10
CA GLN D 5 11.07 -58.27 32.46
C GLN D 5 11.84 -57.69 31.27
N GLU D 6 11.35 -57.88 30.06
CA GLU D 6 11.93 -57.31 28.84
C GLU D 6 10.89 -56.57 28.02
N GLU D 7 9.69 -57.13 27.88
CA GLU D 7 8.55 -56.48 27.24
C GLU D 7 8.26 -55.12 27.86
N ILE D 8 7.97 -55.13 29.17
CA ILE D 8 7.65 -53.92 29.93
C ILE D 8 8.77 -52.90 29.81
N ILE D 9 10.02 -53.34 29.99
CA ILE D 9 11.20 -52.46 29.88
C ILE D 9 11.25 -51.80 28.51
N ALA D 10 11.04 -52.60 27.46
CA ALA D 10 11.04 -52.07 26.09
C ALA D 10 9.93 -51.05 25.87
N GLY D 11 8.74 -51.34 26.40
CA GLY D 11 7.63 -50.38 26.30
C GLY D 11 7.92 -49.09 27.02
N LEU D 12 8.47 -49.18 28.24
CA LEU D 12 8.82 -48.00 29.02
C LEU D 12 9.94 -47.22 28.34
N ALA D 13 10.76 -47.89 27.53
CA ALA D 13 11.78 -47.16 26.80
C ALA D 13 11.18 -46.53 25.54
N GLU D 14 10.15 -47.16 24.98
CA GLU D 14 9.43 -46.56 23.86
C GLU D 14 8.68 -45.30 24.30
N ILE D 15 8.30 -45.24 25.57
CA ILE D 15 7.59 -44.04 26.07
C ILE D 15 8.59 -42.99 26.55
N ILE D 16 9.71 -43.41 27.14
CA ILE D 16 10.82 -42.49 27.39
C ILE D 16 11.27 -41.83 26.08
N GLU D 17 11.38 -42.61 25.00
CA GLU D 17 11.73 -42.04 23.71
C GLU D 17 10.64 -41.13 23.16
N GLU D 18 9.37 -41.48 23.39
CA GLU D 18 8.29 -40.63 22.87
C GLU D 18 8.11 -39.33 23.63
N VAL D 19 8.33 -39.32 24.93
CA VAL D 19 8.02 -38.16 25.76
C VAL D 19 9.29 -37.47 26.23
N THR D 20 10.25 -38.21 26.76
CA THR D 20 11.47 -37.55 27.19
C THR D 20 12.38 -37.30 26.00
N GLY D 21 12.37 -38.20 25.02
CA GLY D 21 13.24 -38.04 23.88
C GLY D 21 14.62 -38.56 24.15
N ILE D 22 14.72 -39.76 24.74
CA ILE D 22 15.98 -40.43 25.00
C ILE D 22 15.94 -41.80 24.33
N GLU D 23 16.97 -42.10 23.54
CA GLU D 23 17.10 -43.37 22.84
C GLU D 23 17.18 -44.52 23.85
N PRO D 24 16.63 -45.72 23.50
CA PRO D 24 16.69 -46.85 24.43
C PRO D 24 18.05 -47.49 24.66
N SER D 25 19.02 -46.70 25.10
CA SER D 25 20.38 -47.17 25.39
C SER D 25 20.78 -46.83 26.81
N GLU D 26 20.55 -45.58 27.22
CA GLU D 26 20.85 -45.13 28.57
C GLU D 26 19.98 -45.80 29.63
N VAL D 27 18.77 -46.22 29.25
CA VAL D 27 17.84 -46.81 30.21
C VAL D 27 18.31 -48.21 30.63
N THR D 28 18.88 -48.26 31.83
CA THR D 28 19.27 -49.46 32.55
C THR D 28 18.84 -49.23 33.99
N PRO D 29 18.75 -50.29 34.81
CA PRO D 29 18.60 -50.08 36.26
C PRO D 29 19.69 -49.24 36.92
N GLU D 30 20.92 -49.27 36.39
CA GLU D 30 22.02 -48.50 36.97
C GLU D 30 21.82 -47.01 36.78
N LYS D 31 21.10 -46.61 35.74
CA LYS D 31 20.83 -45.21 35.41
C LYS D 31 19.43 -44.82 35.85
N SER D 32 19.25 -43.58 36.29
CA SER D 32 17.97 -43.21 36.84
C SER D 32 17.63 -41.75 36.50
N PHE D 33 16.48 -41.33 37.02
CA PHE D 33 15.86 -40.01 36.78
C PHE D 33 16.75 -38.81 37.12
N VAL D 34 17.35 -38.79 38.30
CA VAL D 34 18.04 -37.59 38.79
C VAL D 34 19.49 -37.86 39.20
N ASP D 35 19.89 -39.10 39.43
CA ASP D 35 21.29 -39.36 39.75
C ASP D 35 22.13 -39.74 38.54
N ASP D 36 21.53 -40.20 37.44
CA ASP D 36 22.33 -40.52 36.26
C ASP D 36 21.78 -39.92 34.97
N LEU D 37 20.51 -40.16 34.66
CA LEU D 37 19.89 -39.57 33.49
C LEU D 37 19.30 -38.21 33.86
N ASP D 38 18.64 -37.57 32.89
CA ASP D 38 18.08 -36.24 33.13
C ASP D 38 16.60 -36.08 32.79
N ILE D 39 15.78 -36.19 33.82
CA ILE D 39 14.33 -36.01 33.69
C ILE D 39 14.06 -34.77 34.55
N ASP D 40 12.80 -34.44 34.81
CA ASP D 40 12.44 -33.37 35.74
C ASP D 40 11.16 -33.76 36.45
N SER D 41 10.82 -32.98 37.47
CA SER D 41 9.66 -33.25 38.31
C SER D 41 8.35 -33.22 37.54
N LEU D 42 8.23 -32.33 36.57
CA LEU D 42 6.98 -32.25 35.81
C LEU D 42 7.01 -33.04 34.52
N SER D 43 8.19 -33.33 33.97
CA SER D 43 8.26 -34.23 32.83
C SER D 43 8.00 -35.66 33.25
N MET D 44 8.33 -36.02 34.49
CA MET D 44 8.10 -37.37 34.99
C MET D 44 6.65 -37.66 35.32
N VAL D 45 5.80 -36.64 35.44
CA VAL D 45 4.38 -36.93 35.58
C VAL D 45 3.79 -37.35 34.24
N GLU D 46 4.39 -36.90 33.13
CA GLU D 46 3.99 -37.36 31.80
C GLU D 46 4.20 -38.87 31.64
N ILE D 47 5.39 -39.35 32.04
CA ILE D 47 5.62 -40.80 31.94
C ILE D 47 4.83 -41.53 33.01
N ALA D 48 4.58 -40.89 34.16
CA ALA D 48 3.79 -41.51 35.23
C ALA D 48 2.37 -41.78 34.75
N VAL D 49 1.76 -40.79 34.10
CA VAL D 49 0.41 -40.91 33.59
C VAL D 49 0.37 -41.82 32.36
N GLN D 50 1.48 -41.91 31.61
CA GLN D 50 1.50 -42.90 30.53
C GLN D 50 1.61 -44.33 31.05
N THR D 51 2.33 -44.55 32.17
CA THR D 51 2.29 -45.87 32.81
C THR D 51 0.93 -46.16 33.40
N GLU D 52 0.24 -45.14 33.90
CA GLU D 52 -1.14 -45.32 34.35
C GLU D 52 -2.07 -45.59 33.18
N ASP D 53 -1.68 -45.15 31.98
CA ASP D 53 -2.51 -45.34 30.79
C ASP D 53 -2.42 -46.77 30.27
N LYS D 54 -1.25 -47.17 29.78
CA LYS D 54 -1.13 -48.53 29.22
C LYS D 54 -1.13 -49.63 30.26
N TYR D 55 -0.89 -49.33 31.53
CA TYR D 55 -1.01 -50.31 32.61
C TYR D 55 -1.98 -49.78 33.65
N GLY D 56 -2.88 -50.65 34.12
CA GLY D 56 -3.77 -50.23 35.17
C GLY D 56 -3.07 -50.20 36.52
N VAL D 57 -2.32 -49.13 36.76
CA VAL D 57 -1.52 -48.98 37.97
C VAL D 57 -1.62 -47.56 38.53
N LYS D 58 -2.52 -47.38 39.49
CA LYS D 58 -2.80 -46.06 40.04
C LYS D 58 -1.68 -45.72 41.01
N ILE D 59 -0.72 -44.92 40.54
CA ILE D 59 0.48 -44.59 41.31
C ILE D 59 0.17 -43.51 42.34
N PRO D 60 0.45 -43.76 43.62
CA PRO D 60 0.30 -42.73 44.65
C PRO D 60 1.18 -41.51 44.37
N ASP D 61 0.67 -40.34 44.78
CA ASP D 61 1.43 -39.10 44.64
C ASP D 61 2.70 -39.08 45.49
N GLU D 62 2.77 -39.88 46.54
CA GLU D 62 3.94 -39.78 47.40
C GLU D 62 5.00 -40.77 47.00
N ASP D 63 4.60 -41.94 46.49
CA ASP D 63 5.57 -42.93 46.02
C ASP D 63 6.19 -42.51 44.69
N LEU D 64 5.51 -41.66 43.92
CA LEU D 64 6.06 -41.14 42.68
C LEU D 64 7.30 -40.29 42.95
N ALA D 65 7.18 -39.34 43.88
CA ALA D 65 8.34 -38.53 44.25
C ALA D 65 9.29 -39.29 45.15
N GLY D 66 8.78 -40.25 45.91
CA GLY D 66 9.57 -41.02 46.85
C GLY D 66 10.59 -41.95 46.23
N LEU D 67 10.10 -42.85 45.39
CA LEU D 67 10.96 -43.80 44.70
C LEU D 67 11.74 -43.09 43.61
N ARG D 68 13.07 -43.12 43.73
CA ARG D 68 13.96 -42.26 42.95
C ARG D 68 14.45 -42.92 41.66
N THR D 69 14.68 -44.22 41.66
CA THR D 69 15.31 -44.83 40.51
C THR D 69 14.25 -45.33 39.52
N VAL D 70 14.69 -46.07 38.51
CA VAL D 70 13.83 -46.79 37.57
C VAL D 70 13.41 -48.17 38.05
N GLY D 71 13.53 -48.42 39.34
CA GLY D 71 12.95 -49.65 39.88
C GLY D 71 11.53 -49.36 40.30
N ASP D 72 11.27 -48.06 40.47
CA ASP D 72 9.93 -47.50 40.63
C ASP D 72 8.93 -48.01 39.59
N VAL D 73 9.26 -47.83 38.30
CA VAL D 73 8.32 -48.22 37.25
C VAL D 73 8.19 -49.73 37.10
N VAL D 74 9.24 -50.52 37.34
CA VAL D 74 9.12 -51.97 37.15
C VAL D 74 8.38 -52.57 38.34
N ALA D 75 8.94 -52.42 39.55
CA ALA D 75 8.40 -52.99 40.79
C ALA D 75 6.95 -52.63 41.11
N TYR D 76 6.37 -51.63 40.45
CA TYR D 76 4.96 -51.28 40.66
C TYR D 76 3.98 -51.88 39.66
N ILE D 77 4.35 -51.99 38.37
CA ILE D 77 3.51 -52.72 37.42
C ILE D 77 3.48 -54.22 37.70
N GLN D 78 4.52 -54.78 38.33
CA GLN D 78 4.50 -56.17 38.76
C GLN D 78 4.00 -56.37 40.20
N LYS D 79 3.19 -55.44 40.71
CA LYS D 79 2.59 -55.53 42.05
C LYS D 79 1.17 -54.93 41.93
N LEU D 80 0.26 -55.74 41.40
CA LEU D 80 -1.11 -55.30 41.14
C LEU D 80 -1.98 -55.46 42.38
CA CA E . -28.33 25.26 -4.82
C16 F8L F . 26.96 -22.40 -11.88
C17 F8L F . 27.29 -21.30 -10.82
C18 F8L F . 28.68 -21.25 -10.16
C19 F8L F . 26.35 -20.38 -10.50
C20 F8L F . 25.04 -20.62 -11.29
C21 F8L F . 23.82 -20.20 -10.41
C22 F8L F . 22.56 -20.08 -11.30
C23 F8L F . 21.51 -21.23 -11.33
C24 F8L F . 22.37 -18.97 -12.05
C25 F8L F . 23.53 -17.96 -11.86
C26 F8L F . 22.98 -16.50 -11.99
C27 F8L F . 24.16 -15.54 -12.32
C28 F8L F . 25.63 -15.98 -12.10
C29 F8L F . 23.91 -14.30 -12.81
C30 F8L F . 22.36 -14.06 -12.95
C31 F8L F . 22.11 -12.64 -13.57
C32 F8L F . 22.13 -11.58 -12.43
C33 F8L F . 20.80 -11.14 -11.76
C34 F8L F . 23.31 -11.02 -12.04
C35 F8L F . 23.09 -9.98 -10.90
C36 F8L F . 23.75 -8.63 -11.29
C37 F8L F . 24.41 -7.98 -10.03
C38 F8L F . 25.92 -8.16 -9.76
C39 F8L F . 23.64 -7.26 -9.18
C40 F8L F . 22.16 -7.22 -9.65
C41 F8L F . 21.22 -6.91 -8.43
C42 F8L F . 20.10 -7.99 -8.35
C43 F8L F . 20.32 -9.38 -8.97
C44 F8L F . 18.94 -7.71 -7.74
C45 F8L F . 18.93 -6.26 -7.18
C46 F8L F . 18.24 -5.31 -8.21
C47 F8L F . 16.72 -5.21 -7.87
C48 F8L F . 16.26 -5.23 -6.40
C49 F8L F . 15.82 -5.09 -8.86
C50 F8L F . 14.37 -5.01 -8.30
C55 F8L F . 10.38 -3.67 -10.58
C57 F8L F . 9.38 -2.82 -10.70
C59 F8L F . 8.39 -3.55 -11.77
C61 F8L F . 9.22 -4.05 -12.73
C62 F8L F . 9.32 -3.07 -13.91
O51 F8L F . 13.78 -3.78 -8.69
O53 F8L F . 11.52 -4.98 -8.28
O54 F8L F . 11.55 -3.09 -10.07
O56 F8L F . 10.60 -4.21 -12.07
O58 F8L F . 9.78 -1.53 -11.22
O60 F8L F . 7.68 -4.60 -11.14
O63 F8L F . 8.44 -3.51 -14.92
O64 F8L F . 11.77 -2.62 -7.53
P52 F8L F . 12.13 -3.63 -8.61
C15 F8L F . 26.56 -23.72 -11.13
C14 F8L F . 25.40 -23.42 -10.14
C12 F8L F . 24.77 -24.56 -9.78
C11 F8L F . 23.57 -24.50 -8.78
C10 F8L F . 23.57 -25.78 -7.89
C9 F8L F . 23.14 -27.01 -8.74
C7 F8L F . 23.91 -28.13 -8.75
C6 F8L F . 25.21 -28.17 -7.90
C5 F8L F . 26.34 -28.82 -8.74
C4 F8L F . 27.22 -27.70 -9.37
C3 F8L F . 28.45 -27.71 -8.84
C2 F8L F . 28.84 -28.73 -7.76
C13 F8L F . 25.23 -25.91 -10.36
C8 F8L F . 23.48 -29.34 -9.58
C1 F8L F . 29.49 -26.67 -9.33
#